data_2JUA
#
_entry.id   2JUA
#
_entity_poly.entity_id   1
_entity_poly.type   'polypeptide(L)'
_entity_poly.pdbx_seq_one_letter_code
;MYGKLNDLLEDLQEVLKHVNQHWQGGQKNMNKVDHHLQNVIEDIHDFMQGGGSGGKLQEMMKEFQQVLDEIKQQLQGGDN
SLHNVHENIKEIFHHLEELVHR
;
_entity_poly.pdbx_strand_id   A
#
# COMPACT_ATOMS: atom_id res chain seq x y z
N MET A 1 -4.55 10.01 -18.83
CA MET A 1 -4.93 8.82 -18.01
C MET A 1 -4.27 7.57 -18.59
N TYR A 2 -3.01 7.37 -18.31
CA TYR A 2 -2.30 6.17 -18.84
C TYR A 2 -3.03 4.91 -18.36
N GLY A 3 -2.98 4.62 -17.10
CA GLY A 3 -3.66 3.40 -16.57
C GLY A 3 -2.71 2.63 -15.66
N LYS A 4 -1.43 2.72 -15.90
CA LYS A 4 -0.46 2.00 -15.05
C LYS A 4 -0.93 2.00 -13.60
N LEU A 5 -1.54 3.07 -13.16
CA LEU A 5 -2.03 3.11 -11.75
C LEU A 5 -2.68 1.77 -11.42
N ASN A 6 -3.67 1.36 -12.18
CA ASN A 6 -4.31 0.06 -11.89
C ASN A 6 -3.21 -0.94 -11.53
N ASP A 7 -2.08 -0.83 -12.18
CA ASP A 7 -0.95 -1.75 -11.85
C ASP A 7 -0.53 -1.45 -10.41
N LEU A 8 -0.46 -0.20 -10.07
CA LEU A 8 -0.08 0.17 -8.67
C LEU A 8 -1.25 -0.16 -7.75
N LEU A 9 -2.43 0.25 -8.14
CA LEU A 9 -3.63 -0.02 -7.32
C LEU A 9 -3.82 -1.53 -7.15
N GLU A 10 -4.04 -2.22 -8.24
CA GLU A 10 -4.25 -3.70 -8.14
C GLU A 10 -3.06 -4.33 -7.40
N ASP A 11 -1.86 -3.96 -7.75
CA ASP A 11 -0.67 -4.56 -7.06
C ASP A 11 -0.67 -4.15 -5.59
N LEU A 12 -1.26 -3.04 -5.26
CA LEU A 12 -1.29 -2.59 -3.84
C LEU A 12 -2.36 -3.36 -3.07
N GLN A 13 -3.57 -3.36 -3.56
CA GLN A 13 -4.66 -4.08 -2.85
C GLN A 13 -4.31 -5.57 -2.76
N GLU A 14 -3.51 -6.07 -3.66
CA GLU A 14 -3.13 -7.51 -3.59
C GLU A 14 -2.26 -7.74 -2.37
N VAL A 15 -1.10 -7.13 -2.33
CA VAL A 15 -0.22 -7.31 -1.16
C VAL A 15 -1.06 -7.19 0.10
N LEU A 16 -2.09 -6.38 0.06
CA LEU A 16 -2.97 -6.22 1.24
C LEU A 16 -3.82 -7.49 1.39
N LYS A 17 -4.16 -8.11 0.29
CA LYS A 17 -4.96 -9.37 0.38
C LYS A 17 -4.05 -10.52 0.77
N HIS A 18 -2.90 -10.62 0.17
CA HIS A 18 -1.95 -11.72 0.51
C HIS A 18 -1.35 -11.43 1.89
N VAL A 19 -1.73 -10.34 2.50
CA VAL A 19 -1.17 -9.98 3.83
C VAL A 19 -2.22 -10.29 4.91
N ASN A 20 -3.46 -9.97 4.66
CA ASN A 20 -4.52 -10.24 5.67
C ASN A 20 -4.55 -11.73 5.98
N GLN A 21 -4.03 -12.55 5.11
CA GLN A 21 -4.03 -14.02 5.36
C GLN A 21 -2.73 -14.43 6.04
N HIS A 22 -1.72 -13.60 5.97
CA HIS A 22 -0.43 -13.94 6.61
C HIS A 22 -0.08 -12.89 7.66
N TRP A 23 -1.05 -12.36 8.34
CA TRP A 23 -0.77 -11.32 9.37
C TRP A 23 -0.38 -12.01 10.68
N GLN A 24 0.61 -11.48 11.34
CA GLN A 24 1.03 -12.10 12.63
C GLN A 24 1.66 -11.04 13.53
N GLY A 25 1.49 -11.16 14.82
CA GLY A 25 2.08 -10.16 15.74
C GLY A 25 1.06 -9.07 16.08
N GLY A 26 -0.20 -9.38 15.94
CA GLY A 26 -1.24 -8.35 16.25
C GLY A 26 -2.47 -8.58 15.38
N GLN A 27 -3.21 -9.63 15.62
CA GLN A 27 -4.41 -9.89 14.78
C GLN A 27 -5.36 -8.69 14.88
N LYS A 28 -5.00 -7.71 15.67
CA LYS A 28 -5.88 -6.51 15.81
C LYS A 28 -5.49 -5.47 14.75
N ASN A 29 -4.28 -5.54 14.26
CA ASN A 29 -3.85 -4.55 13.23
C ASN A 29 -4.45 -4.93 11.87
N MET A 30 -4.45 -6.19 11.55
CA MET A 30 -5.02 -6.62 10.24
C MET A 30 -6.25 -5.77 9.91
N ASN A 31 -6.95 -5.31 10.91
CA ASN A 31 -8.15 -4.46 10.64
C ASN A 31 -7.73 -2.99 10.60
N LYS A 32 -7.30 -2.45 11.71
CA LYS A 32 -6.88 -1.03 11.73
C LYS A 32 -6.05 -0.71 10.48
N VAL A 33 -5.26 -1.64 10.03
CA VAL A 33 -4.44 -1.40 8.81
C VAL A 33 -5.33 -1.45 7.58
N ASP A 34 -6.28 -2.35 7.55
CA ASP A 34 -7.18 -2.44 6.37
C ASP A 34 -7.79 -1.07 6.08
N HIS A 35 -7.96 -0.26 7.08
CA HIS A 35 -8.54 1.09 6.85
C HIS A 35 -7.43 2.04 6.37
N HIS A 36 -6.21 1.78 6.75
CA HIS A 36 -5.10 2.66 6.31
C HIS A 36 -4.92 2.57 4.79
N LEU A 37 -4.91 1.37 4.28
CA LEU A 37 -4.75 1.20 2.80
C LEU A 37 -6.06 1.52 2.10
N GLN A 38 -7.13 0.87 2.50
CA GLN A 38 -8.45 1.14 1.84
C GLN A 38 -8.54 2.62 1.50
N ASN A 39 -8.15 3.49 2.40
CA ASN A 39 -8.21 4.93 2.12
C ASN A 39 -7.17 5.28 1.05
N VAL A 40 -6.05 4.59 1.07
CA VAL A 40 -5.00 4.86 0.05
C VAL A 40 -5.41 4.24 -1.28
N ILE A 41 -5.55 2.94 -1.34
CA ILE A 41 -5.96 2.29 -2.62
C ILE A 41 -6.95 3.20 -3.34
N GLU A 42 -7.77 3.90 -2.62
CA GLU A 42 -8.76 4.82 -3.26
C GLU A 42 -8.01 6.00 -3.90
N ASP A 43 -6.97 6.47 -3.25
CA ASP A 43 -6.22 7.62 -3.82
C ASP A 43 -5.66 7.23 -5.18
N ILE A 44 -4.93 6.15 -5.25
CA ILE A 44 -4.36 5.71 -6.55
C ILE A 44 -5.48 5.67 -7.61
N HIS A 45 -6.54 4.98 -7.32
CA HIS A 45 -7.66 4.92 -8.29
C HIS A 45 -8.03 6.34 -8.69
N ASP A 46 -7.86 7.27 -7.79
CA ASP A 46 -8.20 8.68 -8.09
C ASP A 46 -7.00 9.37 -8.77
N PHE A 47 -5.94 8.66 -9.02
CA PHE A 47 -4.76 9.29 -9.67
C PHE A 47 -4.93 9.22 -11.19
N MET A 48 -5.67 8.26 -11.67
CA MET A 48 -5.89 8.14 -13.14
C MET A 48 -6.85 9.25 -13.60
N GLN A 49 -7.82 9.56 -12.78
CA GLN A 49 -8.80 10.63 -13.16
C GLN A 49 -8.02 11.84 -13.68
N GLY A 50 -7.30 12.50 -12.81
CA GLY A 50 -6.52 13.70 -13.25
C GLY A 50 -5.16 13.26 -13.77
N GLY A 51 -4.94 11.97 -13.88
CA GLY A 51 -3.64 11.48 -14.39
C GLY A 51 -2.51 12.37 -13.87
N GLY A 52 -2.64 12.86 -12.67
CA GLY A 52 -1.58 13.74 -12.10
C GLY A 52 -2.10 14.40 -10.82
N SER A 53 -2.42 13.63 -9.82
CA SER A 53 -2.92 14.23 -8.55
C SER A 53 -1.76 14.38 -7.57
N GLY A 54 -0.59 14.70 -8.06
CA GLY A 54 0.57 14.86 -7.14
C GLY A 54 0.12 15.62 -5.89
N GLY A 55 -1.02 16.25 -5.96
CA GLY A 55 -1.52 17.00 -4.77
C GLY A 55 -2.40 16.09 -3.92
N LYS A 56 -3.04 15.12 -4.53
CA LYS A 56 -3.90 14.19 -3.75
C LYS A 56 -3.10 12.97 -3.34
N LEU A 57 -2.00 12.71 -4.00
CA LEU A 57 -1.17 11.54 -3.64
C LEU A 57 -0.33 11.88 -2.42
N GLN A 58 0.49 12.89 -2.52
CA GLN A 58 1.33 13.27 -1.36
C GLN A 58 0.46 13.29 -0.10
N GLU A 59 -0.82 13.15 -0.25
CA GLU A 59 -1.72 13.15 0.94
C GLU A 59 -1.72 11.75 1.55
N MET A 60 -2.09 10.74 0.78
CA MET A 60 -2.09 9.37 1.33
C MET A 60 -0.65 8.91 1.56
N MET A 61 0.30 9.62 0.99
CA MET A 61 1.72 9.24 1.18
C MET A 61 1.95 8.92 2.66
N LYS A 62 1.56 9.82 3.53
CA LYS A 62 1.74 9.56 4.98
C LYS A 62 1.00 8.28 5.36
N GLU A 63 -0.25 8.17 4.97
CA GLU A 63 -1.01 6.94 5.28
C GLU A 63 -0.29 5.74 4.65
N PHE A 64 0.33 5.95 3.52
CA PHE A 64 1.06 4.84 2.86
C PHE A 64 2.25 4.44 3.74
N GLN A 65 3.08 5.40 4.08
CA GLN A 65 4.27 5.10 4.93
C GLN A 65 3.80 4.67 6.33
N GLN A 66 2.53 4.81 6.62
CA GLN A 66 2.03 4.40 7.96
C GLN A 66 1.85 2.89 7.97
N VAL A 67 1.59 2.32 6.83
CA VAL A 67 1.42 0.85 6.73
C VAL A 67 2.79 0.20 6.56
N LEU A 68 3.56 0.71 5.64
CA LEU A 68 4.92 0.15 5.39
C LEU A 68 5.64 -0.05 6.72
N ASP A 69 5.65 0.94 7.56
CA ASP A 69 6.35 0.81 8.87
C ASP A 69 5.49 0.01 9.84
N GLU A 70 4.26 -0.22 9.52
CA GLU A 70 3.37 -1.00 10.43
C GLU A 70 3.57 -2.50 10.19
N ILE A 71 3.16 -2.99 9.06
CA ILE A 71 3.32 -4.44 8.78
C ILE A 71 4.78 -4.83 9.01
N LYS A 72 5.69 -3.99 8.62
CA LYS A 72 7.14 -4.33 8.82
C LYS A 72 7.34 -4.78 10.27
N GLN A 73 6.64 -4.17 11.19
CA GLN A 73 6.79 -4.57 12.62
C GLN A 73 6.14 -5.93 12.83
N GLN A 74 5.15 -6.26 12.04
CA GLN A 74 4.47 -7.58 12.18
C GLN A 74 5.42 -8.69 11.75
N LEU A 75 6.42 -8.38 10.99
CA LEU A 75 7.37 -9.42 10.53
C LEU A 75 7.98 -10.12 11.74
N GLN A 76 7.66 -9.65 12.92
CA GLN A 76 8.23 -10.30 14.15
C GLN A 76 7.38 -11.53 14.51
N GLY A 77 7.67 -12.64 13.91
CA GLY A 77 6.89 -13.88 14.21
C GLY A 77 6.80 -14.75 12.97
N GLY A 78 5.91 -15.71 12.95
CA GLY A 78 5.79 -16.61 11.78
C GLY A 78 5.24 -15.80 10.58
N ASP A 79 5.54 -14.53 10.53
CA ASP A 79 5.05 -13.71 9.39
C ASP A 79 6.02 -13.81 8.23
N ASN A 80 6.82 -14.84 8.19
CA ASN A 80 7.79 -14.99 7.07
C ASN A 80 7.06 -14.84 5.74
N SER A 81 5.75 -14.79 5.78
CA SER A 81 4.97 -14.62 4.52
C SER A 81 4.98 -13.13 4.18
N LEU A 82 4.75 -12.30 5.15
CA LEU A 82 4.77 -10.84 4.89
C LEU A 82 6.14 -10.47 4.34
N HIS A 83 7.17 -11.07 4.87
CA HIS A 83 8.54 -10.78 4.36
C HIS A 83 8.49 -10.79 2.83
N ASN A 84 7.58 -11.53 2.27
CA ASN A 84 7.46 -11.58 0.79
C ASN A 84 6.47 -10.51 0.32
N VAL A 85 5.48 -10.23 1.12
CA VAL A 85 4.49 -9.19 0.72
C VAL A 85 4.95 -7.84 1.25
N HIS A 86 5.31 -7.77 2.50
CA HIS A 86 5.77 -6.49 3.08
C HIS A 86 6.87 -5.90 2.18
N GLU A 87 7.56 -6.73 1.45
CA GLU A 87 8.63 -6.23 0.55
C GLU A 87 8.00 -5.51 -0.63
N ASN A 88 6.77 -5.82 -0.94
CA ASN A 88 6.09 -5.16 -2.08
C ASN A 88 5.86 -3.68 -1.76
N ILE A 89 5.04 -3.39 -0.79
CA ILE A 89 4.77 -1.97 -0.42
C ILE A 89 6.05 -1.15 -0.61
N LYS A 90 7.15 -1.60 -0.08
CA LYS A 90 8.42 -0.84 -0.22
C LYS A 90 8.54 -0.32 -1.66
N GLU A 91 8.64 -1.20 -2.62
CA GLU A 91 8.75 -0.75 -4.04
C GLU A 91 7.39 -0.28 -4.54
N ILE A 92 6.36 -1.02 -4.24
CA ILE A 92 5.00 -0.63 -4.69
C ILE A 92 4.70 0.82 -4.25
N PHE A 93 4.76 1.07 -2.97
CA PHE A 93 4.48 2.44 -2.45
C PHE A 93 5.36 3.46 -3.17
N HIS A 94 6.64 3.24 -3.19
CA HIS A 94 7.54 4.22 -3.87
C HIS A 94 7.33 4.15 -5.38
N HIS A 95 6.54 3.21 -5.84
CA HIS A 95 6.30 3.09 -7.30
C HIS A 95 5.27 4.16 -7.72
N LEU A 96 4.34 4.47 -6.87
CA LEU A 96 3.33 5.50 -7.23
C LEU A 96 4.04 6.86 -7.32
N GLU A 97 4.64 7.30 -6.24
CA GLU A 97 5.34 8.61 -6.28
C GLU A 97 6.27 8.64 -7.49
N GLU A 98 6.45 7.51 -8.13
CA GLU A 98 7.33 7.46 -9.33
C GLU A 98 6.49 7.78 -10.56
N LEU A 99 5.25 7.37 -10.57
CA LEU A 99 4.38 7.66 -11.74
C LEU A 99 4.03 9.15 -11.73
N VAL A 100 4.41 9.85 -10.70
CA VAL A 100 4.10 11.30 -10.60
C VAL A 100 5.41 12.09 -10.65
N HIS A 101 6.49 11.49 -10.23
CA HIS A 101 7.79 12.21 -10.25
C HIS A 101 8.20 12.51 -11.68
N ARG A 102 7.27 12.47 -12.60
CA ARG A 102 7.61 12.76 -14.02
C ARG A 102 8.00 14.23 -14.17
N MET A 1 -5.96 7.56 -20.81
CA MET A 1 -5.01 7.85 -19.71
C MET A 1 -3.93 6.76 -19.68
N TYR A 2 -2.84 7.01 -19.01
CA TYR A 2 -1.76 5.99 -18.95
C TYR A 2 -2.37 4.62 -18.66
N GLY A 3 -2.93 4.45 -17.49
CA GLY A 3 -3.54 3.13 -17.14
C GLY A 3 -2.57 2.31 -16.30
N LYS A 4 -1.43 2.87 -15.98
CA LYS A 4 -0.44 2.13 -15.16
C LYS A 4 -0.91 2.10 -13.71
N LEU A 5 -1.47 3.17 -13.23
CA LEU A 5 -1.93 3.17 -11.81
C LEU A 5 -2.59 1.82 -11.54
N ASN A 6 -3.47 1.40 -12.39
CA ASN A 6 -4.13 0.08 -12.19
C ASN A 6 -3.06 -0.92 -11.76
N ASP A 7 -1.89 -0.84 -12.33
CA ASP A 7 -0.80 -1.77 -11.93
C ASP A 7 -0.45 -1.48 -10.47
N LEU A 8 -0.50 -0.23 -10.09
CA LEU A 8 -0.21 0.14 -8.68
C LEU A 8 -1.41 -0.23 -7.82
N LEU A 9 -2.58 0.10 -8.30
CA LEU A 9 -3.82 -0.20 -7.52
C LEU A 9 -3.95 -1.71 -7.30
N GLU A 10 -4.00 -2.48 -8.35
CA GLU A 10 -4.15 -3.96 -8.18
C GLU A 10 -2.96 -4.49 -7.36
N ASP A 11 -1.76 -4.22 -7.79
CA ASP A 11 -0.58 -4.72 -7.04
C ASP A 11 -0.67 -4.31 -5.57
N LEU A 12 -0.88 -3.06 -5.30
CA LEU A 12 -0.98 -2.60 -3.88
C LEU A 12 -2.09 -3.37 -3.18
N GLN A 13 -3.27 -3.37 -3.74
CA GLN A 13 -4.40 -4.10 -3.10
C GLN A 13 -4.06 -5.61 -3.04
N GLU A 14 -3.13 -6.04 -3.84
CA GLU A 14 -2.75 -7.49 -3.82
C GLU A 14 -1.89 -7.76 -2.59
N VAL A 15 -0.75 -7.13 -2.51
CA VAL A 15 0.12 -7.34 -1.32
C VAL A 15 -0.77 -7.32 -0.08
N LEU A 16 -1.85 -6.60 -0.14
CA LEU A 16 -2.78 -6.53 1.02
C LEU A 16 -3.68 -7.76 0.99
N LYS A 17 -3.94 -8.29 -0.18
CA LYS A 17 -4.80 -9.50 -0.28
C LYS A 17 -3.98 -10.73 0.10
N HIS A 18 -2.71 -10.72 -0.16
CA HIS A 18 -1.85 -11.88 0.19
C HIS A 18 -1.28 -11.68 1.59
N VAL A 19 -1.72 -10.66 2.27
CA VAL A 19 -1.22 -10.40 3.65
C VAL A 19 -2.36 -10.58 4.66
N ASN A 20 -3.50 -10.01 4.37
CA ASN A 20 -4.65 -10.13 5.31
C ASN A 20 -4.76 -11.57 5.82
N GLN A 21 -4.36 -12.53 5.05
CA GLN A 21 -4.46 -13.95 5.49
C GLN A 21 -3.14 -14.38 6.16
N HIS A 22 -2.04 -13.81 5.76
CA HIS A 22 -0.74 -14.21 6.37
C HIS A 22 -0.31 -13.14 7.37
N TRP A 23 -1.24 -12.44 7.95
CA TRP A 23 -0.87 -11.37 8.94
C TRP A 23 -0.65 -12.02 10.31
N GLN A 24 0.24 -11.47 11.08
CA GLN A 24 0.50 -12.03 12.44
C GLN A 24 0.98 -10.92 13.37
N GLY A 25 1.38 -11.26 14.56
CA GLY A 25 1.87 -10.23 15.51
C GLY A 25 0.71 -9.32 15.92
N GLY A 26 -0.37 -9.88 16.40
CA GLY A 26 -1.53 -9.05 16.82
C GLY A 26 -2.52 -8.93 15.66
N GLN A 27 -3.53 -9.75 15.66
CA GLN A 27 -4.53 -9.69 14.55
C GLN A 27 -5.47 -8.50 14.77
N LYS A 28 -5.10 -7.60 15.64
CA LYS A 28 -5.98 -6.41 15.89
C LYS A 28 -5.62 -5.31 14.90
N ASN A 29 -4.43 -5.33 14.36
CA ASN A 29 -4.02 -4.29 13.39
C ASN A 29 -4.64 -4.58 12.03
N MET A 30 -4.64 -5.83 11.62
CA MET A 30 -5.24 -6.19 10.30
C MET A 30 -6.47 -5.33 10.05
N ASN A 31 -7.18 -4.96 11.09
CA ASN A 31 -8.40 -4.13 10.90
C ASN A 31 -8.01 -2.65 10.89
N LYS A 32 -7.29 -2.21 11.88
CA LYS A 32 -6.88 -0.79 11.93
C LYS A 32 -6.07 -0.44 10.68
N VAL A 33 -5.28 -1.36 10.21
CA VAL A 33 -4.46 -1.10 8.99
C VAL A 33 -5.35 -1.26 7.76
N ASP A 34 -6.21 -2.24 7.74
CA ASP A 34 -7.10 -2.43 6.57
C ASP A 34 -7.67 -1.08 6.14
N HIS A 35 -7.95 -0.22 7.08
CA HIS A 35 -8.50 1.12 6.73
C HIS A 35 -7.37 2.02 6.24
N HIS A 36 -6.19 1.85 6.78
CA HIS A 36 -5.03 2.69 6.35
C HIS A 36 -4.85 2.56 4.83
N LEU A 37 -4.88 1.37 4.33
CA LEU A 37 -4.71 1.16 2.86
C LEU A 37 -6.02 1.47 2.13
N GLN A 38 -7.09 0.81 2.51
CA GLN A 38 -8.39 1.05 1.83
C GLN A 38 -8.48 2.51 1.38
N ASN A 39 -8.00 3.42 2.17
CA ASN A 39 -8.06 4.86 1.78
C ASN A 39 -6.99 5.13 0.72
N VAL A 40 -5.80 4.63 0.92
CA VAL A 40 -4.73 4.86 -0.08
C VAL A 40 -5.11 4.20 -1.41
N ILE A 41 -5.27 2.91 -1.43
CA ILE A 41 -5.66 2.23 -2.70
C ILE A 41 -6.81 3.01 -3.33
N GLU A 42 -7.44 3.86 -2.58
CA GLU A 42 -8.55 4.68 -3.14
C GLU A 42 -7.98 5.93 -3.79
N ASP A 43 -6.86 6.40 -3.31
CA ASP A 43 -6.25 7.61 -3.90
C ASP A 43 -5.54 7.23 -5.20
N ILE A 44 -5.41 5.96 -5.45
CA ILE A 44 -4.73 5.51 -6.70
C ILE A 44 -5.76 5.42 -7.83
N HIS A 45 -6.79 4.65 -7.64
CA HIS A 45 -7.83 4.55 -8.71
C HIS A 45 -8.27 5.96 -9.08
N ASP A 46 -8.19 6.86 -8.14
CA ASP A 46 -8.60 8.27 -8.41
C ASP A 46 -7.41 9.03 -9.01
N PHE A 47 -6.27 8.38 -9.13
CA PHE A 47 -5.09 9.06 -9.71
C PHE A 47 -5.21 9.06 -11.23
N MET A 48 -5.94 8.13 -11.77
CA MET A 48 -6.10 8.07 -13.25
C MET A 48 -7.22 9.03 -13.68
N GLN A 49 -7.84 9.67 -12.73
CA GLN A 49 -8.93 10.64 -13.07
C GLN A 49 -8.77 11.89 -12.23
N GLY A 50 -8.41 11.75 -10.98
CA GLY A 50 -8.23 12.93 -10.11
C GLY A 50 -7.14 13.83 -10.70
N GLY A 51 -6.62 13.45 -11.84
CA GLY A 51 -5.56 14.28 -12.48
C GLY A 51 -4.19 13.65 -12.20
N GLY A 52 -3.78 13.62 -10.95
CA GLY A 52 -2.46 13.03 -10.62
C GLY A 52 -1.64 14.06 -9.84
N SER A 53 -2.24 15.17 -9.52
CA SER A 53 -1.52 16.23 -8.77
C SER A 53 -0.52 15.59 -7.80
N GLY A 54 0.72 15.99 -7.86
CA GLY A 54 1.73 15.41 -6.94
C GLY A 54 1.30 15.67 -5.49
N GLY A 55 0.44 16.64 -5.29
CA GLY A 55 -0.03 16.94 -3.91
C GLY A 55 -1.08 15.90 -3.53
N LYS A 56 -1.62 15.21 -4.50
CA LYS A 56 -2.65 14.17 -4.20
C LYS A 56 -1.95 12.90 -3.74
N LEU A 57 -0.93 12.50 -4.44
CA LEU A 57 -0.19 11.27 -4.04
C LEU A 57 0.31 11.44 -2.61
N GLN A 58 1.03 12.50 -2.35
CA GLN A 58 1.56 12.74 -0.99
C GLN A 58 0.40 12.71 0.01
N GLU A 59 -0.82 12.79 -0.45
CA GLU A 59 -1.97 12.75 0.48
C GLU A 59 -2.14 11.33 1.00
N MET A 60 -1.97 10.36 0.15
CA MET A 60 -2.10 8.94 0.59
C MET A 60 -0.79 8.48 1.22
N MET A 61 0.32 9.01 0.76
CA MET A 61 1.63 8.60 1.35
C MET A 61 1.53 8.62 2.87
N LYS A 62 0.68 9.47 3.41
CA LYS A 62 0.52 9.52 4.88
C LYS A 62 0.15 8.13 5.37
N GLU A 63 -0.89 7.57 4.84
CA GLU A 63 -1.31 6.21 5.26
C GLU A 63 -0.39 5.18 4.62
N PHE A 64 -0.02 5.38 3.39
CA PHE A 64 0.89 4.43 2.69
C PHE A 64 2.14 4.19 3.55
N GLN A 65 2.89 5.23 3.81
CA GLN A 65 4.13 5.08 4.62
C GLN A 65 3.79 4.65 6.05
N GLN A 66 2.54 4.73 6.43
CA GLN A 66 2.17 4.30 7.81
C GLN A 66 2.08 2.78 7.84
N VAL A 67 1.55 2.21 6.80
CA VAL A 67 1.43 0.73 6.74
C VAL A 67 2.82 0.15 6.51
N LEU A 68 3.58 0.77 5.64
CA LEU A 68 4.95 0.29 5.34
C LEU A 68 5.71 0.05 6.65
N ASP A 69 5.70 1.00 7.54
CA ASP A 69 6.43 0.84 8.82
C ASP A 69 5.57 0.06 9.82
N GLU A 70 4.32 -0.20 9.49
CA GLU A 70 3.45 -0.95 10.43
C GLU A 70 3.69 -2.45 10.26
N ILE A 71 3.40 -2.99 9.10
CA ILE A 71 3.61 -4.45 8.91
C ILE A 71 5.07 -4.78 9.19
N LYS A 72 5.97 -3.94 8.79
CA LYS A 72 7.42 -4.21 9.04
C LYS A 72 7.60 -4.73 10.47
N GLN A 73 6.98 -4.11 11.43
CA GLN A 73 7.12 -4.58 12.84
C GLN A 73 6.48 -5.95 12.98
N GLN A 74 5.40 -6.18 12.27
CA GLN A 74 4.72 -7.51 12.37
C GLN A 74 5.71 -8.62 12.02
N LEU A 75 6.60 -8.37 11.10
CA LEU A 75 7.59 -9.41 10.71
C LEU A 75 8.24 -9.99 11.96
N GLN A 76 8.28 -9.24 13.02
CA GLN A 76 8.91 -9.75 14.28
C GLN A 76 8.05 -10.87 14.85
N GLY A 77 7.14 -11.39 14.07
CA GLY A 77 6.26 -12.49 14.58
C GLY A 77 6.43 -13.73 13.69
N GLY A 78 5.34 -14.38 13.36
CA GLY A 78 5.44 -15.59 12.50
C GLY A 78 4.88 -15.28 11.11
N ASP A 79 4.89 -14.03 10.73
CA ASP A 79 4.35 -13.65 9.39
C ASP A 79 5.49 -13.69 8.35
N ASN A 80 6.32 -14.70 8.41
CA ASN A 80 7.44 -14.79 7.43
C ASN A 80 6.88 -14.66 6.01
N SER A 81 5.59 -14.68 5.87
CA SER A 81 4.99 -14.54 4.51
C SER A 81 5.05 -13.06 4.14
N LEU A 82 4.81 -12.21 5.10
CA LEU A 82 4.88 -10.76 4.83
C LEU A 82 6.28 -10.44 4.33
N HIS A 83 7.27 -11.05 4.93
CA HIS A 83 8.67 -10.81 4.49
C HIS A 83 8.68 -10.85 2.96
N ASN A 84 7.79 -11.61 2.38
CA ASN A 84 7.74 -11.70 0.89
C ASN A 84 6.71 -10.68 0.36
N VAL A 85 5.67 -10.45 1.10
CA VAL A 85 4.65 -9.48 0.63
C VAL A 85 5.00 -8.09 1.17
N HIS A 86 5.29 -7.98 2.43
CA HIS A 86 5.65 -6.66 3.02
C HIS A 86 6.77 -6.04 2.19
N GLU A 87 7.45 -6.84 1.41
CA GLU A 87 8.55 -6.30 0.56
C GLU A 87 7.95 -5.60 -0.66
N ASN A 88 6.66 -5.70 -0.83
CA ASN A 88 6.00 -5.06 -2.00
C ASN A 88 5.80 -3.58 -1.72
N ILE A 89 5.03 -3.24 -0.71
CA ILE A 89 4.81 -1.80 -0.40
C ILE A 89 6.13 -1.04 -0.62
N LYS A 90 7.21 -1.55 -0.08
CA LYS A 90 8.51 -0.84 -0.27
C LYS A 90 8.62 -0.35 -1.71
N GLU A 91 8.72 -1.25 -2.66
CA GLU A 91 8.83 -0.82 -4.08
C GLU A 91 7.47 -0.30 -4.56
N ILE A 92 6.42 -1.02 -4.27
CA ILE A 92 5.06 -0.57 -4.71
C ILE A 92 4.85 0.88 -4.26
N PHE A 93 4.88 1.13 -2.99
CA PHE A 93 4.68 2.51 -2.48
C PHE A 93 5.61 3.48 -3.23
N HIS A 94 6.87 3.16 -3.30
CA HIS A 94 7.82 4.07 -4.02
C HIS A 94 7.55 4.00 -5.52
N HIS A 95 6.64 3.16 -5.93
CA HIS A 95 6.33 3.06 -7.39
C HIS A 95 5.37 4.18 -7.78
N LEU A 96 4.43 4.49 -6.94
CA LEU A 96 3.48 5.59 -7.27
C LEU A 96 4.25 6.90 -7.37
N GLU A 97 4.98 7.26 -6.35
CA GLU A 97 5.77 8.52 -6.43
C GLU A 97 6.56 8.52 -7.74
N GLU A 98 6.53 7.42 -8.45
CA GLU A 98 7.27 7.35 -9.74
C GLU A 98 6.34 7.78 -10.87
N LEU A 99 5.08 7.47 -10.80
CA LEU A 99 4.15 7.87 -11.88
C LEU A 99 3.84 9.37 -11.73
N VAL A 100 4.43 10.00 -10.77
CA VAL A 100 4.17 11.45 -10.55
C VAL A 100 5.50 12.22 -10.61
N HIS A 101 6.59 11.57 -10.31
CA HIS A 101 7.91 12.25 -10.34
C HIS A 101 8.08 12.97 -11.68
N ARG A 102 7.24 12.70 -12.63
CA ARG A 102 7.36 13.37 -13.95
C ARG A 102 6.19 14.32 -14.16
N MET A 1 -6.14 7.72 -19.98
CA MET A 1 -4.92 7.96 -19.18
C MET A 1 -4.03 6.71 -19.22
N TYR A 2 -2.78 6.86 -18.85
CA TYR A 2 -1.86 5.68 -18.87
C TYR A 2 -2.62 4.44 -18.42
N GLY A 3 -3.01 4.39 -17.17
CA GLY A 3 -3.76 3.20 -16.66
C GLY A 3 -2.83 2.35 -15.79
N LYS A 4 -1.56 2.65 -15.79
CA LYS A 4 -0.60 1.86 -14.97
C LYS A 4 -1.05 1.86 -13.51
N LEU A 5 -1.64 2.94 -13.04
CA LEU A 5 -2.08 2.96 -11.62
C LEU A 5 -2.68 1.60 -11.30
N ASN A 6 -3.65 1.17 -12.06
CA ASN A 6 -4.25 -0.17 -11.79
C ASN A 6 -3.11 -1.15 -11.45
N ASP A 7 -1.99 -1.02 -12.11
CA ASP A 7 -0.85 -1.92 -11.79
C ASP A 7 -0.41 -1.63 -10.36
N LEU A 8 -0.43 -0.38 -10.00
CA LEU A 8 -0.04 0.01 -8.61
C LEU A 8 -1.23 -0.27 -7.70
N LEU A 9 -2.38 0.20 -8.10
CA LEU A 9 -3.62 -0.01 -7.30
C LEU A 9 -3.92 -1.50 -7.20
N GLU A 10 -4.17 -2.13 -8.31
CA GLU A 10 -4.49 -3.59 -8.28
C GLU A 10 -3.45 -4.35 -7.46
N ASP A 11 -2.19 -4.11 -7.72
CA ASP A 11 -1.13 -4.82 -6.94
C ASP A 11 -1.17 -4.38 -5.48
N LEU A 12 -1.24 -3.10 -5.23
CA LEU A 12 -1.27 -2.61 -3.83
C LEU A 12 -2.48 -3.22 -3.10
N GLN A 13 -3.64 -3.20 -3.71
CA GLN A 13 -4.84 -3.76 -3.03
C GLN A 13 -4.77 -5.29 -3.03
N GLU A 14 -3.84 -5.86 -3.75
CA GLU A 14 -3.72 -7.34 -3.78
C GLU A 14 -2.83 -7.79 -2.63
N VAL A 15 -1.63 -7.28 -2.54
CA VAL A 15 -0.74 -7.69 -1.43
C VAL A 15 -1.57 -7.68 -0.15
N LEU A 16 -2.33 -6.64 0.08
CA LEU A 16 -3.16 -6.59 1.30
C LEU A 16 -4.03 -7.85 1.34
N LYS A 17 -4.38 -8.37 0.19
CA LYS A 17 -5.22 -9.61 0.17
C LYS A 17 -4.35 -10.80 0.58
N HIS A 18 -3.07 -10.70 0.37
CA HIS A 18 -2.16 -11.81 0.75
C HIS A 18 -1.42 -11.42 2.03
N VAL A 19 -1.65 -10.22 2.49
CA VAL A 19 -0.97 -9.75 3.73
C VAL A 19 -1.90 -9.99 4.93
N ASN A 20 -3.16 -10.21 4.68
CA ASN A 20 -4.11 -10.45 5.81
C ASN A 20 -4.14 -11.95 6.13
N GLN A 21 -3.92 -12.78 5.16
CA GLN A 21 -3.95 -14.25 5.40
C GLN A 21 -2.66 -14.67 6.12
N HIS A 22 -1.59 -13.95 5.92
CA HIS A 22 -0.32 -14.32 6.60
C HIS A 22 0.02 -13.27 7.66
N TRP A 23 -0.96 -12.59 8.17
CA TRP A 23 -0.71 -11.56 9.22
C TRP A 23 -0.38 -12.26 10.54
N GLN A 24 0.56 -11.73 11.27
CA GLN A 24 0.92 -12.35 12.57
C GLN A 24 1.46 -11.28 13.52
N GLY A 25 1.31 -11.48 14.80
CA GLY A 25 1.82 -10.47 15.78
C GLY A 25 0.69 -9.50 16.13
N GLY A 26 -0.52 -9.99 16.24
CA GLY A 26 -1.66 -9.09 16.58
C GLY A 26 -2.72 -9.16 15.47
N GLN A 27 -3.63 -10.09 15.57
CA GLN A 27 -4.70 -10.21 14.53
C GLN A 27 -5.64 -9.02 14.62
N LYS A 28 -5.33 -8.06 15.46
CA LYS A 28 -6.20 -6.86 15.59
C LYS A 28 -5.80 -5.82 14.56
N ASN A 29 -4.55 -5.79 14.19
CA ASN A 29 -4.08 -4.79 13.19
C ASN A 29 -4.61 -5.19 11.81
N MET A 30 -4.53 -6.44 11.47
CA MET A 30 -5.02 -6.89 10.14
C MET A 30 -6.37 -6.21 9.84
N ASN A 31 -6.96 -5.60 10.83
CA ASN A 31 -8.27 -4.91 10.61
C ASN A 31 -8.03 -3.41 10.56
N LYS A 32 -7.23 -2.89 11.43
CA LYS A 32 -6.95 -1.43 11.43
C LYS A 32 -6.07 -1.09 10.22
N VAL A 33 -5.22 -2.00 9.83
CA VAL A 33 -4.32 -1.74 8.67
C VAL A 33 -5.13 -1.81 7.38
N ASP A 34 -5.88 -2.87 7.19
CA ASP A 34 -6.68 -3.00 5.95
C ASP A 34 -7.41 -1.68 5.69
N HIS A 35 -7.71 -0.95 6.73
CA HIS A 35 -8.41 0.35 6.55
C HIS A 35 -7.38 1.43 6.15
N HIS A 36 -6.20 1.34 6.70
CA HIS A 36 -5.16 2.35 6.35
C HIS A 36 -4.89 2.31 4.85
N LEU A 37 -4.91 1.15 4.26
CA LEU A 37 -4.68 1.04 2.79
C LEU A 37 -5.92 1.53 2.05
N GLN A 38 -7.04 0.91 2.28
CA GLN A 38 -8.28 1.35 1.58
C GLN A 38 -8.27 2.87 1.43
N ASN A 39 -7.75 3.56 2.42
CA ASN A 39 -7.69 5.05 2.34
C ASN A 39 -6.67 5.44 1.27
N VAL A 40 -5.61 4.70 1.15
CA VAL A 40 -4.59 5.01 0.12
C VAL A 40 -5.04 4.47 -1.24
N ILE A 41 -5.23 3.18 -1.32
CA ILE A 41 -5.68 2.58 -2.61
C ILE A 41 -6.63 3.53 -3.32
N GLU A 42 -7.51 4.16 -2.60
CA GLU A 42 -8.46 5.12 -3.24
C GLU A 42 -7.70 6.33 -3.75
N ASP A 43 -6.66 6.73 -3.06
CA ASP A 43 -5.87 7.90 -3.52
C ASP A 43 -5.26 7.59 -4.89
N ILE A 44 -5.03 6.34 -5.16
CA ILE A 44 -4.44 5.96 -6.49
C ILE A 44 -5.55 5.98 -7.53
N HIS A 45 -6.65 5.34 -7.26
CA HIS A 45 -7.77 5.33 -8.24
C HIS A 45 -8.08 6.77 -8.64
N ASP A 46 -7.84 7.70 -7.75
CA ASP A 46 -8.11 9.12 -8.08
C ASP A 46 -6.94 9.69 -8.89
N PHE A 47 -5.86 8.96 -8.95
CA PHE A 47 -4.69 9.46 -9.73
C PHE A 47 -4.95 9.22 -11.22
N MET A 48 -5.85 8.33 -11.53
CA MET A 48 -6.16 8.06 -12.96
C MET A 48 -7.01 9.20 -13.51
N GLN A 49 -8.00 9.62 -12.76
CA GLN A 49 -8.87 10.73 -13.24
C GLN A 49 -8.27 12.07 -12.79
N GLY A 50 -7.62 12.08 -11.66
CA GLY A 50 -7.01 13.35 -11.18
C GLY A 50 -6.14 13.94 -12.29
N GLY A 51 -6.03 13.26 -13.39
CA GLY A 51 -5.20 13.77 -14.52
C GLY A 51 -3.73 13.70 -14.14
N GLY A 52 -3.38 14.10 -12.95
CA GLY A 52 -1.96 14.06 -12.53
C GLY A 52 -1.77 14.99 -11.34
N SER A 53 -2.46 14.75 -10.26
CA SER A 53 -2.34 15.63 -9.07
C SER A 53 -1.24 15.10 -8.16
N GLY A 54 0.00 15.25 -8.54
CA GLY A 54 1.11 14.76 -7.68
C GLY A 54 0.96 15.34 -6.28
N GLY A 55 0.07 16.28 -6.11
CA GLY A 55 -0.14 16.88 -4.76
C GLY A 55 -1.10 16.00 -3.97
N LYS A 56 -1.97 15.31 -4.64
CA LYS A 56 -2.92 14.42 -3.92
C LYS A 56 -2.18 13.20 -3.42
N LEU A 57 -1.28 12.67 -4.21
CA LEU A 57 -0.51 11.47 -3.77
C LEU A 57 0.22 11.80 -2.47
N GLN A 58 1.14 12.73 -2.52
CA GLN A 58 1.89 13.09 -1.29
C GLN A 58 0.91 13.19 -0.12
N GLU A 59 -0.36 13.18 -0.40
CA GLU A 59 -1.37 13.26 0.68
C GLU A 59 -1.48 11.88 1.35
N MET A 60 -1.79 10.87 0.58
CA MET A 60 -1.89 9.50 1.16
C MET A 60 -0.49 9.04 1.56
N MET A 61 0.52 9.67 1.02
CA MET A 61 1.91 9.28 1.35
C MET A 61 2.03 9.12 2.87
N LYS A 62 1.40 9.98 3.61
CA LYS A 62 1.47 9.87 5.10
C LYS A 62 0.78 8.57 5.52
N GLU A 63 -0.27 8.21 4.84
CA GLU A 63 -0.98 6.95 5.17
C GLU A 63 -0.17 5.77 4.63
N PHE A 64 0.25 5.83 3.40
CA PHE A 64 1.06 4.71 2.84
C PHE A 64 2.25 4.46 3.77
N GLN A 65 2.80 5.51 4.33
CA GLN A 65 3.97 5.35 5.25
C GLN A 65 3.50 4.82 6.61
N GLN A 66 2.21 4.74 6.82
CA GLN A 66 1.71 4.23 8.13
C GLN A 66 1.62 2.71 8.06
N VAL A 67 1.21 2.18 6.94
CA VAL A 67 1.13 0.71 6.81
C VAL A 67 2.55 0.15 6.76
N LEU A 68 3.41 0.82 6.04
CA LEU A 68 4.82 0.36 5.94
C LEU A 68 5.38 0.13 7.34
N ASP A 69 5.25 1.09 8.21
CA ASP A 69 5.79 0.95 9.59
C ASP A 69 4.89 0.06 10.44
N GLU A 70 3.69 -0.21 9.99
CA GLU A 70 2.78 -1.08 10.79
C GLU A 70 3.13 -2.55 10.56
N ILE A 71 3.23 -2.96 9.33
CA ILE A 71 3.56 -4.39 9.06
C ILE A 71 5.06 -4.62 9.34
N LYS A 72 5.88 -3.68 8.98
CA LYS A 72 7.34 -3.84 9.24
C LYS A 72 7.53 -4.45 10.64
N GLN A 73 6.62 -4.19 11.54
CA GLN A 73 6.75 -4.75 12.91
C GLN A 73 6.19 -6.18 12.93
N GLN A 74 5.02 -6.37 12.41
CA GLN A 74 4.41 -7.74 12.40
C GLN A 74 5.45 -8.75 11.92
N LEU A 75 6.46 -8.31 11.22
CA LEU A 75 7.50 -9.27 10.73
C LEU A 75 8.22 -9.90 11.92
N GLN A 76 7.80 -9.57 13.12
CA GLN A 76 8.47 -10.15 14.32
C GLN A 76 7.98 -11.59 14.53
N GLY A 77 6.75 -11.86 14.22
CA GLY A 77 6.22 -13.24 14.39
C GLY A 77 6.69 -14.12 13.24
N GLY A 78 6.00 -15.21 12.99
CA GLY A 78 6.40 -16.10 11.87
C GLY A 78 5.81 -15.57 10.56
N ASP A 79 5.57 -14.30 10.48
CA ASP A 79 5.00 -13.72 9.23
C ASP A 79 6.04 -13.76 8.12
N ASN A 80 6.85 -14.79 8.09
CA ASN A 80 7.89 -14.89 7.03
C ASN A 80 7.23 -14.70 5.66
N SER A 81 5.93 -14.56 5.63
CA SER A 81 5.24 -14.35 4.33
C SER A 81 5.24 -12.86 4.04
N LEU A 82 4.91 -12.06 5.01
CA LEU A 82 4.92 -10.59 4.81
C LEU A 82 6.31 -10.18 4.36
N HIS A 83 7.31 -10.84 4.88
CA HIS A 83 8.70 -10.51 4.48
C HIS A 83 8.74 -10.38 2.97
N ASN A 84 7.88 -11.09 2.28
CA ASN A 84 7.83 -11.00 0.81
C ASN A 84 6.73 -10.02 0.40
N VAL A 85 5.65 -10.01 1.13
CA VAL A 85 4.54 -9.06 0.79
C VAL A 85 4.87 -7.69 1.36
N HIS A 86 5.19 -7.63 2.62
CA HIS A 86 5.52 -6.32 3.24
C HIS A 86 6.65 -5.68 2.43
N GLU A 87 7.51 -6.48 1.86
CA GLU A 87 8.63 -5.91 1.06
C GLU A 87 8.04 -5.26 -0.20
N ASN A 88 6.90 -5.71 -0.64
CA ASN A 88 6.29 -5.11 -1.85
C ASN A 88 5.74 -3.73 -1.51
N ILE A 89 4.98 -3.62 -0.45
CA ILE A 89 4.43 -2.29 -0.06
C ILE A 89 5.56 -1.26 -0.08
N LYS A 90 6.78 -1.69 0.13
CA LYS A 90 7.92 -0.73 0.11
C LYS A 90 8.19 -0.33 -1.33
N GLU A 91 8.46 -1.28 -2.20
CA GLU A 91 8.73 -0.94 -3.61
C GLU A 91 7.45 -0.38 -4.24
N ILE A 92 6.32 -0.96 -3.93
CA ILE A 92 5.04 -0.46 -4.49
C ILE A 92 4.89 1.02 -4.13
N PHE A 93 5.54 1.45 -3.09
CA PHE A 93 5.45 2.88 -2.68
C PHE A 93 6.20 3.73 -3.71
N HIS A 94 7.48 3.53 -3.83
CA HIS A 94 8.27 4.32 -4.81
C HIS A 94 7.79 3.99 -6.21
N HIS A 95 6.78 3.18 -6.32
CA HIS A 95 6.24 2.84 -7.67
C HIS A 95 5.17 3.85 -8.03
N LEU A 96 4.47 4.36 -7.05
CA LEU A 96 3.43 5.37 -7.33
C LEU A 96 4.12 6.73 -7.48
N GLU A 97 4.87 7.14 -6.49
CA GLU A 97 5.57 8.44 -6.58
C GLU A 97 6.34 8.51 -7.90
N GLU A 98 6.40 7.41 -8.61
CA GLU A 98 7.11 7.41 -9.92
C GLU A 98 6.14 7.81 -11.01
N LEU A 99 4.97 7.25 -11.01
CA LEU A 99 3.97 7.60 -12.05
C LEU A 99 3.64 9.09 -11.93
N VAL A 100 4.15 9.73 -10.91
CA VAL A 100 3.87 11.18 -10.72
C VAL A 100 5.18 11.97 -10.87
N HIS A 101 6.28 11.38 -10.47
CA HIS A 101 7.58 12.09 -10.59
C HIS A 101 7.71 12.68 -11.99
N ARG A 102 6.90 12.25 -12.91
CA ARG A 102 6.99 12.79 -14.30
C ARG A 102 6.18 14.10 -14.38
N MET A 1 -5.80 9.27 -19.51
CA MET A 1 -5.73 8.29 -18.38
C MET A 1 -4.81 7.13 -18.77
N TYR A 2 -3.54 7.25 -18.50
CA TYR A 2 -2.59 6.16 -18.86
C TYR A 2 -3.16 4.81 -18.40
N GLY A 3 -3.20 4.58 -17.12
CA GLY A 3 -3.74 3.28 -16.60
C GLY A 3 -2.67 2.59 -15.77
N LYS A 4 -1.41 2.88 -16.03
CA LYS A 4 -0.33 2.21 -15.26
C LYS A 4 -0.72 2.11 -13.78
N LEU A 5 -1.29 3.14 -13.22
CA LEU A 5 -1.68 3.06 -11.79
C LEU A 5 -2.29 1.69 -11.55
N ASN A 6 -3.29 1.33 -12.32
CA ASN A 6 -3.92 -0.01 -12.14
C ASN A 6 -2.81 -1.00 -11.77
N ASP A 7 -1.65 -0.85 -12.36
CA ASP A 7 -0.53 -1.77 -12.02
C ASP A 7 -0.11 -1.50 -10.59
N LEU A 8 -0.02 -0.25 -10.23
CA LEU A 8 0.36 0.11 -8.83
C LEU A 8 -0.83 -0.22 -7.92
N LEU A 9 -2.00 0.14 -8.36
CA LEU A 9 -3.22 -0.11 -7.56
C LEU A 9 -3.45 -1.62 -7.41
N GLU A 10 -3.71 -2.30 -8.48
CA GLU A 10 -3.96 -3.77 -8.40
C GLU A 10 -2.84 -4.43 -7.58
N ASP A 11 -1.62 -4.26 -7.98
CA ASP A 11 -0.49 -4.89 -7.23
C ASP A 11 -0.54 -4.44 -5.76
N LEU A 12 -0.69 -3.16 -5.52
CA LEU A 12 -0.75 -2.68 -4.12
C LEU A 12 -1.88 -3.37 -3.37
N GLN A 13 -3.09 -3.28 -3.87
CA GLN A 13 -4.23 -3.94 -3.18
C GLN A 13 -4.05 -5.45 -3.20
N GLU A 14 -3.11 -5.94 -3.98
CA GLU A 14 -2.88 -7.40 -4.03
C GLU A 14 -1.96 -7.79 -2.88
N VAL A 15 -0.77 -7.26 -2.84
CA VAL A 15 0.14 -7.61 -1.72
C VAL A 15 -0.68 -7.54 -0.43
N LEU A 16 -1.65 -6.68 -0.41
CA LEU A 16 -2.53 -6.56 0.79
C LEU A 16 -3.36 -7.83 0.91
N LYS A 17 -3.73 -8.41 -0.21
CA LYS A 17 -4.53 -9.67 -0.16
C LYS A 17 -3.65 -10.81 0.34
N HIS A 18 -2.49 -10.95 -0.23
CA HIS A 18 -1.58 -12.05 0.21
C HIS A 18 -1.08 -11.74 1.63
N VAL A 19 -1.64 -10.75 2.25
CA VAL A 19 -1.21 -10.38 3.62
C VAL A 19 -2.41 -10.43 4.57
N ASN A 20 -3.60 -10.25 4.04
CA ASN A 20 -4.80 -10.29 4.91
C ASN A 20 -4.78 -11.56 5.76
N GLN A 21 -4.38 -12.66 5.18
CA GLN A 21 -4.34 -13.94 5.97
C GLN A 21 -2.94 -14.16 6.54
N HIS A 22 -1.92 -13.97 5.75
CA HIS A 22 -0.53 -14.18 6.25
C HIS A 22 -0.22 -13.17 7.37
N TRP A 23 -1.20 -12.42 7.79
CA TRP A 23 -0.94 -11.43 8.88
C TRP A 23 -0.74 -12.18 10.19
N GLN A 24 0.03 -11.62 11.09
CA GLN A 24 0.26 -12.30 12.39
C GLN A 24 0.56 -11.26 13.47
N GLY A 25 1.45 -11.57 14.37
CA GLY A 25 1.78 -10.59 15.46
C GLY A 25 0.49 -10.12 16.13
N GLY A 26 -0.15 -9.12 15.57
CA GLY A 26 -1.41 -8.61 16.18
C GLY A 26 -2.56 -8.79 15.18
N GLN A 27 -3.49 -9.65 15.48
CA GLN A 27 -4.62 -9.87 14.55
C GLN A 27 -5.56 -8.66 14.59
N LYS A 28 -5.29 -7.72 15.46
CA LYS A 28 -6.16 -6.52 15.55
C LYS A 28 -5.71 -5.49 14.51
N ASN A 29 -4.42 -5.35 14.34
CA ASN A 29 -3.91 -4.37 13.35
C ASN A 29 -4.49 -4.70 11.97
N MET A 30 -4.73 -5.95 11.70
CA MET A 30 -5.31 -6.34 10.38
C MET A 30 -6.48 -5.42 10.06
N ASN A 31 -7.17 -4.94 11.07
CA ASN A 31 -8.33 -4.03 10.81
C ASN A 31 -7.86 -2.58 10.90
N LYS A 32 -7.08 -2.27 11.90
CA LYS A 32 -6.59 -0.86 12.04
C LYS A 32 -5.68 -0.52 10.86
N VAL A 33 -5.14 -1.52 10.22
CA VAL A 33 -4.24 -1.25 9.06
C VAL A 33 -5.08 -1.24 7.78
N ASP A 34 -5.98 -2.17 7.64
CA ASP A 34 -6.83 -2.22 6.42
C ASP A 34 -7.42 -0.83 6.16
N HIS A 35 -7.83 -0.16 7.19
CA HIS A 35 -8.41 1.20 7.00
C HIS A 35 -7.35 2.14 6.43
N HIS A 36 -6.14 2.04 6.92
CA HIS A 36 -5.05 2.93 6.41
C HIS A 36 -4.89 2.71 4.91
N LEU A 37 -4.66 1.50 4.48
CA LEU A 37 -4.47 1.25 3.03
C LEU A 37 -5.79 1.53 2.29
N GLN A 38 -6.85 0.87 2.66
CA GLN A 38 -8.15 1.10 1.97
C GLN A 38 -8.26 2.59 1.61
N ASN A 39 -7.68 3.44 2.40
CA ASN A 39 -7.75 4.90 2.10
C ASN A 39 -6.70 5.25 1.05
N VAL A 40 -5.55 4.63 1.11
CA VAL A 40 -4.49 4.93 0.11
C VAL A 40 -4.90 4.35 -1.25
N ILE A 41 -4.96 3.05 -1.34
CA ILE A 41 -5.35 2.43 -2.64
C ILE A 41 -6.41 3.30 -3.32
N GLU A 42 -7.33 3.83 -2.55
CA GLU A 42 -8.38 4.70 -3.15
C GLU A 42 -7.73 5.95 -3.73
N ASP A 43 -6.71 6.45 -3.09
CA ASP A 43 -6.03 7.66 -3.61
C ASP A 43 -5.48 7.37 -5.00
N ILE A 44 -4.87 6.23 -5.17
CA ILE A 44 -4.31 5.87 -6.51
C ILE A 44 -5.45 5.84 -7.53
N HIS A 45 -6.50 5.14 -7.24
CA HIS A 45 -7.64 5.06 -8.20
C HIS A 45 -8.03 6.48 -8.60
N ASP A 46 -7.80 7.44 -7.73
CA ASP A 46 -8.14 8.84 -8.05
C ASP A 46 -6.99 9.48 -8.81
N PHE A 47 -5.88 8.79 -8.91
CA PHE A 47 -4.72 9.37 -9.65
C PHE A 47 -4.93 9.16 -11.15
N MET A 48 -5.78 8.24 -11.52
CA MET A 48 -6.03 7.99 -12.95
C MET A 48 -7.02 9.04 -13.46
N GLN A 49 -8.11 9.22 -12.77
CA GLN A 49 -9.11 10.23 -13.21
C GLN A 49 -8.67 11.62 -12.76
N GLY A 50 -8.09 11.72 -11.59
CA GLY A 50 -7.63 13.04 -11.11
C GLY A 50 -6.82 13.73 -12.20
N GLY A 51 -6.57 13.05 -13.28
CA GLY A 51 -5.79 13.66 -14.40
C GLY A 51 -4.36 13.91 -13.93
N GLY A 52 -4.17 14.17 -12.66
CA GLY A 52 -2.80 14.44 -12.15
C GLY A 52 -2.90 15.18 -10.82
N SER A 53 -3.53 14.59 -9.85
CA SER A 53 -3.68 15.26 -8.54
C SER A 53 -2.40 15.09 -7.73
N GLY A 54 -1.26 15.36 -8.32
CA GLY A 54 0.02 15.22 -7.58
C GLY A 54 -0.15 15.85 -6.20
N GLY A 55 -1.22 16.55 -5.97
CA GLY A 55 -1.44 17.19 -4.65
C GLY A 55 -2.22 16.24 -3.75
N LYS A 56 -3.04 15.40 -4.31
CA LYS A 56 -3.82 14.44 -3.47
C LYS A 56 -3.00 13.17 -3.26
N LEU A 57 -2.12 12.87 -4.17
CA LEU A 57 -1.30 11.64 -4.01
C LEU A 57 -0.29 11.87 -2.89
N GLN A 58 0.59 12.81 -3.05
CA GLN A 58 1.60 13.06 -1.98
C GLN A 58 0.88 13.16 -0.63
N GLU A 59 -0.43 13.12 -0.65
CA GLU A 59 -1.19 13.20 0.63
C GLU A 59 -1.19 11.81 1.28
N MET A 60 -1.54 10.79 0.53
CA MET A 60 -1.55 9.41 1.12
C MET A 60 -0.10 8.97 1.31
N MET A 61 0.81 9.55 0.57
CA MET A 61 2.23 9.16 0.72
C MET A 61 2.52 8.95 2.21
N LYS A 62 1.97 9.80 3.04
CA LYS A 62 2.18 9.64 4.50
C LYS A 62 1.52 8.34 4.95
N GLU A 63 0.23 8.19 4.71
CA GLU A 63 -0.45 6.94 5.11
C GLU A 63 0.33 5.74 4.58
N PHE A 64 0.61 5.73 3.30
CA PHE A 64 1.39 4.60 2.73
C PHE A 64 2.56 4.27 3.67
N GLN A 65 3.30 5.26 4.07
CA GLN A 65 4.47 5.01 4.98
C GLN A 65 3.97 4.72 6.39
N GLN A 66 2.70 4.92 6.66
CA GLN A 66 2.18 4.64 8.04
C GLN A 66 1.92 3.15 8.17
N VAL A 67 1.60 2.52 7.08
CA VAL A 67 1.34 1.05 7.12
C VAL A 67 2.68 0.32 7.04
N LEU A 68 3.48 0.67 6.07
CA LEU A 68 4.80 0.01 5.91
C LEU A 68 5.43 -0.23 7.29
N ASP A 69 5.40 0.77 8.14
CA ASP A 69 6.01 0.62 9.49
C ASP A 69 5.13 -0.30 10.36
N GLU A 70 3.83 -0.20 10.24
CA GLU A 70 2.94 -1.05 11.07
C GLU A 70 3.17 -2.53 10.73
N ILE A 71 2.97 -2.90 9.50
CA ILE A 71 3.16 -4.33 9.11
C ILE A 71 4.59 -4.76 9.45
N LYS A 72 5.52 -3.85 9.36
CA LYS A 72 6.94 -4.21 9.67
C LYS A 72 7.01 -4.80 11.08
N GLN A 73 6.37 -4.17 12.03
CA GLN A 73 6.41 -4.71 13.42
C GLN A 73 5.79 -6.11 13.45
N GLN A 74 4.90 -6.38 12.55
CA GLN A 74 4.25 -7.73 12.52
C GLN A 74 5.28 -8.79 12.13
N LEU A 75 6.19 -8.46 11.25
CA LEU A 75 7.21 -9.46 10.84
C LEU A 75 7.84 -10.11 12.07
N GLN A 76 7.56 -9.58 13.24
CA GLN A 76 8.15 -10.17 14.47
C GLN A 76 7.31 -11.36 14.94
N GLY A 77 7.18 -12.36 14.11
CA GLY A 77 6.38 -13.55 14.50
C GLY A 77 6.28 -14.52 13.31
N GLY A 78 5.24 -15.31 13.26
CA GLY A 78 5.10 -16.28 12.14
C GLY A 78 4.65 -15.53 10.88
N ASP A 79 5.16 -14.35 10.66
CA ASP A 79 4.77 -13.58 9.46
C ASP A 79 5.87 -13.71 8.40
N ASN A 80 6.71 -14.69 8.51
CA ASN A 80 7.79 -14.87 7.50
C ASN A 80 7.17 -14.87 6.11
N SER A 81 5.87 -14.83 6.03
CA SER A 81 5.20 -14.79 4.70
C SER A 81 5.16 -13.34 4.24
N LEU A 82 4.80 -12.46 5.13
CA LEU A 82 4.75 -11.02 4.76
C LEU A 82 6.14 -10.61 4.29
N HIS A 83 7.16 -11.15 4.91
CA HIS A 83 8.54 -10.81 4.50
C HIS A 83 8.60 -10.85 2.98
N ASN A 84 7.74 -11.62 2.38
CA ASN A 84 7.72 -11.70 0.89
C ASN A 84 6.68 -10.73 0.35
N VAL A 85 5.58 -10.57 1.04
CA VAL A 85 4.54 -9.62 0.57
C VAL A 85 4.82 -8.24 1.15
N HIS A 86 5.06 -8.17 2.43
CA HIS A 86 5.36 -6.86 3.06
C HIS A 86 6.51 -6.20 2.31
N GLU A 87 7.30 -6.98 1.61
CA GLU A 87 8.45 -6.40 0.85
C GLU A 87 7.91 -5.65 -0.36
N ASN A 88 6.68 -5.91 -0.74
CA ASN A 88 6.10 -5.21 -1.92
C ASN A 88 5.77 -3.76 -1.53
N ILE A 89 4.96 -3.59 -0.52
CA ILE A 89 4.60 -2.22 -0.09
C ILE A 89 5.83 -1.31 -0.21
N LYS A 90 6.93 -1.72 0.34
CA LYS A 90 8.17 -0.89 0.25
C LYS A 90 8.45 -0.55 -1.21
N GLU A 91 8.67 -1.55 -2.03
CA GLU A 91 8.95 -1.28 -3.47
C GLU A 91 7.72 -0.63 -4.11
N ILE A 92 6.58 -1.24 -3.98
CA ILE A 92 5.35 -0.66 -4.57
C ILE A 92 5.26 0.82 -4.17
N PHE A 93 5.93 1.19 -3.12
CA PHE A 93 5.89 2.61 -2.67
C PHE A 93 6.58 3.49 -3.72
N HIS A 94 7.86 3.30 -3.90
CA HIS A 94 8.60 4.13 -4.89
C HIS A 94 8.10 3.82 -6.31
N HIS A 95 7.09 3.01 -6.43
CA HIS A 95 6.56 2.71 -7.79
C HIS A 95 5.47 3.71 -8.13
N LEU A 96 4.88 4.29 -7.12
CA LEU A 96 3.84 5.30 -7.37
C LEU A 96 4.52 6.66 -7.51
N GLU A 97 5.28 7.06 -6.53
CA GLU A 97 5.97 8.38 -6.60
C GLU A 97 6.67 8.50 -7.96
N GLU A 98 6.77 7.40 -8.66
CA GLU A 98 7.42 7.44 -10.01
C GLU A 98 6.36 7.85 -11.02
N LEU A 99 5.12 7.50 -10.78
CA LEU A 99 4.04 7.89 -11.73
C LEU A 99 3.56 9.30 -11.41
N VAL A 100 4.17 9.95 -10.46
CA VAL A 100 3.73 11.35 -10.11
C VAL A 100 4.87 12.33 -10.36
N HIS A 101 6.11 11.91 -10.22
CA HIS A 101 7.23 12.85 -10.46
C HIS A 101 7.31 13.17 -11.95
N ARG A 102 6.86 12.28 -12.79
CA ARG A 102 6.90 12.54 -14.25
C ARG A 102 5.56 13.11 -14.72
N MET A 1 -4.78 9.13 -20.58
CA MET A 1 -4.60 8.42 -19.29
C MET A 1 -3.61 7.27 -19.48
N TYR A 2 -2.58 7.20 -18.68
CA TYR A 2 -1.59 6.09 -18.81
C TYR A 2 -2.29 4.75 -18.56
N GLY A 3 -2.81 4.57 -17.38
CA GLY A 3 -3.50 3.29 -17.06
C GLY A 3 -2.60 2.43 -16.16
N LYS A 4 -1.36 2.81 -16.05
CA LYS A 4 -0.43 2.01 -15.20
C LYS A 4 -0.93 2.00 -13.75
N LEU A 5 -1.57 3.06 -13.33
CA LEU A 5 -2.07 3.05 -11.92
C LEU A 5 -2.69 1.69 -11.69
N ASN A 6 -3.54 1.25 -12.57
CA ASN A 6 -4.15 -0.09 -12.40
C ASN A 6 -3.03 -1.07 -12.08
N ASP A 7 -1.86 -0.87 -12.64
CA ASP A 7 -0.73 -1.79 -12.32
C ASP A 7 -0.31 -1.55 -10.88
N LEU A 8 -0.37 -0.32 -10.44
CA LEU A 8 0.00 -0.01 -9.03
C LEU A 8 -1.16 -0.37 -8.12
N LEU A 9 -2.35 0.00 -8.53
CA LEU A 9 -3.57 -0.30 -7.74
C LEU A 9 -3.75 -1.81 -7.59
N GLU A 10 -3.88 -2.51 -8.69
CA GLU A 10 -4.07 -3.99 -8.60
C GLU A 10 -2.93 -4.62 -7.82
N ASP A 11 -1.74 -4.13 -7.96
CA ASP A 11 -0.59 -4.72 -7.22
C ASP A 11 -0.65 -4.29 -5.75
N LEU A 12 -0.99 -3.06 -5.49
CA LEU A 12 -1.06 -2.58 -4.09
C LEU A 12 -2.23 -3.28 -3.38
N GLN A 13 -3.39 -3.26 -3.96
CA GLN A 13 -4.55 -3.92 -3.32
C GLN A 13 -4.30 -5.43 -3.20
N GLU A 14 -3.40 -5.96 -3.99
CA GLU A 14 -3.10 -7.41 -3.90
C GLU A 14 -2.28 -7.68 -2.65
N VAL A 15 -1.11 -7.10 -2.55
CA VAL A 15 -0.28 -7.33 -1.34
C VAL A 15 -1.19 -7.23 -0.12
N LEU A 16 -2.11 -6.31 -0.15
CA LEU A 16 -3.05 -6.16 0.98
C LEU A 16 -3.86 -7.45 1.11
N LYS A 17 -4.19 -8.06 0.01
CA LYS A 17 -4.97 -9.34 0.08
C LYS A 17 -4.02 -10.50 0.42
N HIS A 18 -2.74 -10.25 0.44
CA HIS A 18 -1.78 -11.35 0.77
C HIS A 18 -1.34 -11.23 2.23
N VAL A 19 -1.85 -10.26 2.94
CA VAL A 19 -1.45 -10.09 4.36
C VAL A 19 -2.51 -10.72 5.26
N ASN A 20 -3.75 -10.38 5.05
CA ASN A 20 -4.83 -10.96 5.90
C ASN A 20 -4.63 -12.47 6.01
N GLN A 21 -4.15 -13.10 4.96
CA GLN A 21 -3.94 -14.57 5.01
C GLN A 21 -2.54 -14.87 5.53
N HIS A 22 -1.74 -13.86 5.74
CA HIS A 22 -0.35 -14.09 6.23
C HIS A 22 -0.05 -13.11 7.37
N TRP A 23 -1.06 -12.55 7.98
CA TRP A 23 -0.80 -11.60 9.08
C TRP A 23 -0.53 -12.36 10.37
N GLN A 24 0.22 -11.79 11.26
CA GLN A 24 0.50 -12.49 12.54
C GLN A 24 0.76 -11.47 13.66
N GLY A 25 1.44 -11.87 14.68
CA GLY A 25 1.72 -10.93 15.81
C GLY A 25 0.39 -10.47 16.42
N GLY A 26 -0.17 -9.43 15.90
CA GLY A 26 -1.47 -8.93 16.46
C GLY A 26 -2.52 -8.93 15.35
N GLN A 27 -3.32 -9.95 15.26
CA GLN A 27 -4.36 -9.99 14.19
C GLN A 27 -5.32 -8.80 14.36
N LYS A 28 -5.10 -8.00 15.36
CA LYS A 28 -6.00 -6.83 15.57
C LYS A 28 -5.49 -5.65 14.75
N ASN A 29 -4.29 -5.73 14.26
CA ASN A 29 -3.74 -4.60 13.44
C ASN A 29 -4.17 -4.78 11.98
N MET A 30 -4.23 -5.99 11.52
CA MET A 30 -4.63 -6.24 10.10
C MET A 30 -5.84 -5.38 9.76
N ASN A 31 -6.81 -5.34 10.63
CA ASN A 31 -8.03 -4.52 10.36
C ASN A 31 -7.69 -3.04 10.51
N LYS A 32 -6.89 -2.69 11.47
CA LYS A 32 -6.52 -1.26 11.67
C LYS A 32 -5.77 -0.75 10.43
N VAL A 33 -4.70 -1.40 10.07
CA VAL A 33 -3.94 -0.95 8.87
C VAL A 33 -4.83 -1.06 7.64
N ASP A 34 -5.59 -2.11 7.53
CA ASP A 34 -6.48 -2.29 6.35
C ASP A 34 -7.16 -0.95 6.04
N HIS A 35 -7.71 -0.30 7.03
CA HIS A 35 -8.39 1.00 6.78
C HIS A 35 -7.38 1.97 6.17
N HIS A 36 -6.21 2.10 6.76
CA HIS A 36 -5.20 3.04 6.21
C HIS A 36 -4.95 2.69 4.74
N LEU A 37 -4.52 1.48 4.47
CA LEU A 37 -4.27 1.08 3.06
C LEU A 37 -5.55 1.30 2.25
N GLN A 38 -6.62 0.67 2.62
CA GLN A 38 -7.90 0.85 1.87
C GLN A 38 -8.10 2.34 1.60
N ASN A 39 -7.59 3.17 2.47
CA ASN A 39 -7.75 4.65 2.27
C ASN A 39 -6.73 5.11 1.23
N VAL A 40 -5.61 4.44 1.14
CA VAL A 40 -4.59 4.85 0.13
C VAL A 40 -5.02 4.36 -1.25
N ILE A 41 -5.23 3.08 -1.40
CA ILE A 41 -5.64 2.55 -2.72
C ILE A 41 -6.74 3.44 -3.29
N GLU A 42 -7.63 3.90 -2.46
CA GLU A 42 -8.71 4.79 -2.96
C GLU A 42 -8.07 6.02 -3.60
N ASP A 43 -6.91 6.40 -3.13
CA ASP A 43 -6.22 7.58 -3.71
C ASP A 43 -5.71 7.22 -5.10
N ILE A 44 -5.10 6.07 -5.25
CA ILE A 44 -4.61 5.66 -6.58
C ILE A 44 -5.76 5.67 -7.57
N HIS A 45 -6.84 5.02 -7.24
CA HIS A 45 -8.02 5.00 -8.16
C HIS A 45 -8.35 6.45 -8.53
N ASP A 46 -8.07 7.37 -7.63
CA ASP A 46 -8.35 8.80 -7.93
C ASP A 46 -7.19 9.40 -8.70
N PHE A 47 -6.13 8.65 -8.90
CA PHE A 47 -4.96 9.20 -9.64
C PHE A 47 -5.20 9.02 -11.15
N MET A 48 -6.02 8.09 -11.52
CA MET A 48 -6.29 7.87 -12.98
C MET A 48 -7.39 8.84 -13.43
N GLN A 49 -7.94 9.59 -12.52
CA GLN A 49 -9.03 10.55 -12.88
C GLN A 49 -8.61 11.96 -12.43
N GLY A 50 -8.00 12.07 -11.28
CA GLY A 50 -7.58 13.41 -10.80
C GLY A 50 -6.76 14.10 -11.88
N GLY A 51 -6.54 13.45 -12.99
CA GLY A 51 -5.75 14.06 -14.09
C GLY A 51 -4.26 13.96 -13.76
N GLY A 52 -3.89 14.28 -12.55
CA GLY A 52 -2.44 14.20 -12.17
C GLY A 52 -2.18 15.12 -10.98
N SER A 53 -3.01 15.05 -9.98
CA SER A 53 -2.80 15.93 -8.79
C SER A 53 -1.64 15.39 -7.95
N GLY A 54 -0.44 15.60 -8.40
CA GLY A 54 0.74 15.12 -7.62
C GLY A 54 0.62 15.59 -6.18
N GLY A 55 -0.31 16.48 -5.91
CA GLY A 55 -0.48 16.98 -4.51
C GLY A 55 -1.44 16.06 -3.76
N LYS A 56 -2.30 15.39 -4.46
CA LYS A 56 -3.27 14.47 -3.79
C LYS A 56 -2.54 13.17 -3.41
N LEU A 57 -1.51 12.84 -4.12
CA LEU A 57 -0.76 11.58 -3.80
C LEU A 57 0.02 11.78 -2.50
N GLN A 58 0.90 12.75 -2.45
CA GLN A 58 1.67 12.99 -1.21
C GLN A 58 0.69 13.03 -0.04
N GLU A 59 -0.58 13.00 -0.32
CA GLU A 59 -1.59 13.01 0.77
C GLU A 59 -1.72 11.61 1.36
N MET A 60 -2.07 10.64 0.56
CA MET A 60 -2.18 9.24 1.09
C MET A 60 -0.80 8.76 1.51
N MET A 61 0.23 9.42 1.04
CA MET A 61 1.61 9.02 1.41
C MET A 61 1.67 8.84 2.93
N LYS A 62 1.15 9.78 3.66
CA LYS A 62 1.17 9.66 5.14
C LYS A 62 0.59 8.31 5.54
N GLU A 63 -0.48 7.90 4.92
CA GLU A 63 -1.10 6.60 5.25
C GLU A 63 -0.27 5.47 4.64
N PHE A 64 0.16 5.64 3.42
CA PHE A 64 0.99 4.58 2.75
C PHE A 64 2.28 4.36 3.55
N GLN A 65 2.97 5.43 3.86
CA GLN A 65 4.25 5.28 4.62
C GLN A 65 3.96 4.98 6.09
N GLN A 66 2.71 4.91 6.46
CA GLN A 66 2.36 4.61 7.88
C GLN A 66 2.22 3.09 8.02
N VAL A 67 1.70 2.46 7.02
CA VAL A 67 1.52 0.99 7.07
C VAL A 67 2.87 0.32 6.78
N LEU A 68 3.54 0.78 5.76
CA LEU A 68 4.86 0.19 5.39
C LEU A 68 5.61 -0.21 6.67
N ASP A 69 5.72 0.68 7.61
CA ASP A 69 6.45 0.34 8.87
C ASP A 69 5.54 -0.44 9.82
N GLU A 70 4.27 -0.15 9.81
CA GLU A 70 3.34 -0.89 10.72
C GLU A 70 3.43 -2.39 10.44
N ILE A 71 3.14 -2.79 9.23
CA ILE A 71 3.22 -4.25 8.91
C ILE A 71 4.64 -4.73 9.17
N LYS A 72 5.63 -3.94 8.85
CA LYS A 72 7.04 -4.37 9.08
C LYS A 72 7.15 -4.86 10.53
N GLN A 73 6.41 -4.25 11.43
CA GLN A 73 6.47 -4.69 12.85
C GLN A 73 5.89 -6.10 12.96
N GLN A 74 4.83 -6.38 12.23
CA GLN A 74 4.23 -7.73 12.29
C GLN A 74 5.31 -8.79 12.01
N LEU A 75 6.27 -8.46 11.19
CA LEU A 75 7.35 -9.46 10.90
C LEU A 75 7.98 -9.94 12.20
N GLN A 76 8.02 -9.11 13.20
CA GLN A 76 8.62 -9.53 14.49
C GLN A 76 8.05 -10.87 14.92
N GLY A 77 6.94 -11.26 14.35
CA GLY A 77 6.34 -12.57 14.72
C GLY A 77 6.74 -13.64 13.70
N GLY A 78 5.88 -14.56 13.41
CA GLY A 78 6.22 -15.62 12.42
C GLY A 78 5.63 -15.26 11.06
N ASP A 79 5.34 -14.00 10.84
CA ASP A 79 4.77 -13.57 9.53
C ASP A 79 5.83 -13.74 8.43
N ASN A 80 6.58 -14.82 8.48
CA ASN A 80 7.62 -15.02 7.44
C ASN A 80 7.02 -14.87 6.04
N SER A 81 5.72 -14.85 5.95
CA SER A 81 5.07 -14.68 4.63
C SER A 81 5.06 -13.20 4.30
N LEU A 82 4.75 -12.38 5.27
CA LEU A 82 4.76 -10.92 5.04
C LEU A 82 6.14 -10.54 4.54
N HIS A 83 7.15 -11.18 5.06
CA HIS A 83 8.53 -10.88 4.59
C HIS A 83 8.51 -10.80 3.07
N ASN A 84 7.59 -11.49 2.46
CA ASN A 84 7.48 -11.45 0.98
C ASN A 84 6.46 -10.39 0.58
N VAL A 85 5.43 -10.22 1.36
CA VAL A 85 4.40 -9.20 1.03
C VAL A 85 4.87 -7.84 1.53
N HIS A 86 5.27 -7.77 2.77
CA HIS A 86 5.74 -6.46 3.33
C HIS A 86 6.80 -5.88 2.40
N GLU A 87 7.38 -6.68 1.55
CA GLU A 87 8.42 -6.18 0.62
C GLU A 87 7.75 -5.51 -0.59
N ASN A 88 6.47 -5.73 -0.76
CA ASN A 88 5.76 -5.10 -1.90
C ASN A 88 5.56 -3.61 -1.63
N ILE A 89 4.81 -3.27 -0.62
CA ILE A 89 4.60 -1.82 -0.31
C ILE A 89 5.90 -1.08 -0.56
N LYS A 90 6.97 -1.50 0.04
CA LYS A 90 8.27 -0.80 -0.16
C LYS A 90 8.43 -0.42 -1.64
N GLU A 91 8.49 -1.39 -2.51
CA GLU A 91 8.64 -1.08 -3.96
C GLU A 91 7.31 -0.52 -4.50
N ILE A 92 6.23 -1.16 -4.19
CA ILE A 92 4.90 -0.69 -4.67
C ILE A 92 4.69 0.76 -4.24
N PHE A 93 4.66 1.01 -2.95
CA PHE A 93 4.43 2.40 -2.46
C PHE A 93 5.40 3.36 -3.14
N HIS A 94 6.59 2.91 -3.42
CA HIS A 94 7.58 3.81 -4.08
C HIS A 94 7.38 3.75 -5.60
N HIS A 95 6.40 3.01 -6.05
CA HIS A 95 6.17 2.92 -7.51
C HIS A 95 5.18 4.01 -7.92
N LEU A 96 4.27 4.36 -7.04
CA LEU A 96 3.30 5.43 -7.38
C LEU A 96 4.04 6.76 -7.45
N GLU A 97 4.71 7.15 -6.40
CA GLU A 97 5.46 8.43 -6.44
C GLU A 97 6.36 8.40 -7.68
N GLU A 98 6.40 7.28 -8.35
CA GLU A 98 7.25 7.17 -9.57
C GLU A 98 6.43 7.59 -10.79
N LEU A 99 5.16 7.31 -10.80
CA LEU A 99 4.32 7.70 -11.96
C LEU A 99 4.04 9.20 -11.88
N VAL A 100 4.52 9.84 -10.85
CA VAL A 100 4.30 11.30 -10.71
C VAL A 100 5.65 12.03 -10.73
N HIS A 101 6.66 11.44 -10.17
CA HIS A 101 8.00 12.10 -10.16
C HIS A 101 8.34 12.58 -11.57
N ARG A 102 7.78 11.96 -12.56
CA ARG A 102 8.07 12.38 -13.97
C ARG A 102 7.11 13.50 -14.38
N MET A 1 -5.69 8.28 -20.37
CA MET A 1 -5.67 7.47 -19.12
C MET A 1 -4.62 6.37 -19.24
N TYR A 2 -3.43 6.61 -18.77
CA TYR A 2 -2.37 5.58 -18.86
C TYR A 2 -2.92 4.23 -18.41
N GLY A 3 -3.07 4.02 -17.14
CA GLY A 3 -3.62 2.73 -16.65
C GLY A 3 -2.65 2.11 -15.64
N LYS A 4 -1.37 2.39 -15.79
CA LYS A 4 -0.37 1.83 -14.84
C LYS A 4 -0.96 1.79 -13.43
N LEU A 5 -1.62 2.83 -13.01
CA LEU A 5 -2.21 2.83 -11.65
C LEU A 5 -2.85 1.46 -11.40
N ASN A 6 -3.77 1.07 -12.23
CA ASN A 6 -4.41 -0.25 -12.05
C ASN A 6 -3.35 -1.24 -11.59
N ASP A 7 -2.13 -1.06 -12.02
CA ASP A 7 -1.04 -1.97 -11.58
C ASP A 7 -0.68 -1.62 -10.13
N LEU A 8 -0.57 -0.35 -9.84
CA LEU A 8 -0.26 0.06 -8.44
C LEU A 8 -1.48 -0.26 -7.58
N LEU A 9 -2.65 0.07 -8.08
CA LEU A 9 -3.90 -0.19 -7.32
C LEU A 9 -4.07 -1.69 -7.06
N GLU A 10 -4.28 -2.45 -8.10
CA GLU A 10 -4.46 -3.92 -7.93
C GLU A 10 -3.33 -4.48 -7.08
N ASP A 11 -2.11 -4.32 -7.51
CA ASP A 11 -0.96 -4.85 -6.74
C ASP A 11 -1.06 -4.40 -5.28
N LEU A 12 -1.10 -3.12 -5.05
CA LEU A 12 -1.18 -2.61 -3.65
C LEU A 12 -2.35 -3.28 -2.91
N GLN A 13 -3.52 -3.28 -3.50
CA GLN A 13 -4.69 -3.91 -2.82
C GLN A 13 -4.50 -5.43 -2.78
N GLU A 14 -3.57 -5.95 -3.52
CA GLU A 14 -3.34 -7.42 -3.53
C GLU A 14 -2.38 -7.78 -2.39
N VAL A 15 -1.23 -7.15 -2.35
CA VAL A 15 -0.27 -7.46 -1.26
C VAL A 15 -1.03 -7.54 0.07
N LEU A 16 -2.03 -6.72 0.22
CA LEU A 16 -2.84 -6.73 1.48
C LEU A 16 -3.71 -7.99 1.50
N LYS A 17 -3.99 -8.54 0.35
CA LYS A 17 -4.84 -9.78 0.31
C LYS A 17 -3.97 -10.98 0.69
N HIS A 18 -2.92 -11.21 -0.03
CA HIS A 18 -2.04 -12.38 0.29
C HIS A 18 -1.33 -12.11 1.62
N VAL A 19 -1.80 -11.15 2.37
CA VAL A 19 -1.16 -10.85 3.68
C VAL A 19 -2.23 -10.83 4.79
N ASN A 20 -3.43 -10.45 4.45
CA ASN A 20 -4.51 -10.42 5.48
C ASN A 20 -4.63 -11.79 6.15
N GLN A 21 -4.22 -12.82 5.47
CA GLN A 21 -4.32 -14.18 6.07
C GLN A 21 -3.02 -14.51 6.82
N HIS A 22 -1.90 -14.35 6.16
CA HIS A 22 -0.60 -14.65 6.82
C HIS A 22 -0.21 -13.49 7.75
N TRP A 23 -1.17 -12.91 8.42
CA TRP A 23 -0.86 -11.77 9.34
C TRP A 23 -0.41 -12.33 10.69
N GLN A 24 0.62 -11.78 11.26
CA GLN A 24 1.09 -12.27 12.58
C GLN A 24 1.67 -11.11 13.39
N GLY A 25 1.21 -10.93 14.60
CA GLY A 25 1.73 -9.80 15.43
C GLY A 25 0.56 -8.95 15.92
N GLY A 26 -0.64 -9.30 15.56
CA GLY A 26 -1.82 -8.51 16.01
C GLY A 26 -2.96 -8.68 15.01
N GLN A 27 -3.68 -9.76 15.10
CA GLN A 27 -4.81 -9.98 14.15
C GLN A 27 -5.71 -8.75 14.14
N LYS A 28 -5.51 -7.84 15.05
CA LYS A 28 -6.36 -6.62 15.10
C LYS A 28 -5.83 -5.60 14.08
N ASN A 29 -4.65 -5.82 13.57
CA ASN A 29 -4.08 -4.87 12.57
C ASN A 29 -4.69 -5.16 11.21
N MET A 30 -4.78 -6.41 10.85
CA MET A 30 -5.37 -6.75 9.52
C MET A 30 -6.60 -5.88 9.27
N ASN A 31 -7.28 -5.50 10.33
CA ASN A 31 -8.48 -4.63 10.17
C ASN A 31 -8.05 -3.17 10.16
N LYS A 32 -7.13 -2.80 11.00
CA LYS A 32 -6.67 -1.38 11.02
C LYS A 32 -5.82 -1.11 9.77
N VAL A 33 -4.91 -1.99 9.47
CA VAL A 33 -4.06 -1.79 8.26
C VAL A 33 -4.95 -1.76 7.01
N ASP A 34 -5.81 -2.73 6.87
CA ASP A 34 -6.72 -2.75 5.69
C ASP A 34 -7.41 -1.38 5.59
N HIS A 35 -7.40 -0.64 6.67
CA HIS A 35 -8.04 0.70 6.66
C HIS A 35 -7.03 1.74 6.18
N HIS A 36 -5.76 1.54 6.48
CA HIS A 36 -4.73 2.52 6.03
C HIS A 36 -4.62 2.47 4.50
N LEU A 37 -4.57 1.30 3.94
CA LEU A 37 -4.47 1.20 2.46
C LEU A 37 -5.79 1.64 1.84
N GLN A 38 -6.89 1.16 2.37
CA GLN A 38 -8.22 1.55 1.81
C GLN A 38 -8.21 3.06 1.53
N ASN A 39 -7.74 3.83 2.46
CA ASN A 39 -7.69 5.31 2.24
C ASN A 39 -6.66 5.62 1.15
N VAL A 40 -5.51 5.00 1.21
CA VAL A 40 -4.48 5.26 0.17
C VAL A 40 -4.96 4.67 -1.16
N ILE A 41 -5.11 3.38 -1.24
CA ILE A 41 -5.57 2.77 -2.51
C ILE A 41 -6.61 3.69 -3.15
N GLU A 42 -7.38 4.37 -2.34
CA GLU A 42 -8.42 5.29 -2.89
C GLU A 42 -7.72 6.41 -3.64
N ASP A 43 -6.60 6.88 -3.13
CA ASP A 43 -5.88 7.97 -3.81
C ASP A 43 -5.47 7.48 -5.21
N ILE A 44 -4.79 6.37 -5.27
CA ILE A 44 -4.36 5.82 -6.58
C ILE A 44 -5.57 5.81 -7.53
N HIS A 45 -6.66 5.23 -7.11
CA HIS A 45 -7.86 5.18 -7.99
C HIS A 45 -8.16 6.61 -8.45
N ASP A 46 -7.85 7.57 -7.64
CA ASP A 46 -8.11 8.99 -8.02
C ASP A 46 -6.93 9.52 -8.84
N PHE A 47 -5.93 8.72 -9.07
CA PHE A 47 -4.75 9.21 -9.85
C PHE A 47 -5.00 8.95 -11.34
N MET A 48 -5.88 8.04 -11.66
CA MET A 48 -6.16 7.76 -13.10
C MET A 48 -7.20 8.76 -13.60
N GLN A 49 -7.95 9.34 -12.71
CA GLN A 49 -8.97 10.34 -13.12
C GLN A 49 -8.62 11.71 -12.54
N GLY A 50 -7.90 11.72 -11.44
CA GLY A 50 -7.51 13.02 -10.83
C GLY A 50 -6.79 13.88 -11.87
N GLY A 51 -6.68 13.40 -13.08
CA GLY A 51 -5.99 14.19 -14.14
C GLY A 51 -4.48 14.10 -13.95
N GLY A 52 -4.01 14.40 -12.77
CA GLY A 52 -2.53 14.33 -12.53
C GLY A 52 -2.20 15.21 -11.32
N SER A 53 -2.99 15.13 -10.29
CA SER A 53 -2.74 15.97 -9.08
C SER A 53 -1.66 15.32 -8.22
N GLY A 54 -0.42 15.39 -8.65
CA GLY A 54 0.67 14.79 -7.84
C GLY A 54 0.59 15.32 -6.42
N GLY A 55 -0.34 16.21 -6.16
CA GLY A 55 -0.49 16.77 -4.79
C GLY A 55 -1.42 15.86 -3.99
N LYS A 56 -2.43 15.33 -4.61
CA LYS A 56 -3.36 14.43 -3.88
C LYS A 56 -2.62 13.16 -3.50
N LEU A 57 -1.48 12.94 -4.06
CA LEU A 57 -0.70 11.72 -3.72
C LEU A 57 0.17 12.02 -2.50
N GLN A 58 1.02 12.98 -2.60
CA GLN A 58 1.89 13.32 -1.44
C GLN A 58 1.03 13.39 -0.18
N GLU A 59 -0.27 13.33 -0.35
CA GLU A 59 -1.17 13.37 0.83
C GLU A 59 -1.25 11.96 1.44
N MET A 60 -1.61 10.98 0.66
CA MET A 60 -1.69 9.60 1.21
C MET A 60 -0.27 9.10 1.48
N MET A 61 0.71 9.80 0.97
CA MET A 61 2.12 9.39 1.20
C MET A 61 2.34 9.24 2.71
N LYS A 62 1.78 10.12 3.49
CA LYS A 62 1.95 10.01 4.96
C LYS A 62 1.21 8.77 5.47
N GLU A 63 0.07 8.49 4.88
CA GLU A 63 -0.71 7.29 5.31
C GLU A 63 -0.03 6.04 4.75
N PHE A 64 0.53 6.14 3.57
CA PHE A 64 1.21 4.96 2.98
C PHE A 64 2.40 4.56 3.86
N GLN A 65 3.17 5.52 4.27
CA GLN A 65 4.36 5.22 5.13
C GLN A 65 3.89 4.72 6.50
N GLN A 66 2.61 4.73 6.75
CA GLN A 66 2.11 4.24 8.07
C GLN A 66 1.90 2.73 8.00
N VAL A 67 1.71 2.20 6.82
CA VAL A 67 1.51 0.73 6.70
C VAL A 67 2.84 0.02 6.90
N LEU A 68 3.84 0.40 6.15
CA LEU A 68 5.16 -0.26 6.30
C LEU A 68 5.50 -0.37 7.78
N ASP A 69 5.56 0.75 8.45
CA ASP A 69 5.89 0.74 9.89
C ASP A 69 4.88 -0.13 10.66
N GLU A 70 3.73 -0.35 10.07
CA GLU A 70 2.71 -1.20 10.77
C GLU A 70 3.01 -2.68 10.54
N ILE A 71 3.20 -3.07 9.31
CA ILE A 71 3.50 -4.50 9.03
C ILE A 71 4.93 -4.80 9.47
N LYS A 72 5.82 -3.86 9.31
CA LYS A 72 7.23 -4.10 9.72
C LYS A 72 7.24 -4.81 11.08
N GLN A 73 6.51 -4.30 12.02
CA GLN A 73 6.46 -4.94 13.37
C GLN A 73 5.89 -6.35 13.23
N GLN A 74 4.86 -6.51 12.44
CA GLN A 74 4.27 -7.87 12.27
C GLN A 74 5.37 -8.89 11.99
N LEU A 75 6.29 -8.55 11.12
CA LEU A 75 7.39 -9.51 10.79
C LEU A 75 8.04 -10.03 12.07
N GLN A 76 8.03 -9.25 13.12
CA GLN A 76 8.65 -9.72 14.39
C GLN A 76 7.93 -10.98 14.89
N GLY A 77 7.04 -11.50 14.09
CA GLY A 77 6.29 -12.73 14.52
C GLY A 77 6.52 -13.83 13.48
N GLY A 78 5.59 -14.74 13.36
CA GLY A 78 5.76 -15.85 12.36
C GLY A 78 5.05 -15.47 11.06
N ASP A 79 5.45 -14.40 10.43
CA ASP A 79 4.81 -13.99 9.16
C ASP A 79 5.84 -14.01 8.04
N ASN A 80 6.64 -15.04 7.97
CA ASN A 80 7.67 -15.12 6.89
C ASN A 80 7.01 -14.88 5.53
N SER A 81 5.72 -14.76 5.50
CA SER A 81 5.03 -14.51 4.21
C SER A 81 5.08 -13.01 3.92
N LEU A 82 4.78 -12.21 4.90
CA LEU A 82 4.84 -10.75 4.71
C LEU A 82 6.25 -10.37 4.30
N HIS A 83 7.22 -11.01 4.89
CA HIS A 83 8.64 -10.72 4.52
C HIS A 83 8.75 -10.65 3.01
N ASN A 84 7.87 -11.33 2.31
CA ASN A 84 7.92 -11.29 0.82
C ASN A 84 6.90 -10.26 0.32
N VAL A 85 5.80 -10.10 1.01
CA VAL A 85 4.79 -9.11 0.57
C VAL A 85 5.11 -7.75 1.19
N HIS A 86 5.36 -7.72 2.48
CA HIS A 86 5.69 -6.43 3.13
C HIS A 86 6.91 -5.82 2.45
N GLU A 87 7.65 -6.61 1.71
CA GLU A 87 8.85 -6.08 1.01
C GLU A 87 8.42 -5.47 -0.32
N ASN A 88 7.21 -5.73 -0.74
CA ASN A 88 6.74 -5.16 -2.02
C ASN A 88 6.29 -3.72 -1.80
N ILE A 89 5.45 -3.49 -0.83
CA ILE A 89 5.00 -2.09 -0.55
C ILE A 89 6.18 -1.13 -0.72
N LYS A 90 7.26 -1.39 -0.04
CA LYS A 90 8.45 -0.49 -0.18
C LYS A 90 8.67 -0.18 -1.67
N GLU A 91 8.59 -1.19 -2.50
CA GLU A 91 8.80 -0.97 -3.96
C GLU A 91 7.49 -0.49 -4.59
N ILE A 92 6.41 -1.14 -4.31
CA ILE A 92 5.10 -0.73 -4.89
C ILE A 92 4.77 0.71 -4.47
N PHE A 93 4.74 0.96 -3.20
CA PHE A 93 4.43 2.33 -2.72
C PHE A 93 5.36 3.34 -3.39
N HIS A 94 6.64 3.17 -3.25
CA HIS A 94 7.60 4.12 -3.88
C HIS A 94 7.44 4.04 -5.41
N HIS A 95 6.56 3.21 -5.89
CA HIS A 95 6.36 3.09 -7.36
C HIS A 95 5.39 4.17 -7.81
N LEU A 96 4.41 4.48 -6.99
CA LEU A 96 3.43 5.54 -7.38
C LEU A 96 4.15 6.89 -7.39
N GLU A 97 4.79 7.24 -6.32
CA GLU A 97 5.52 8.55 -6.29
C GLU A 97 6.39 8.64 -7.54
N GLU A 98 6.44 7.59 -8.32
CA GLU A 98 7.27 7.62 -9.55
C GLU A 98 6.42 8.09 -10.73
N LEU A 99 5.26 7.54 -10.92
CA LEU A 99 4.41 7.98 -12.05
C LEU A 99 4.14 9.48 -11.92
N VAL A 100 4.49 10.05 -10.80
CA VAL A 100 4.27 11.50 -10.59
C VAL A 100 5.60 12.22 -10.68
N HIS A 101 6.66 11.60 -10.25
CA HIS A 101 7.99 12.24 -10.30
C HIS A 101 8.15 12.96 -11.63
N ARG A 102 7.33 12.64 -12.60
CA ARG A 102 7.44 13.31 -13.92
C ARG A 102 6.35 14.36 -14.06
N MET A 1 -5.77 8.34 -20.78
CA MET A 1 -5.32 7.94 -19.41
C MET A 1 -4.33 6.79 -19.52
N TYR A 2 -3.16 6.95 -18.97
CA TYR A 2 -2.15 5.85 -19.04
C TYR A 2 -2.79 4.54 -18.60
N GLY A 3 -2.95 4.36 -17.31
CA GLY A 3 -3.57 3.10 -16.81
C GLY A 3 -2.56 2.35 -15.92
N LYS A 4 -1.35 2.81 -15.88
CA LYS A 4 -0.33 2.13 -15.04
C LYS A 4 -0.80 2.10 -13.58
N LEU A 5 -1.32 3.20 -13.09
CA LEU A 5 -1.79 3.23 -11.68
C LEU A 5 -2.43 1.88 -11.36
N ASN A 6 -3.40 1.47 -12.13
CA ASN A 6 -4.05 0.16 -11.87
C ASN A 6 -2.96 -0.86 -11.54
N ASP A 7 -1.85 -0.79 -12.22
CA ASP A 7 -0.75 -1.75 -11.92
C ASP A 7 -0.28 -1.49 -10.49
N LEU A 8 -0.31 -0.25 -10.07
CA LEU A 8 0.10 0.08 -8.69
C LEU A 8 -1.06 -0.23 -7.75
N LEU A 9 -2.24 0.14 -8.16
CA LEU A 9 -3.45 -0.11 -7.34
C LEU A 9 -3.72 -1.61 -7.24
N GLU A 10 -3.95 -2.26 -8.36
CA GLU A 10 -4.23 -3.72 -8.32
C GLU A 10 -3.10 -4.46 -7.58
N ASP A 11 -1.90 -3.94 -7.64
CA ASP A 11 -0.77 -4.61 -6.94
C ASP A 11 -0.78 -4.21 -5.47
N LEU A 12 -0.95 -2.94 -5.20
CA LEU A 12 -0.97 -2.48 -3.78
C LEU A 12 -2.12 -3.15 -3.04
N GLN A 13 -3.29 -3.16 -3.62
CA GLN A 13 -4.44 -3.81 -2.94
C GLN A 13 -4.24 -5.33 -2.93
N GLU A 14 -3.32 -5.82 -3.72
CA GLU A 14 -3.07 -7.29 -3.74
C GLU A 14 -2.21 -7.67 -2.55
N VAL A 15 -1.07 -7.07 -2.40
CA VAL A 15 -0.22 -7.40 -1.23
C VAL A 15 -1.12 -7.46 -0.01
N LEU A 16 -2.17 -6.68 -0.02
CA LEU A 16 -3.12 -6.66 1.11
C LEU A 16 -3.87 -8.01 1.14
N LYS A 17 -4.11 -8.59 0.00
CA LYS A 17 -4.84 -9.89 -0.03
C LYS A 17 -3.99 -10.98 0.63
N HIS A 18 -2.71 -10.99 0.36
CA HIS A 18 -1.83 -12.02 0.98
C HIS A 18 -1.82 -11.88 2.51
N VAL A 19 -1.46 -10.72 2.99
CA VAL A 19 -1.43 -10.51 4.47
C VAL A 19 -2.68 -11.12 5.11
N ASN A 20 -3.84 -10.79 4.60
CA ASN A 20 -5.08 -11.35 5.20
C ASN A 20 -4.86 -12.81 5.58
N GLN A 21 -4.42 -13.60 4.65
CA GLN A 21 -4.17 -15.04 4.96
C GLN A 21 -2.71 -15.24 5.37
N HIS A 22 -2.00 -14.17 5.57
CA HIS A 22 -0.56 -14.28 5.97
C HIS A 22 -0.23 -13.25 7.06
N TRP A 23 -1.23 -12.71 7.71
CA TRP A 23 -0.96 -11.70 8.77
C TRP A 23 -0.74 -12.41 10.10
N GLN A 24 0.06 -11.85 10.96
CA GLN A 24 0.31 -12.49 12.28
C GLN A 24 0.63 -11.42 13.33
N GLY A 25 1.31 -11.79 14.38
CA GLY A 25 1.65 -10.80 15.44
C GLY A 25 0.38 -10.40 16.19
N GLY A 26 -0.40 -9.52 15.65
CA GLY A 26 -1.65 -9.10 16.34
C GLY A 26 -2.76 -8.91 15.29
N GLN A 27 -3.69 -9.84 15.23
CA GLN A 27 -4.79 -9.72 14.23
C GLN A 27 -5.63 -8.48 14.55
N LYS A 28 -5.14 -7.61 15.39
CA LYS A 28 -5.91 -6.39 15.74
C LYS A 28 -5.58 -5.28 14.73
N ASN A 29 -4.37 -5.27 14.24
CA ASN A 29 -3.99 -4.22 13.25
C ASN A 29 -4.44 -4.66 11.85
N MET A 30 -4.35 -5.93 11.56
CA MET A 30 -4.77 -6.41 10.22
C MET A 30 -5.99 -5.62 9.75
N ASN A 31 -6.83 -5.21 10.68
CA ASN A 31 -8.04 -4.43 10.29
C ASN A 31 -7.72 -2.95 10.36
N LYS A 32 -7.14 -2.51 11.45
CA LYS A 32 -6.79 -1.06 11.57
C LYS A 32 -5.98 -0.66 10.33
N VAL A 33 -5.13 -1.52 9.85
CA VAL A 33 -4.33 -1.19 8.64
C VAL A 33 -5.25 -1.24 7.42
N ASP A 34 -6.01 -2.29 7.29
CA ASP A 34 -6.94 -2.40 6.12
C ASP A 34 -7.57 -1.04 5.88
N HIS A 35 -7.71 -0.24 6.91
CA HIS A 35 -8.31 1.11 6.73
C HIS A 35 -7.22 2.07 6.22
N HIS A 36 -6.01 1.87 6.65
CA HIS A 36 -4.90 2.76 6.20
C HIS A 36 -4.78 2.65 4.67
N LEU A 37 -4.87 1.46 4.15
CA LEU A 37 -4.76 1.29 2.67
C LEU A 37 -6.07 1.73 2.02
N GLN A 38 -7.18 1.19 2.46
CA GLN A 38 -8.48 1.59 1.85
C GLN A 38 -8.44 3.09 1.55
N ASN A 39 -8.06 3.88 2.51
CA ASN A 39 -7.99 5.35 2.29
C ASN A 39 -6.90 5.66 1.25
N VAL A 40 -5.88 4.84 1.20
CA VAL A 40 -4.79 5.09 0.22
C VAL A 40 -5.15 4.44 -1.12
N ILE A 41 -5.36 3.15 -1.15
CA ILE A 41 -5.74 2.50 -2.43
C ILE A 41 -6.75 3.38 -3.16
N GLU A 42 -7.66 3.96 -2.43
CA GLU A 42 -8.68 4.84 -3.07
C GLU A 42 -7.96 6.05 -3.68
N ASP A 43 -6.88 6.47 -3.09
CA ASP A 43 -6.14 7.63 -3.64
C ASP A 43 -5.59 7.27 -5.03
N ILE A 44 -4.87 6.18 -5.11
CA ILE A 44 -4.31 5.76 -6.43
C ILE A 44 -5.45 5.73 -7.45
N HIS A 45 -6.50 5.00 -7.16
CA HIS A 45 -7.63 4.95 -8.12
C HIS A 45 -8.04 6.38 -8.47
N ASP A 46 -7.82 7.30 -7.57
CA ASP A 46 -8.19 8.71 -7.85
C ASP A 46 -7.04 9.39 -8.62
N PHE A 47 -5.91 8.74 -8.72
CA PHE A 47 -4.78 9.35 -9.46
C PHE A 47 -4.93 9.06 -10.95
N MET A 48 -5.84 8.19 -11.29
CA MET A 48 -6.06 7.86 -12.73
C MET A 48 -7.15 8.76 -13.29
N GLN A 49 -8.01 9.26 -12.44
CA GLN A 49 -9.11 10.14 -12.92
C GLN A 49 -8.80 11.59 -12.53
N GLY A 50 -8.22 11.79 -11.39
CA GLY A 50 -7.89 13.18 -10.95
C GLY A 50 -7.16 13.90 -12.08
N GLY A 51 -6.89 13.22 -13.16
CA GLY A 51 -6.19 13.85 -14.30
C GLY A 51 -4.73 14.15 -13.92
N GLY A 52 -4.48 14.37 -12.66
CA GLY A 52 -3.08 14.65 -12.23
C GLY A 52 -3.10 15.47 -10.94
N SER A 53 -3.51 14.86 -9.85
CA SER A 53 -3.57 15.60 -8.56
C SER A 53 -2.30 15.31 -7.75
N GLY A 54 -1.15 15.49 -8.35
CA GLY A 54 0.11 15.23 -7.61
C GLY A 54 0.02 15.80 -6.19
N GLY A 55 -0.98 16.61 -5.95
CA GLY A 55 -1.13 17.20 -4.60
C GLY A 55 -2.00 16.27 -3.73
N LYS A 56 -2.98 15.65 -4.33
CA LYS A 56 -3.85 14.73 -3.54
C LYS A 56 -3.13 13.40 -3.34
N LEU A 57 -2.19 13.08 -4.21
CA LEU A 57 -1.45 11.81 -4.05
C LEU A 57 -0.42 11.97 -2.93
N GLN A 58 0.47 12.89 -3.09
CA GLN A 58 1.50 13.09 -2.03
C GLN A 58 0.80 13.11 -0.67
N GLU A 59 -0.49 13.27 -0.68
CA GLU A 59 -1.26 13.29 0.61
C GLU A 59 -1.23 11.88 1.21
N MET A 60 -1.70 10.90 0.49
CA MET A 60 -1.68 9.52 1.04
C MET A 60 -0.24 9.04 1.13
N MET A 61 0.61 9.53 0.26
CA MET A 61 2.05 9.11 0.30
C MET A 61 2.49 9.01 1.76
N LYS A 62 2.18 9.99 2.55
CA LYS A 62 2.58 9.96 3.99
C LYS A 62 1.81 8.84 4.68
N GLU A 63 0.56 8.66 4.34
CA GLU A 63 -0.23 7.57 4.97
C GLU A 63 0.26 6.22 4.44
N PHE A 64 0.97 6.24 3.34
CA PHE A 64 1.50 4.96 2.78
C PHE A 64 2.70 4.51 3.63
N GLN A 65 3.63 5.39 3.86
CA GLN A 65 4.82 5.02 4.67
C GLN A 65 4.38 4.57 6.06
N GLN A 66 3.11 4.72 6.37
CA GLN A 66 2.63 4.29 7.70
C GLN A 66 2.43 2.78 7.67
N VAL A 67 1.83 2.28 6.63
CA VAL A 67 1.63 0.82 6.51
C VAL A 67 2.99 0.15 6.34
N LEU A 68 3.82 0.73 5.52
CA LEU A 68 5.17 0.16 5.29
C LEU A 68 5.87 -0.06 6.63
N ASP A 69 5.72 0.85 7.55
CA ASP A 69 6.38 0.69 8.88
C ASP A 69 5.45 -0.06 9.82
N GLU A 70 4.20 -0.21 9.46
CA GLU A 70 3.25 -0.95 10.34
C GLU A 70 3.42 -2.45 10.15
N ILE A 71 3.02 -2.97 9.03
CA ILE A 71 3.17 -4.44 8.81
C ILE A 71 4.61 -4.83 9.10
N LYS A 72 5.55 -4.01 8.74
CA LYS A 72 6.98 -4.33 9.01
C LYS A 72 7.11 -4.80 10.46
N GLN A 73 6.33 -4.24 11.34
CA GLN A 73 6.40 -4.66 12.77
C GLN A 73 5.81 -6.06 12.89
N GLN A 74 4.77 -6.34 12.16
CA GLN A 74 4.14 -7.69 12.23
C GLN A 74 5.18 -8.77 11.95
N LEU A 75 6.24 -8.43 11.25
CA LEU A 75 7.28 -9.43 10.94
C LEU A 75 7.90 -9.96 12.24
N GLN A 76 7.46 -9.46 13.36
CA GLN A 76 8.03 -9.93 14.65
C GLN A 76 7.30 -11.20 15.10
N GLY A 77 7.24 -12.20 14.26
CA GLY A 77 6.54 -13.46 14.64
C GLY A 77 6.72 -14.51 13.55
N GLY A 78 5.71 -15.29 13.29
CA GLY A 78 5.83 -16.33 12.23
C GLY A 78 5.33 -15.78 10.90
N ASP A 79 5.01 -14.51 10.86
CA ASP A 79 4.52 -13.90 9.59
C ASP A 79 5.65 -13.92 8.55
N ASN A 80 6.48 -14.92 8.59
CA ASN A 80 7.59 -14.99 7.61
C ASN A 80 7.03 -14.84 6.19
N SER A 81 5.75 -14.72 6.07
CA SER A 81 5.13 -14.56 4.72
C SER A 81 5.18 -13.08 4.38
N LEU A 82 4.81 -12.25 5.31
CA LEU A 82 4.86 -10.79 5.06
C LEU A 82 6.26 -10.45 4.59
N HIS A 83 7.23 -11.12 5.15
CA HIS A 83 8.64 -10.89 4.74
C HIS A 83 8.70 -10.84 3.22
N ASN A 84 7.75 -11.46 2.56
CA ASN A 84 7.75 -11.45 1.07
C ASN A 84 6.82 -10.34 0.59
N VAL A 85 5.87 -9.95 1.38
CA VAL A 85 4.94 -8.86 0.97
C VAL A 85 5.40 -7.55 1.63
N HIS A 86 5.65 -7.59 2.91
CA HIS A 86 6.12 -6.35 3.61
C HIS A 86 7.26 -5.75 2.80
N GLU A 87 7.87 -6.54 1.96
CA GLU A 87 8.98 -6.02 1.11
C GLU A 87 8.40 -5.45 -0.19
N ASN A 88 7.23 -5.88 -0.55
CA ASN A 88 6.61 -5.36 -1.80
C ASN A 88 6.22 -3.89 -1.61
N ILE A 89 5.48 -3.60 -0.58
CA ILE A 89 5.06 -2.19 -0.33
C ILE A 89 6.24 -1.24 -0.58
N LYS A 90 7.35 -1.50 0.04
CA LYS A 90 8.53 -0.61 -0.16
C LYS A 90 8.66 -0.23 -1.64
N GLU A 91 8.79 -1.22 -2.50
CA GLU A 91 8.91 -0.91 -3.95
C GLU A 91 7.55 -0.48 -4.50
N ILE A 92 6.52 -1.21 -4.20
CA ILE A 92 5.17 -0.84 -4.70
C ILE A 92 4.84 0.60 -4.29
N PHE A 93 4.77 0.85 -3.02
CA PHE A 93 4.45 2.23 -2.55
C PHE A 93 5.41 3.23 -3.20
N HIS A 94 6.67 2.91 -3.27
CA HIS A 94 7.64 3.84 -3.90
C HIS A 94 7.46 3.81 -5.42
N HIS A 95 6.63 2.93 -5.91
CA HIS A 95 6.41 2.87 -7.38
C HIS A 95 5.43 3.96 -7.77
N LEU A 96 4.51 4.28 -6.91
CA LEU A 96 3.53 5.35 -7.23
C LEU A 96 4.28 6.67 -7.33
N GLU A 97 4.92 7.08 -6.27
CA GLU A 97 5.68 8.36 -6.31
C GLU A 97 6.53 8.40 -7.58
N GLU A 98 6.58 7.32 -8.31
CA GLU A 98 7.37 7.30 -9.56
C GLU A 98 6.50 7.83 -10.69
N LEU A 99 5.25 7.49 -10.70
CA LEU A 99 4.35 7.98 -11.78
C LEU A 99 4.01 9.45 -11.50
N VAL A 100 4.48 9.98 -10.41
CA VAL A 100 4.18 11.40 -10.07
C VAL A 100 5.50 12.19 -9.99
N HIS A 101 6.60 11.52 -9.76
CA HIS A 101 7.90 12.23 -9.68
C HIS A 101 8.44 12.49 -11.09
N ARG A 102 7.75 12.02 -12.09
CA ARG A 102 8.22 12.25 -13.48
C ARG A 102 7.17 13.04 -14.25
N MET A 1 -5.63 8.59 -20.38
CA MET A 1 -5.52 7.88 -19.07
C MET A 1 -4.51 6.73 -19.20
N TYR A 2 -3.28 6.97 -18.81
CA TYR A 2 -2.25 5.90 -18.91
C TYR A 2 -2.87 4.55 -18.52
N GLY A 3 -3.11 4.35 -17.25
CA GLY A 3 -3.71 3.07 -16.80
C GLY A 3 -2.68 2.30 -15.96
N LYS A 4 -1.50 2.81 -15.85
CA LYS A 4 -0.45 2.12 -15.04
C LYS A 4 -0.93 1.99 -13.60
N LEU A 5 -1.59 2.98 -13.09
CA LEU A 5 -2.08 2.88 -11.68
C LEU A 5 -2.63 1.47 -11.47
N ASN A 6 -3.59 1.07 -12.25
CA ASN A 6 -4.14 -0.29 -12.09
C ASN A 6 -2.98 -1.25 -11.80
N ASP A 7 -1.83 -0.98 -12.36
CA ASP A 7 -0.65 -1.84 -12.09
C ASP A 7 -0.21 -1.59 -10.65
N LEU A 8 -0.19 -0.34 -10.26
CA LEU A 8 0.20 0.00 -8.86
C LEU A 8 -0.98 -0.36 -7.96
N LEU A 9 -2.14 0.13 -8.30
CA LEU A 9 -3.36 -0.16 -7.51
C LEU A 9 -3.52 -1.67 -7.34
N GLU A 10 -3.75 -2.37 -8.42
CA GLU A 10 -3.92 -3.85 -8.33
C GLU A 10 -2.71 -4.47 -7.61
N ASP A 11 -1.53 -4.09 -8.01
CA ASP A 11 -0.32 -4.67 -7.35
C ASP A 11 -0.27 -4.24 -5.88
N LEU A 12 -0.80 -3.08 -5.57
CA LEU A 12 -0.78 -2.62 -4.16
C LEU A 12 -1.89 -3.33 -3.38
N GLN A 13 -3.12 -3.14 -3.76
CA GLN A 13 -4.24 -3.82 -3.04
C GLN A 13 -3.96 -5.32 -2.99
N GLU A 14 -3.11 -5.80 -3.85
CA GLU A 14 -2.79 -7.26 -3.85
C GLU A 14 -1.95 -7.55 -2.61
N VAL A 15 -0.78 -6.98 -2.51
CA VAL A 15 0.06 -7.23 -1.32
C VAL A 15 -0.84 -7.11 -0.09
N LEU A 16 -1.82 -6.24 -0.16
CA LEU A 16 -2.76 -6.08 0.98
C LEU A 16 -3.58 -7.38 1.08
N LYS A 17 -3.84 -8.00 -0.03
CA LYS A 17 -4.62 -9.27 -0.01
C LYS A 17 -3.71 -10.41 0.42
N HIS A 18 -2.51 -10.46 -0.09
CA HIS A 18 -1.57 -11.54 0.30
C HIS A 18 -1.08 -11.29 1.72
N VAL A 19 -1.55 -10.24 2.33
CA VAL A 19 -1.12 -9.93 3.73
C VAL A 19 -2.35 -9.94 4.65
N ASN A 20 -3.52 -10.13 4.09
CA ASN A 20 -4.74 -10.14 4.94
C ASN A 20 -4.88 -11.50 5.60
N GLN A 21 -4.56 -12.55 4.90
CA GLN A 21 -4.68 -13.91 5.50
C GLN A 21 -3.34 -14.34 6.09
N HIS A 22 -2.26 -13.77 5.62
CA HIS A 22 -0.93 -14.15 6.15
C HIS A 22 -0.51 -13.17 7.25
N TRP A 23 -1.46 -12.60 7.94
CA TRP A 23 -1.11 -11.64 9.03
C TRP A 23 -0.85 -12.40 10.32
N GLN A 24 0.09 -11.94 11.10
CA GLN A 24 0.40 -12.63 12.38
C GLN A 24 0.98 -11.63 13.37
N GLY A 25 1.06 -12.01 14.62
CA GLY A 25 1.62 -11.07 15.64
C GLY A 25 0.55 -10.05 16.04
N GLY A 26 -0.65 -10.50 16.27
CA GLY A 26 -1.74 -9.56 16.66
C GLY A 26 -2.59 -9.22 15.43
N GLN A 27 -3.61 -9.99 15.18
CA GLN A 27 -4.47 -9.71 13.99
C GLN A 27 -5.37 -8.52 14.29
N LYS A 28 -5.11 -7.80 15.34
CA LYS A 28 -5.96 -6.61 15.66
C LYS A 28 -5.50 -5.44 14.82
N ASN A 29 -4.32 -5.52 14.27
CA ASN A 29 -3.81 -4.41 13.42
C ASN A 29 -4.28 -4.64 11.98
N MET A 30 -4.76 -5.83 11.70
CA MET A 30 -5.24 -6.13 10.32
C MET A 30 -6.36 -5.17 9.95
N ASN A 31 -7.26 -4.92 10.87
CA ASN A 31 -8.39 -3.98 10.58
C ASN A 31 -7.88 -2.54 10.64
N LYS A 32 -7.10 -2.22 11.63
CA LYS A 32 -6.58 -0.83 11.74
C LYS A 32 -5.76 -0.49 10.49
N VAL A 33 -4.84 -1.34 10.12
CA VAL A 33 -4.03 -1.07 8.91
C VAL A 33 -4.91 -1.15 7.66
N ASP A 34 -5.86 -2.05 7.64
CA ASP A 34 -6.75 -2.16 6.46
C ASP A 34 -7.37 -0.79 6.17
N HIS A 35 -7.94 -0.17 7.16
CA HIS A 35 -8.56 1.18 6.95
C HIS A 35 -7.49 2.14 6.41
N HIS A 36 -6.26 1.99 6.85
CA HIS A 36 -5.18 2.89 6.37
C HIS A 36 -5.01 2.71 4.86
N LEU A 37 -4.73 1.50 4.43
CA LEU A 37 -4.55 1.26 2.97
C LEU A 37 -5.87 1.53 2.24
N GLN A 38 -6.95 0.99 2.75
CA GLN A 38 -8.26 1.21 2.09
C GLN A 38 -8.38 2.68 1.68
N ASN A 39 -7.88 3.57 2.50
CA ASN A 39 -7.96 5.02 2.15
C ASN A 39 -6.92 5.34 1.08
N VAL A 40 -5.78 4.73 1.14
CA VAL A 40 -4.73 5.00 0.11
C VAL A 40 -5.14 4.36 -1.21
N ILE A 41 -5.27 3.05 -1.24
CA ILE A 41 -5.67 2.38 -2.51
C ILE A 41 -6.70 3.26 -3.23
N GLU A 42 -7.55 3.91 -2.50
CA GLU A 42 -8.57 4.78 -3.14
C GLU A 42 -7.86 5.98 -3.77
N ASP A 43 -6.84 6.48 -3.15
CA ASP A 43 -6.11 7.64 -3.73
C ASP A 43 -5.58 7.25 -5.11
N ILE A 44 -4.92 6.13 -5.21
CA ILE A 44 -4.40 5.69 -6.53
C ILE A 44 -5.56 5.64 -7.53
N HIS A 45 -6.62 4.98 -7.19
CA HIS A 45 -7.78 4.90 -8.11
C HIS A 45 -8.15 6.31 -8.54
N ASP A 46 -7.93 7.27 -7.70
CA ASP A 46 -8.27 8.68 -8.05
C ASP A 46 -7.11 9.31 -8.83
N PHE A 47 -5.99 8.64 -8.92
CA PHE A 47 -4.83 9.22 -9.65
C PHE A 47 -5.07 9.09 -11.16
N MET A 48 -5.82 8.10 -11.57
CA MET A 48 -6.08 7.93 -13.03
C MET A 48 -7.10 8.96 -13.49
N GLN A 49 -8.12 9.21 -12.70
CA GLN A 49 -9.14 10.21 -13.10
C GLN A 49 -8.71 11.59 -12.63
N GLY A 50 -8.09 11.67 -11.49
CA GLY A 50 -7.64 13.00 -10.98
C GLY A 50 -6.92 13.75 -12.10
N GLY A 51 -6.71 13.10 -13.22
CA GLY A 51 -6.02 13.78 -14.36
C GLY A 51 -4.51 13.79 -14.11
N GLY A 52 -4.10 14.11 -12.91
CA GLY A 52 -2.64 14.13 -12.61
C GLY A 52 -2.40 14.98 -11.37
N SER A 53 -3.12 14.72 -10.32
CA SER A 53 -2.94 15.52 -9.08
C SER A 53 -1.82 14.92 -8.23
N GLY A 54 -0.61 14.94 -8.73
CA GLY A 54 0.52 14.37 -7.95
C GLY A 54 0.49 14.93 -6.53
N GLY A 55 -0.40 15.85 -6.28
CA GLY A 55 -0.51 16.44 -4.91
C GLY A 55 -1.45 15.58 -4.07
N LYS A 56 -2.51 15.09 -4.66
CA LYS A 56 -3.46 14.25 -3.89
C LYS A 56 -2.74 12.99 -3.43
N LEU A 57 -1.60 12.72 -4.00
CA LEU A 57 -0.83 11.51 -3.61
C LEU A 57 -0.01 11.83 -2.35
N GLN A 58 0.86 12.80 -2.44
CA GLN A 58 1.69 13.14 -1.25
C GLN A 58 0.78 13.24 -0.02
N GLU A 59 -0.50 13.18 -0.22
CA GLU A 59 -1.44 13.24 0.93
C GLU A 59 -1.56 11.85 1.55
N MET A 60 -1.92 10.87 0.77
CA MET A 60 -2.03 9.49 1.32
C MET A 60 -0.62 8.96 1.62
N MET A 61 0.38 9.66 1.15
CA MET A 61 1.78 9.22 1.40
C MET A 61 1.94 8.93 2.90
N LYS A 62 1.54 9.83 3.73
CA LYS A 62 1.66 9.61 5.20
C LYS A 62 0.90 8.33 5.57
N GLU A 63 -0.18 8.07 4.90
CA GLU A 63 -0.96 6.84 5.20
C GLU A 63 -0.24 5.64 4.61
N PHE A 64 0.40 5.81 3.48
CA PHE A 64 1.14 4.68 2.85
C PHE A 64 2.35 4.33 3.71
N GLN A 65 3.23 5.27 3.92
CA GLN A 65 4.44 4.99 4.75
C GLN A 65 4.02 4.66 6.18
N GLN A 66 2.76 4.80 6.49
CA GLN A 66 2.30 4.48 7.87
C GLN A 66 2.12 2.98 7.97
N VAL A 67 1.69 2.37 6.90
CA VAL A 67 1.49 0.89 6.90
C VAL A 67 2.84 0.23 6.63
N LEU A 68 3.64 0.82 5.78
CA LEU A 68 4.96 0.23 5.47
C LEU A 68 5.72 -0.02 6.77
N ASP A 69 5.70 0.93 7.68
CA ASP A 69 6.41 0.75 8.97
C ASP A 69 5.52 -0.03 9.94
N GLU A 70 4.28 -0.26 9.57
CA GLU A 70 3.36 -1.01 10.46
C GLU A 70 3.55 -2.52 10.26
N ILE A 71 3.15 -3.02 9.12
CA ILE A 71 3.31 -4.48 8.89
C ILE A 71 4.75 -4.89 9.18
N LYS A 72 5.70 -4.06 8.81
CA LYS A 72 7.13 -4.39 9.07
C LYS A 72 7.25 -4.90 10.51
N GLN A 73 6.52 -4.31 11.42
CA GLN A 73 6.59 -4.75 12.84
C GLN A 73 5.99 -6.15 12.95
N GLN A 74 4.94 -6.41 12.23
CA GLN A 74 4.30 -7.76 12.29
C GLN A 74 5.37 -8.83 12.07
N LEU A 75 6.39 -8.50 11.33
CA LEU A 75 7.48 -9.48 11.07
C LEU A 75 8.22 -9.78 12.37
N GLN A 76 7.52 -9.80 13.47
CA GLN A 76 8.19 -10.09 14.78
C GLN A 76 8.44 -11.59 14.91
N GLY A 77 8.06 -12.35 13.92
CA GLY A 77 8.27 -13.83 13.99
C GLY A 77 6.93 -14.55 13.93
N GLY A 78 6.43 -14.77 12.75
CA GLY A 78 5.11 -15.48 12.63
C GLY A 78 4.60 -15.36 11.19
N ASP A 79 4.57 -14.17 10.66
CA ASP A 79 4.07 -13.99 9.27
C ASP A 79 5.25 -14.06 8.29
N ASN A 80 5.98 -15.13 8.30
CA ASN A 80 7.15 -15.25 7.38
C ASN A 80 6.69 -15.01 5.95
N SER A 81 5.40 -14.82 5.75
CA SER A 81 4.89 -14.55 4.39
C SER A 81 5.05 -13.05 4.12
N LEU A 82 4.65 -12.24 5.07
CA LEU A 82 4.81 -10.78 4.90
C LEU A 82 6.26 -10.50 4.55
N HIS A 83 7.16 -11.23 5.17
CA HIS A 83 8.60 -11.04 4.88
C HIS A 83 8.78 -10.93 3.37
N ASN A 84 7.89 -11.53 2.62
CA ASN A 84 8.00 -11.47 1.14
C ASN A 84 6.96 -10.48 0.61
N VAL A 85 5.84 -10.35 1.27
CA VAL A 85 4.80 -9.41 0.81
C VAL A 85 5.09 -8.01 1.37
N HIS A 86 5.38 -7.91 2.64
CA HIS A 86 5.69 -6.58 3.23
C HIS A 86 6.76 -5.90 2.39
N GLU A 87 7.59 -6.67 1.74
CA GLU A 87 8.66 -6.08 0.90
C GLU A 87 8.03 -5.43 -0.33
N ASN A 88 6.81 -5.79 -0.63
CA ASN A 88 6.12 -5.20 -1.81
C ASN A 88 5.88 -3.72 -1.58
N ILE A 89 5.10 -3.38 -0.59
CA ILE A 89 4.83 -1.94 -0.31
C ILE A 89 6.12 -1.14 -0.53
N LYS A 90 7.20 -1.58 0.06
CA LYS A 90 8.48 -0.84 -0.09
C LYS A 90 8.64 -0.38 -1.55
N GLU A 91 8.76 -1.31 -2.47
CA GLU A 91 8.92 -0.92 -3.89
C GLU A 91 7.58 -0.45 -4.46
N ILE A 92 6.52 -1.16 -4.15
CA ILE A 92 5.18 -0.76 -4.66
C ILE A 92 4.88 0.69 -4.26
N PHE A 93 4.89 0.97 -2.99
CA PHE A 93 4.59 2.35 -2.52
C PHE A 93 5.51 3.35 -3.22
N HIS A 94 6.78 3.11 -3.22
CA HIS A 94 7.72 4.07 -3.89
C HIS A 94 7.56 3.97 -5.41
N HIS A 95 6.64 3.16 -5.87
CA HIS A 95 6.45 3.03 -7.34
C HIS A 95 5.42 4.07 -7.78
N LEU A 96 4.54 4.45 -6.90
CA LEU A 96 3.51 5.47 -7.27
C LEU A 96 4.17 6.85 -7.31
N GLU A 97 4.85 7.22 -6.26
CA GLU A 97 5.52 8.54 -6.24
C GLU A 97 6.33 8.71 -7.52
N GLU A 98 6.44 7.67 -8.30
CA GLU A 98 7.21 7.77 -9.57
C GLU A 98 6.26 8.19 -10.70
N LEU A 99 5.10 7.61 -10.77
CA LEU A 99 4.16 7.99 -11.84
C LEU A 99 3.83 9.48 -11.70
N VAL A 100 4.30 10.08 -10.64
CA VAL A 100 4.04 11.53 -10.42
C VAL A 100 5.36 12.29 -10.44
N HIS A 101 6.45 11.59 -10.28
CA HIS A 101 7.77 12.25 -10.29
C HIS A 101 8.16 12.64 -11.72
N ARG A 102 7.21 12.74 -12.60
CA ARG A 102 7.53 13.10 -14.01
C ARG A 102 6.95 14.49 -14.32
N MET A 1 -4.98 9.36 -19.74
CA MET A 1 -5.20 8.36 -18.66
C MET A 1 -4.30 7.14 -18.90
N TYR A 2 -3.03 7.27 -18.59
CA TYR A 2 -2.10 6.13 -18.80
C TYR A 2 -2.83 4.82 -18.50
N GLY A 3 -2.87 4.43 -17.25
CA GLY A 3 -3.56 3.16 -16.89
C GLY A 3 -2.60 2.30 -16.06
N LYS A 4 -1.41 2.76 -15.83
CA LYS A 4 -0.44 1.97 -15.04
C LYS A 4 -0.90 1.92 -13.58
N LEU A 5 -1.62 2.91 -13.13
CA LEU A 5 -2.10 2.91 -11.73
C LEU A 5 -2.70 1.54 -11.42
N ASN A 6 -3.71 1.13 -12.14
CA ASN A 6 -4.31 -0.20 -11.87
C ASN A 6 -3.16 -1.17 -11.57
N ASP A 7 -2.05 -0.99 -12.21
CA ASP A 7 -0.88 -1.87 -11.95
C ASP A 7 -0.37 -1.56 -10.55
N LEU A 8 -0.30 -0.30 -10.21
CA LEU A 8 0.16 0.09 -8.85
C LEU A 8 -0.99 -0.18 -7.87
N LEU A 9 -2.13 0.38 -8.17
CA LEU A 9 -3.32 0.18 -7.30
C LEU A 9 -3.58 -1.32 -7.13
N GLU A 10 -3.90 -2.00 -8.19
CA GLU A 10 -4.17 -3.46 -8.10
C GLU A 10 -3.02 -4.15 -7.36
N ASP A 11 -1.80 -3.85 -7.72
CA ASP A 11 -0.66 -4.49 -7.03
C ASP A 11 -0.69 -4.14 -5.54
N LEU A 12 -0.93 -2.91 -5.21
CA LEU A 12 -0.97 -2.52 -3.77
C LEU A 12 -2.06 -3.32 -3.06
N GLN A 13 -3.28 -3.24 -3.52
CA GLN A 13 -4.38 -4.00 -2.85
C GLN A 13 -4.07 -5.49 -2.90
N GLU A 14 -3.27 -5.92 -3.85
CA GLU A 14 -2.93 -7.37 -3.92
C GLU A 14 -2.04 -7.72 -2.73
N VAL A 15 -0.89 -7.12 -2.64
CA VAL A 15 -0.01 -7.42 -1.47
C VAL A 15 -0.87 -7.38 -0.21
N LEU A 16 -1.80 -6.47 -0.17
CA LEU A 16 -2.70 -6.36 1.02
C LEU A 16 -3.52 -7.65 1.11
N LYS A 17 -3.76 -8.29 0.00
CA LYS A 17 -4.55 -9.55 0.02
C LYS A 17 -3.64 -10.70 0.48
N HIS A 18 -2.51 -10.87 -0.15
CA HIS A 18 -1.59 -11.96 0.26
C HIS A 18 -1.08 -11.68 1.67
N VAL A 19 -1.53 -10.61 2.27
CA VAL A 19 -1.08 -10.27 3.64
C VAL A 19 -2.23 -10.51 4.63
N ASN A 20 -3.45 -10.43 4.17
CA ASN A 20 -4.61 -10.64 5.08
C ASN A 20 -4.57 -12.06 5.65
N GLN A 21 -4.18 -13.02 4.86
CA GLN A 21 -4.13 -14.42 5.36
C GLN A 21 -2.74 -14.72 5.92
N HIS A 22 -1.80 -13.82 5.72
CA HIS A 22 -0.42 -14.04 6.24
C HIS A 22 -0.14 -13.06 7.37
N TRP A 23 -1.15 -12.41 7.88
CA TRP A 23 -0.92 -11.44 8.99
C TRP A 23 -0.58 -12.20 10.27
N GLN A 24 0.34 -11.70 11.03
CA GLN A 24 0.71 -12.39 12.30
C GLN A 24 1.24 -11.36 13.31
N GLY A 25 1.10 -11.64 14.57
CA GLY A 25 1.61 -10.68 15.60
C GLY A 25 0.51 -9.65 15.93
N GLY A 26 -0.67 -10.11 16.24
CA GLY A 26 -1.77 -9.16 16.57
C GLY A 26 -2.82 -9.18 15.46
N GLN A 27 -3.79 -10.03 15.58
CA GLN A 27 -4.85 -10.09 14.53
C GLN A 27 -5.78 -8.88 14.67
N LYS A 28 -5.43 -7.95 15.51
CA LYS A 28 -6.29 -6.75 15.69
C LYS A 28 -5.88 -5.67 14.70
N ASN A 29 -4.63 -5.64 14.33
CA ASN A 29 -4.16 -4.61 13.36
C ASN A 29 -4.83 -4.84 12.01
N MET A 30 -4.92 -6.07 11.58
CA MET A 30 -5.57 -6.35 10.27
C MET A 30 -6.85 -5.51 10.14
N ASN A 31 -7.41 -5.10 11.24
CA ASN A 31 -8.65 -4.29 11.20
C ASN A 31 -8.29 -2.81 11.18
N LYS A 32 -7.34 -2.40 11.99
CA LYS A 32 -6.94 -0.97 12.01
C LYS A 32 -6.11 -0.65 10.78
N VAL A 33 -5.42 -1.63 10.24
CA VAL A 33 -4.60 -1.38 9.03
C VAL A 33 -5.49 -1.41 7.79
N ASP A 34 -6.28 -2.44 7.64
CA ASP A 34 -7.18 -2.51 6.46
C ASP A 34 -7.74 -1.12 6.18
N HIS A 35 -7.92 -0.34 7.21
CA HIS A 35 -8.45 1.05 7.02
C HIS A 35 -7.31 1.95 6.56
N HIS A 36 -6.12 1.67 6.98
CA HIS A 36 -4.95 2.51 6.57
C HIS A 36 -4.77 2.39 5.06
N LEU A 37 -4.83 1.21 4.53
CA LEU A 37 -4.66 1.04 3.06
C LEU A 37 -5.95 1.44 2.36
N GLN A 38 -7.06 0.87 2.76
CA GLN A 38 -8.35 1.23 2.11
C GLN A 38 -8.35 2.74 1.84
N ASN A 39 -7.63 3.49 2.63
CA ASN A 39 -7.57 4.96 2.43
C ASN A 39 -6.58 5.27 1.29
N VAL A 40 -5.51 4.53 1.22
CA VAL A 40 -4.52 4.76 0.14
C VAL A 40 -5.06 4.20 -1.16
N ILE A 41 -5.14 2.89 -1.28
CA ILE A 41 -5.67 2.27 -2.52
C ILE A 41 -6.75 3.18 -3.11
N GLU A 42 -7.46 3.90 -2.28
CA GLU A 42 -8.53 4.81 -2.80
C GLU A 42 -7.88 6.07 -3.39
N ASP A 43 -6.83 6.54 -2.79
CA ASP A 43 -6.16 7.76 -3.33
C ASP A 43 -5.56 7.44 -4.69
N ILE A 44 -5.14 6.22 -4.89
CA ILE A 44 -4.55 5.84 -6.20
C ILE A 44 -5.66 5.83 -7.26
N HIS A 45 -6.78 5.24 -6.94
CA HIS A 45 -7.90 5.21 -7.91
C HIS A 45 -8.24 6.65 -8.31
N ASP A 46 -8.00 7.58 -7.44
CA ASP A 46 -8.29 9.00 -7.76
C ASP A 46 -7.13 9.61 -8.55
N PHE A 47 -6.07 8.86 -8.73
CA PHE A 47 -4.90 9.40 -9.48
C PHE A 47 -5.20 9.32 -10.97
N MET A 48 -5.88 8.28 -11.40
CA MET A 48 -6.21 8.16 -12.84
C MET A 48 -7.06 9.35 -13.28
N GLN A 49 -8.17 9.56 -12.65
CA GLN A 49 -9.03 10.72 -13.04
C GLN A 49 -8.34 12.02 -12.66
N GLY A 50 -7.67 12.04 -11.55
CA GLY A 50 -6.96 13.29 -11.13
C GLY A 50 -6.14 13.82 -12.30
N GLY A 51 -6.10 13.09 -13.39
CA GLY A 51 -5.31 13.55 -14.56
C GLY A 51 -3.82 13.54 -14.23
N GLY A 52 -3.47 13.90 -13.03
CA GLY A 52 -2.03 13.91 -12.63
C GLY A 52 -1.85 14.80 -11.42
N SER A 53 -2.78 14.75 -10.50
CA SER A 53 -2.67 15.61 -9.28
C SER A 53 -1.60 15.04 -8.36
N GLY A 54 -0.35 15.24 -8.68
CA GLY A 54 0.74 14.71 -7.82
C GLY A 54 0.51 15.18 -6.38
N GLY A 55 -0.47 16.03 -6.17
CA GLY A 55 -0.74 16.52 -4.80
C GLY A 55 -1.66 15.53 -4.09
N LYS A 56 -2.55 14.92 -4.82
CA LYS A 56 -3.48 13.93 -4.19
C LYS A 56 -2.67 12.71 -3.76
N LEU A 57 -1.62 12.41 -4.47
CA LEU A 57 -0.78 11.24 -4.10
C LEU A 57 -0.02 11.56 -2.83
N GLN A 58 0.82 12.56 -2.86
CA GLN A 58 1.59 12.92 -1.65
C GLN A 58 0.64 12.92 -0.45
N GLU A 59 -0.64 12.83 -0.70
CA GLU A 59 -1.62 12.81 0.42
C GLU A 59 -1.61 11.42 1.05
N MET A 60 -1.87 10.40 0.26
CA MET A 60 -1.86 9.01 0.81
C MET A 60 -0.43 8.63 1.14
N MET A 61 0.52 9.40 0.68
CA MET A 61 1.95 9.09 0.97
C MET A 61 2.14 8.96 2.48
N LYS A 62 1.54 9.83 3.24
CA LYS A 62 1.67 9.76 4.71
C LYS A 62 1.03 8.46 5.20
N GLU A 63 -0.14 8.15 4.72
CA GLU A 63 -0.82 6.89 5.14
C GLU A 63 -0.03 5.71 4.59
N PHE A 64 0.47 5.84 3.39
CA PHE A 64 1.26 4.74 2.78
C PHE A 64 2.47 4.43 3.67
N GLN A 65 3.11 5.45 4.18
CA GLN A 65 4.30 5.23 5.05
C GLN A 65 3.84 4.75 6.44
N GLN A 66 2.56 4.81 6.70
CA GLN A 66 2.06 4.35 8.04
C GLN A 66 2.02 2.83 8.02
N VAL A 67 1.48 2.27 6.98
CA VAL A 67 1.40 0.80 6.86
C VAL A 67 2.81 0.24 6.73
N LEU A 68 3.56 0.75 5.78
CA LEU A 68 4.94 0.27 5.58
C LEU A 68 5.65 0.13 6.94
N ASP A 69 5.46 1.09 7.80
CA ASP A 69 6.12 1.02 9.14
C ASP A 69 5.28 0.16 10.08
N GLU A 70 4.01 -0.03 9.79
CA GLU A 70 3.16 -0.85 10.67
C GLU A 70 3.45 -2.34 10.45
N ILE A 71 3.00 -2.88 9.36
CA ILE A 71 3.25 -4.33 9.11
C ILE A 71 4.72 -4.64 9.41
N LYS A 72 5.60 -3.70 9.17
CA LYS A 72 7.05 -3.95 9.44
C LYS A 72 7.18 -4.59 10.82
N GLN A 73 6.43 -4.11 11.78
CA GLN A 73 6.52 -4.70 13.16
C GLN A 73 5.92 -6.11 13.12
N GLN A 74 4.82 -6.29 12.44
CA GLN A 74 4.20 -7.64 12.38
C GLN A 74 5.26 -8.68 11.98
N LEU A 75 6.27 -8.26 11.25
CA LEU A 75 7.32 -9.22 10.83
C LEU A 75 8.08 -9.73 12.06
N GLN A 76 7.41 -9.84 13.18
CA GLN A 76 8.09 -10.33 14.41
C GLN A 76 8.52 -11.78 14.20
N GLY A 77 7.58 -12.69 14.15
CA GLY A 77 7.93 -14.12 13.95
C GLY A 77 6.70 -14.86 13.42
N GLY A 78 6.90 -15.74 12.48
CA GLY A 78 5.73 -16.51 11.93
C GLY A 78 5.18 -15.79 10.69
N ASP A 79 5.36 -14.50 10.61
CA ASP A 79 4.85 -13.76 9.42
C ASP A 79 5.91 -13.73 8.33
N ASN A 80 6.76 -14.73 8.28
CA ASN A 80 7.83 -14.75 7.24
C ASN A 80 7.18 -14.61 5.86
N SER A 81 5.88 -14.67 5.80
CA SER A 81 5.19 -14.51 4.49
C SER A 81 5.14 -13.03 4.16
N LEU A 82 4.83 -12.23 5.15
CA LEU A 82 4.78 -10.77 4.93
C LEU A 82 6.17 -10.31 4.48
N HIS A 83 7.19 -10.83 5.09
CA HIS A 83 8.56 -10.44 4.68
C HIS A 83 8.64 -10.45 3.16
N ASN A 84 7.78 -11.20 2.53
CA ASN A 84 7.78 -11.25 1.05
C ASN A 84 6.71 -10.28 0.50
N VAL A 85 5.62 -10.14 1.20
CA VAL A 85 4.56 -9.21 0.74
C VAL A 85 4.82 -7.83 1.33
N HIS A 86 5.08 -7.75 2.61
CA HIS A 86 5.36 -6.44 3.23
C HIS A 86 6.40 -5.69 2.40
N GLU A 87 7.39 -6.40 1.91
CA GLU A 87 8.44 -5.73 1.09
C GLU A 87 7.78 -5.09 -0.14
N ASN A 88 6.67 -5.64 -0.57
CA ASN A 88 5.98 -5.07 -1.76
C ASN A 88 5.59 -3.62 -1.46
N ILE A 89 4.89 -3.40 -0.37
CA ILE A 89 4.49 -2.00 -0.02
C ILE A 89 5.70 -1.09 -0.19
N LYS A 90 6.86 -1.53 0.21
CA LYS A 90 8.07 -0.67 0.07
C LYS A 90 8.25 -0.28 -1.39
N GLU A 91 8.47 -1.24 -2.25
CA GLU A 91 8.65 -0.93 -3.70
C GLU A 91 7.37 -0.33 -4.26
N ILE A 92 6.25 -0.97 -4.03
CA ILE A 92 4.96 -0.43 -4.55
C ILE A 92 4.85 1.05 -4.17
N PHE A 93 5.58 1.46 -3.19
CA PHE A 93 5.53 2.88 -2.76
C PHE A 93 6.21 3.75 -3.82
N HIS A 94 7.49 3.54 -4.02
CA HIS A 94 8.24 4.35 -5.02
C HIS A 94 7.75 4.01 -6.43
N HIS A 95 6.75 3.18 -6.57
CA HIS A 95 6.26 2.86 -7.93
C HIS A 95 5.15 3.83 -8.30
N LEU A 96 4.58 4.47 -7.32
CA LEU A 96 3.50 5.44 -7.58
C LEU A 96 4.10 6.85 -7.62
N GLU A 97 4.83 7.22 -6.61
CA GLU A 97 5.45 8.57 -6.60
C GLU A 97 6.25 8.74 -7.89
N GLU A 98 6.37 7.69 -8.65
CA GLU A 98 7.12 7.78 -9.94
C GLU A 98 6.14 8.24 -11.03
N LEU A 99 4.96 7.69 -11.03
CA LEU A 99 3.97 8.10 -12.06
C LEU A 99 3.70 9.60 -11.91
N VAL A 100 4.18 10.19 -10.86
CA VAL A 100 3.96 11.64 -10.65
C VAL A 100 5.31 12.39 -10.74
N HIS A 101 6.34 11.81 -10.20
CA HIS A 101 7.66 12.49 -10.26
C HIS A 101 8.08 12.70 -11.71
N ARG A 102 7.74 11.77 -12.57
CA ARG A 102 8.10 11.91 -14.01
C ARG A 102 6.96 11.40 -14.88
N MET A 1 -4.19 9.75 -20.39
CA MET A 1 -4.22 8.90 -19.17
C MET A 1 -3.26 7.72 -19.37
N TYR A 2 -2.38 7.50 -18.44
CA TYR A 2 -1.42 6.36 -18.56
C TYR A 2 -2.18 5.04 -18.40
N GLY A 3 -2.54 4.71 -17.19
CA GLY A 3 -3.28 3.44 -16.96
C GLY A 3 -2.45 2.49 -16.08
N LYS A 4 -1.16 2.73 -16.00
CA LYS A 4 -0.30 1.85 -15.16
C LYS A 4 -0.77 1.92 -13.70
N LEU A 5 -1.40 2.99 -13.31
CA LEU A 5 -1.87 3.08 -11.90
C LEU A 5 -2.64 1.80 -11.56
N ASN A 6 -3.69 1.52 -12.28
CA ASN A 6 -4.46 0.28 -12.00
C ASN A 6 -3.47 -0.83 -11.66
N ASP A 7 -2.32 -0.80 -12.28
CA ASP A 7 -1.30 -1.84 -11.98
C ASP A 7 -0.77 -1.58 -10.56
N LEU A 8 -0.54 -0.33 -10.24
CA LEU A 8 -0.07 0.01 -8.88
C LEU A 8 -1.23 -0.22 -7.91
N LEU A 9 -2.38 0.28 -8.25
CA LEU A 9 -3.58 0.12 -7.38
C LEU A 9 -3.83 -1.37 -7.13
N GLU A 10 -4.17 -2.11 -8.15
CA GLU A 10 -4.45 -3.55 -7.97
C GLU A 10 -3.25 -4.23 -7.31
N ASP A 11 -2.09 -4.11 -7.89
CA ASP A 11 -0.89 -4.76 -7.30
C ASP A 11 -0.76 -4.36 -5.83
N LEU A 12 -1.19 -3.18 -5.48
CA LEU A 12 -1.08 -2.74 -4.07
C LEU A 12 -2.16 -3.42 -3.23
N GLN A 13 -3.40 -3.32 -3.63
CA GLN A 13 -4.48 -3.98 -2.84
C GLN A 13 -4.22 -5.49 -2.79
N GLU A 14 -3.43 -5.99 -3.69
CA GLU A 14 -3.12 -7.45 -3.69
C GLU A 14 -2.21 -7.74 -2.50
N VAL A 15 -1.04 -7.17 -2.48
CA VAL A 15 -0.11 -7.42 -1.34
C VAL A 15 -0.91 -7.28 -0.04
N LEU A 16 -1.88 -6.40 -0.03
CA LEU A 16 -2.72 -6.22 1.19
C LEU A 16 -3.58 -7.47 1.37
N LYS A 17 -3.96 -8.11 0.30
CA LYS A 17 -4.79 -9.34 0.40
C LYS A 17 -3.91 -10.51 0.81
N HIS A 18 -2.87 -10.77 0.06
CA HIS A 18 -1.96 -11.90 0.41
C HIS A 18 -1.36 -11.64 1.80
N VAL A 19 -1.72 -10.54 2.39
CA VAL A 19 -1.18 -10.20 3.74
C VAL A 19 -2.28 -10.39 4.79
N ASN A 20 -3.51 -10.28 4.38
CA ASN A 20 -4.64 -10.44 5.36
C ASN A 20 -4.49 -11.77 6.11
N GLN A 21 -4.39 -12.85 5.39
CA GLN A 21 -4.26 -14.18 6.07
C GLN A 21 -2.82 -14.42 6.51
N HIS A 22 -1.88 -13.80 5.85
CA HIS A 22 -0.45 -14.01 6.23
C HIS A 22 -0.05 -13.01 7.31
N TRP A 23 -1.01 -12.41 7.96
CA TRP A 23 -0.66 -11.42 9.02
C TRP A 23 -0.35 -12.15 10.32
N GLN A 24 0.48 -11.58 11.14
CA GLN A 24 0.84 -12.24 12.43
C GLN A 24 1.19 -11.18 13.47
N GLY A 25 1.86 -11.57 14.53
CA GLY A 25 2.25 -10.58 15.57
C GLY A 25 1.12 -9.57 15.76
N GLY A 26 -0.08 -10.03 16.00
CA GLY A 26 -1.21 -9.10 16.19
C GLY A 26 -2.16 -9.19 14.99
N GLN A 27 -3.17 -10.01 15.08
CA GLN A 27 -4.11 -10.15 13.94
C GLN A 27 -5.15 -9.02 13.99
N LYS A 28 -5.13 -8.23 15.04
CA LYS A 28 -6.10 -7.12 15.14
C LYS A 28 -5.62 -5.96 14.25
N ASN A 29 -4.34 -5.87 14.03
CA ASN A 29 -3.81 -4.79 13.18
C ASN A 29 -4.42 -4.90 11.77
N MET A 30 -4.71 -6.10 11.35
CA MET A 30 -5.32 -6.28 10.00
C MET A 30 -6.51 -5.34 9.85
N ASN A 31 -7.21 -5.07 10.91
CA ASN A 31 -8.39 -4.16 10.82
C ASN A 31 -7.92 -2.71 10.91
N LYS A 32 -7.13 -2.38 11.90
CA LYS A 32 -6.63 -0.99 12.03
C LYS A 32 -5.84 -0.60 10.78
N VAL A 33 -5.09 -1.52 10.23
CA VAL A 33 -4.30 -1.20 9.02
C VAL A 33 -5.19 -1.28 7.78
N ASP A 34 -6.13 -2.20 7.80
CA ASP A 34 -7.04 -2.33 6.62
C ASP A 34 -7.70 -0.99 6.32
N HIS A 35 -8.12 -0.28 7.33
CA HIS A 35 -8.76 1.04 7.10
C HIS A 35 -7.72 2.03 6.58
N HIS A 36 -6.51 1.92 7.04
CA HIS A 36 -5.43 2.85 6.58
C HIS A 36 -5.26 2.71 5.07
N LEU A 37 -5.15 1.50 4.57
CA LEU A 37 -4.96 1.31 3.11
C LEU A 37 -6.28 1.61 2.37
N GLN A 38 -7.33 0.91 2.73
CA GLN A 38 -8.64 1.15 2.04
C GLN A 38 -8.78 2.62 1.69
N ASN A 39 -8.14 3.48 2.44
CA ASN A 39 -8.23 4.94 2.15
C ASN A 39 -7.22 5.30 1.05
N VAL A 40 -6.05 4.74 1.12
CA VAL A 40 -5.02 5.04 0.09
C VAL A 40 -5.45 4.43 -1.25
N ILE A 41 -5.51 3.13 -1.33
CA ILE A 41 -5.93 2.48 -2.60
C ILE A 41 -7.01 3.33 -3.26
N GLU A 42 -7.72 4.11 -2.49
CA GLU A 42 -8.78 4.97 -3.07
C GLU A 42 -8.12 6.18 -3.75
N ASP A 43 -7.09 6.71 -3.16
CA ASP A 43 -6.40 7.87 -3.80
C ASP A 43 -5.87 7.44 -5.16
N ILE A 44 -5.19 6.33 -5.19
CA ILE A 44 -4.65 5.82 -6.47
C ILE A 44 -5.75 5.83 -7.53
N HIS A 45 -6.90 5.29 -7.19
CA HIS A 45 -8.02 5.28 -8.17
C HIS A 45 -8.25 6.70 -8.68
N ASP A 46 -8.04 7.68 -7.84
CA ASP A 46 -8.26 9.10 -8.26
C ASP A 46 -7.03 9.60 -9.02
N PHE A 47 -5.99 8.82 -9.10
CA PHE A 47 -4.78 9.27 -9.84
C PHE A 47 -5.00 9.04 -11.33
N MET A 48 -5.89 8.15 -11.67
CA MET A 48 -6.17 7.86 -13.11
C MET A 48 -7.05 8.98 -13.69
N GLN A 49 -7.90 9.55 -12.89
CA GLN A 49 -8.79 10.63 -13.41
C GLN A 49 -8.17 11.99 -13.12
N GLY A 50 -7.62 12.17 -11.95
CA GLY A 50 -6.99 13.48 -11.62
C GLY A 50 -6.10 13.92 -12.78
N GLY A 51 -5.90 13.06 -13.75
CA GLY A 51 -5.05 13.43 -14.90
C GLY A 51 -3.68 13.92 -14.41
N GLY A 52 -3.46 13.91 -13.13
CA GLY A 52 -2.15 14.38 -12.60
C GLY A 52 -2.37 15.12 -11.27
N SER A 53 -2.50 14.40 -10.20
CA SER A 53 -2.73 15.05 -8.88
C SER A 53 -1.57 14.71 -7.94
N GLY A 54 -0.36 14.85 -8.39
CA GLY A 54 0.80 14.54 -7.51
C GLY A 54 0.56 15.15 -6.13
N GLY A 55 -0.43 15.97 -5.99
CA GLY A 55 -0.73 16.58 -4.67
C GLY A 55 -1.70 15.69 -3.91
N LYS A 56 -2.61 15.05 -4.60
CA LYS A 56 -3.58 14.16 -3.91
C LYS A 56 -2.85 12.89 -3.48
N LEU A 57 -1.74 12.60 -4.10
CA LEU A 57 -0.97 11.38 -3.72
C LEU A 57 -0.08 11.71 -2.52
N GLN A 58 0.75 12.70 -2.63
CA GLN A 58 1.63 13.06 -1.48
C GLN A 58 0.78 13.19 -0.23
N GLU A 59 -0.52 13.11 -0.38
CA GLU A 59 -1.41 13.22 0.80
C GLU A 59 -1.55 11.84 1.45
N MET A 60 -1.88 10.84 0.68
CA MET A 60 -2.01 9.47 1.25
C MET A 60 -0.63 8.89 1.51
N MET A 61 0.37 9.40 0.83
CA MET A 61 1.74 8.88 1.04
C MET A 61 1.99 8.74 2.55
N LYS A 62 1.56 9.72 3.31
CA LYS A 62 1.73 9.64 4.79
C LYS A 62 0.98 8.41 5.29
N GLU A 63 -0.19 8.18 4.77
CA GLU A 63 -0.97 6.99 5.20
C GLU A 63 -0.32 5.74 4.62
N PHE A 64 0.17 5.83 3.42
CA PHE A 64 0.85 4.65 2.80
C PHE A 64 2.03 4.25 3.70
N GLN A 65 2.90 5.19 3.99
CA GLN A 65 4.07 4.90 4.86
C GLN A 65 3.62 4.57 6.29
N GLN A 66 2.37 4.82 6.59
CA GLN A 66 1.89 4.52 7.97
C GLN A 66 1.63 3.02 8.09
N VAL A 67 1.36 2.39 6.99
CA VAL A 67 1.12 0.93 7.01
C VAL A 67 2.46 0.22 6.84
N LEU A 68 3.24 0.70 5.90
CA LEU A 68 4.57 0.07 5.66
C LEU A 68 5.30 -0.12 6.98
N ASP A 69 5.35 0.89 7.80
CA ASP A 69 6.05 0.77 9.11
C ASP A 69 5.23 -0.11 10.06
N GLU A 70 3.93 -0.14 9.89
CA GLU A 70 3.10 -0.99 10.79
C GLU A 70 3.36 -2.46 10.51
N ILE A 71 3.28 -2.87 9.27
CA ILE A 71 3.54 -4.30 8.95
C ILE A 71 5.01 -4.62 9.22
N LYS A 72 5.90 -3.78 8.78
CA LYS A 72 7.36 -4.03 9.03
C LYS A 72 7.54 -4.56 10.46
N GLN A 73 6.80 -4.05 11.39
CA GLN A 73 6.93 -4.52 12.80
C GLN A 73 6.40 -5.95 12.91
N GLN A 74 5.33 -6.25 12.24
CA GLN A 74 4.76 -7.62 12.30
C GLN A 74 5.81 -8.65 11.88
N LEU A 75 6.80 -8.24 11.14
CA LEU A 75 7.85 -9.20 10.71
C LEU A 75 8.65 -9.71 11.92
N GLN A 76 8.09 -9.58 13.09
CA GLN A 76 8.83 -10.06 14.30
C GLN A 76 9.07 -11.57 14.18
N GLY A 77 8.04 -12.35 14.26
CA GLY A 77 8.22 -13.82 14.16
C GLY A 77 6.86 -14.49 13.94
N GLY A 78 6.70 -15.21 12.86
CA GLY A 78 5.40 -15.88 12.59
C GLY A 78 4.79 -15.32 11.30
N ASP A 79 5.32 -14.23 10.81
CA ASP A 79 4.78 -13.63 9.55
C ASP A 79 5.86 -13.69 8.46
N ASN A 80 6.74 -14.65 8.53
CA ASN A 80 7.80 -14.73 7.49
C ASN A 80 7.16 -14.68 6.11
N SER A 81 5.86 -14.68 6.07
CA SER A 81 5.16 -14.60 4.76
C SER A 81 5.15 -13.15 4.32
N LEU A 82 4.89 -12.26 5.25
CA LEU A 82 4.90 -10.82 4.91
C LEU A 82 6.28 -10.47 4.34
N HIS A 83 7.30 -11.02 4.94
CA HIS A 83 8.67 -10.74 4.44
C HIS A 83 8.66 -10.85 2.92
N ASN A 84 7.73 -11.60 2.38
CA ASN A 84 7.64 -11.74 0.90
C ASN A 84 6.62 -10.75 0.37
N VAL A 85 5.58 -10.49 1.11
CA VAL A 85 4.55 -9.53 0.63
C VAL A 85 4.88 -8.13 1.16
N HIS A 86 5.19 -8.02 2.43
CA HIS A 86 5.54 -6.70 3.00
C HIS A 86 6.64 -6.07 2.15
N GLU A 87 7.46 -6.88 1.55
CA GLU A 87 8.55 -6.35 0.70
C GLU A 87 7.94 -5.62 -0.51
N ASN A 88 6.68 -5.87 -0.77
CA ASN A 88 6.02 -5.21 -1.93
C ASN A 88 5.78 -3.73 -1.60
N ILE A 89 4.92 -3.45 -0.67
CA ILE A 89 4.64 -2.02 -0.30
C ILE A 89 5.92 -1.21 -0.46
N LYS A 90 6.99 -1.62 0.17
CA LYS A 90 8.27 -0.88 0.05
C LYS A 90 8.49 -0.44 -1.40
N GLU A 91 8.31 -1.34 -2.33
CA GLU A 91 8.51 -0.97 -3.76
C GLU A 91 7.17 -0.51 -4.35
N ILE A 92 6.11 -1.21 -4.03
CA ILE A 92 4.78 -0.82 -4.57
C ILE A 92 4.46 0.61 -4.14
N PHE A 93 4.60 0.90 -2.89
CA PHE A 93 4.29 2.27 -2.39
C PHE A 93 5.23 3.29 -3.03
N HIS A 94 6.50 2.97 -3.15
CA HIS A 94 7.44 3.93 -3.77
C HIS A 94 7.37 3.82 -5.29
N HIS A 95 6.53 2.96 -5.78
CA HIS A 95 6.40 2.80 -7.26
C HIS A 95 5.40 3.82 -7.79
N LEU A 96 4.44 4.19 -6.98
CA LEU A 96 3.43 5.18 -7.43
C LEU A 96 4.06 6.57 -7.43
N GLU A 97 4.62 6.99 -6.33
CA GLU A 97 5.27 8.33 -6.31
C GLU A 97 6.22 8.42 -7.51
N GLU A 98 6.38 7.34 -8.22
CA GLU A 98 7.27 7.35 -9.41
C GLU A 98 6.46 7.75 -10.64
N LEU A 99 5.24 7.29 -10.74
CA LEU A 99 4.42 7.66 -11.92
C LEU A 99 4.04 9.13 -11.81
N VAL A 100 4.45 9.77 -10.75
CA VAL A 100 4.13 11.21 -10.56
C VAL A 100 5.43 12.03 -10.54
N HIS A 101 6.51 11.42 -10.19
CA HIS A 101 7.81 12.16 -10.13
C HIS A 101 8.27 12.47 -11.55
N ARG A 102 7.38 12.46 -12.51
CA ARG A 102 7.79 12.76 -13.90
C ARG A 102 6.82 13.78 -14.51
N MET A 1 -4.16 9.69 -19.98
CA MET A 1 -4.38 8.82 -18.80
C MET A 1 -3.57 7.53 -18.95
N TYR A 2 -2.31 7.58 -18.61
CA TYR A 2 -1.46 6.35 -18.75
C TYR A 2 -2.28 5.11 -18.40
N GLY A 3 -2.70 4.98 -17.18
CA GLY A 3 -3.51 3.80 -16.77
C GLY A 3 -2.63 2.81 -15.99
N LYS A 4 -1.36 3.06 -15.94
CA LYS A 4 -0.45 2.15 -15.18
C LYS A 4 -0.90 2.07 -13.74
N LEU A 5 -1.43 3.14 -13.20
CA LEU A 5 -1.89 3.10 -11.79
C LEU A 5 -2.54 1.74 -11.53
N ASN A 6 -3.47 1.35 -12.34
CA ASN A 6 -4.11 0.03 -12.13
C ASN A 6 -3.02 -0.97 -11.75
N ASP A 7 -1.91 -0.95 -12.46
CA ASP A 7 -0.81 -1.88 -12.12
C ASP A 7 -0.40 -1.62 -10.67
N LEU A 8 -0.44 -0.39 -10.26
CA LEU A 8 -0.07 -0.05 -8.86
C LEU A 8 -1.26 -0.39 -7.96
N LEU A 9 -2.41 0.13 -8.30
CA LEU A 9 -3.64 -0.11 -7.51
C LEU A 9 -3.83 -1.61 -7.29
N GLU A 10 -3.91 -2.37 -8.36
CA GLU A 10 -4.12 -3.84 -8.20
C GLU A 10 -3.02 -4.45 -7.35
N ASP A 11 -1.78 -4.27 -7.74
CA ASP A 11 -0.66 -4.86 -6.96
C ASP A 11 -0.70 -4.36 -5.52
N LEU A 12 -1.06 -3.13 -5.31
CA LEU A 12 -1.11 -2.58 -3.92
C LEU A 12 -2.29 -3.18 -3.16
N GLN A 13 -3.43 -3.31 -3.79
CA GLN A 13 -4.61 -3.88 -3.08
C GLN A 13 -4.48 -5.41 -2.97
N GLU A 14 -3.44 -5.97 -3.53
CA GLU A 14 -3.27 -7.44 -3.45
C GLU A 14 -2.36 -7.77 -2.26
N VAL A 15 -1.23 -7.12 -2.16
CA VAL A 15 -0.32 -7.39 -1.02
C VAL A 15 -1.15 -7.44 0.26
N LEU A 16 -2.24 -6.70 0.31
CA LEU A 16 -3.09 -6.72 1.53
C LEU A 16 -3.98 -7.97 1.50
N LYS A 17 -4.22 -8.51 0.34
CA LYS A 17 -5.08 -9.73 0.25
C LYS A 17 -4.26 -10.96 0.68
N HIS A 18 -3.08 -11.12 0.15
CA HIS A 18 -2.25 -12.29 0.53
C HIS A 18 -1.62 -12.05 1.91
N VAL A 19 -1.91 -10.92 2.50
CA VAL A 19 -1.33 -10.62 3.84
C VAL A 19 -2.45 -10.62 4.88
N ASN A 20 -3.65 -10.28 4.48
CA ASN A 20 -4.78 -10.26 5.44
C ASN A 20 -4.87 -11.59 6.18
N GLN A 21 -4.54 -12.67 5.53
CA GLN A 21 -4.61 -13.99 6.20
C GLN A 21 -3.25 -14.37 6.81
N HIS A 22 -2.18 -13.95 6.20
CA HIS A 22 -0.83 -14.30 6.74
C HIS A 22 -0.35 -13.20 7.69
N TRP A 23 -1.24 -12.67 8.50
CA TRP A 23 -0.83 -11.60 9.44
C TRP A 23 -0.40 -12.21 10.77
N GLN A 24 0.58 -11.64 11.42
CA GLN A 24 1.04 -12.20 12.72
C GLN A 24 1.64 -11.07 13.58
N GLY A 25 1.52 -11.17 14.87
CA GLY A 25 2.08 -10.11 15.76
C GLY A 25 0.97 -9.16 16.20
N GLY A 26 -0.26 -9.55 16.02
CA GLY A 26 -1.39 -8.66 16.43
C GLY A 26 -2.51 -8.73 15.40
N GLN A 27 -3.42 -9.66 15.56
CA GLN A 27 -4.54 -9.79 14.60
C GLN A 27 -5.44 -8.54 14.69
N LYS A 28 -5.03 -7.56 15.45
CA LYS A 28 -5.85 -6.33 15.59
C LYS A 28 -5.43 -5.33 14.50
N ASN A 29 -4.23 -5.42 14.02
CA ASN A 29 -3.77 -4.48 12.96
C ASN A 29 -4.35 -4.89 11.62
N MET A 30 -4.31 -6.16 11.31
CA MET A 30 -4.87 -6.64 10.01
C MET A 30 -6.08 -5.79 9.64
N ASN A 31 -6.79 -5.27 10.60
CA ASN A 31 -7.98 -4.44 10.29
C ASN A 31 -7.57 -2.97 10.20
N LYS A 32 -7.02 -2.43 11.26
CA LYS A 32 -6.60 -1.00 11.22
C LYS A 32 -5.77 -0.74 9.96
N VAL A 33 -4.98 -1.70 9.54
CA VAL A 33 -4.17 -1.49 8.32
C VAL A 33 -5.08 -1.54 7.09
N ASP A 34 -5.81 -2.62 6.92
CA ASP A 34 -6.72 -2.70 5.74
C ASP A 34 -7.41 -1.35 5.56
N HIS A 35 -7.73 -0.69 6.63
CA HIS A 35 -8.40 0.63 6.52
C HIS A 35 -7.37 1.66 6.03
N HIS A 36 -6.14 1.52 6.42
CA HIS A 36 -5.10 2.49 5.97
C HIS A 36 -4.99 2.42 4.45
N LEU A 37 -4.88 1.25 3.90
CA LEU A 37 -4.78 1.13 2.41
C LEU A 37 -6.10 1.55 1.78
N GLN A 38 -7.18 0.92 2.13
CA GLN A 38 -8.49 1.30 1.54
C GLN A 38 -8.55 2.82 1.42
N ASN A 39 -7.97 3.51 2.37
CA ASN A 39 -7.96 5.00 2.32
C ASN A 39 -6.90 5.45 1.31
N VAL A 40 -5.84 4.71 1.19
CA VAL A 40 -4.78 5.08 0.21
C VAL A 40 -5.13 4.53 -1.16
N ILE A 41 -5.27 3.23 -1.29
CA ILE A 41 -5.61 2.65 -2.61
C ILE A 41 -6.63 3.56 -3.30
N GLU A 42 -7.57 4.08 -2.55
CA GLU A 42 -8.59 4.97 -3.17
C GLU A 42 -7.89 6.22 -3.71
N ASP A 43 -6.85 6.66 -3.06
CA ASP A 43 -6.11 7.86 -3.55
C ASP A 43 -5.49 7.54 -4.90
N ILE A 44 -5.25 6.28 -5.17
CA ILE A 44 -4.66 5.89 -6.48
C ILE A 44 -5.76 5.87 -7.53
N HIS A 45 -6.87 5.24 -7.24
CA HIS A 45 -7.97 5.18 -8.23
C HIS A 45 -8.27 6.61 -8.70
N ASP A 46 -8.06 7.57 -7.85
CA ASP A 46 -8.32 8.98 -8.25
C ASP A 46 -7.09 9.55 -8.94
N PHE A 47 -6.00 8.82 -8.96
CA PHE A 47 -4.79 9.34 -9.62
C PHE A 47 -4.94 9.18 -11.15
N MET A 48 -5.86 8.35 -11.56
CA MET A 48 -6.07 8.14 -13.02
C MET A 48 -6.97 9.26 -13.56
N GLN A 49 -8.14 9.41 -13.00
CA GLN A 49 -9.05 10.49 -13.48
C GLN A 49 -8.49 11.85 -13.07
N GLY A 50 -7.98 11.96 -11.88
CA GLY A 50 -7.40 13.26 -11.43
C GLY A 50 -6.44 13.77 -12.51
N GLY A 51 -6.22 13.00 -13.53
CA GLY A 51 -5.29 13.44 -14.61
C GLY A 51 -3.87 13.60 -14.05
N GLY A 52 -3.72 13.57 -12.76
CA GLY A 52 -2.36 13.73 -12.17
C GLY A 52 -2.47 14.53 -10.87
N SER A 53 -3.25 14.06 -9.94
CA SER A 53 -3.39 14.79 -8.65
C SER A 53 -2.13 14.62 -7.82
N GLY A 54 -0.98 14.80 -8.41
CA GLY A 54 0.28 14.65 -7.63
C GLY A 54 0.12 15.35 -6.29
N GLY A 55 -0.90 16.15 -6.15
CA GLY A 55 -1.13 16.86 -4.85
C GLY A 55 -1.99 15.98 -3.94
N LYS A 56 -2.83 15.16 -4.51
CA LYS A 56 -3.68 14.27 -3.67
C LYS A 56 -2.86 13.06 -3.22
N LEU A 57 -1.80 12.76 -3.91
CA LEU A 57 -0.97 11.59 -3.51
C LEU A 57 -0.12 11.96 -2.30
N GLN A 58 0.72 12.94 -2.43
CA GLN A 58 1.57 13.34 -1.27
C GLN A 58 0.68 13.43 -0.02
N GLU A 59 -0.61 13.34 -0.20
CA GLU A 59 -1.53 13.40 0.97
C GLU A 59 -1.54 12.03 1.65
N MET A 60 -1.86 11.00 0.91
CA MET A 60 -1.86 9.63 1.53
C MET A 60 -0.42 9.19 1.75
N MET A 61 0.51 9.79 1.04
CA MET A 61 1.94 9.41 1.22
C MET A 61 2.23 9.25 2.72
N LYS A 62 1.58 10.01 3.54
CA LYS A 62 1.83 9.90 5.01
C LYS A 62 1.19 8.61 5.52
N GLU A 63 0.01 8.28 5.03
CA GLU A 63 -0.65 7.03 5.48
C GLU A 63 0.00 5.83 4.81
N PHE A 64 0.58 6.03 3.66
CA PHE A 64 1.25 4.90 2.96
C PHE A 64 2.47 4.46 3.77
N GLN A 65 3.39 5.35 3.99
CA GLN A 65 4.61 5.01 4.78
C GLN A 65 4.22 4.50 6.16
N GLN A 66 2.95 4.47 6.46
CA GLN A 66 2.51 3.98 7.80
C GLN A 66 2.29 2.47 7.73
N VAL A 67 1.65 2.01 6.70
CA VAL A 67 1.40 0.54 6.57
C VAL A 67 2.74 -0.20 6.48
N LEU A 68 3.49 0.05 5.45
CA LEU A 68 4.80 -0.63 5.30
C LEU A 68 5.50 -0.69 6.66
N ASP A 69 5.23 0.27 7.50
CA ASP A 69 5.88 0.29 8.85
C ASP A 69 5.03 -0.54 9.82
N GLU A 70 3.74 -0.47 9.69
CA GLU A 70 2.85 -1.25 10.60
C GLU A 70 3.09 -2.74 10.38
N ILE A 71 3.33 -3.15 9.18
CA ILE A 71 3.57 -4.59 8.91
C ILE A 71 5.00 -4.94 9.32
N LYS A 72 5.95 -4.10 8.99
CA LYS A 72 7.37 -4.39 9.37
C LYS A 72 7.42 -5.00 10.77
N GLN A 73 6.87 -4.32 11.75
CA GLN A 73 6.91 -4.85 13.14
C GLN A 73 6.25 -6.24 13.18
N GLN A 74 5.20 -6.44 12.42
CA GLN A 74 4.52 -7.77 12.43
C GLN A 74 5.53 -8.88 12.07
N LEU A 75 6.48 -8.58 11.23
CA LEU A 75 7.48 -9.62 10.85
C LEU A 75 8.11 -10.20 12.11
N GLN A 76 8.09 -9.47 13.19
CA GLN A 76 8.70 -9.99 14.44
C GLN A 76 7.82 -11.09 15.01
N GLY A 77 7.51 -12.09 14.23
CA GLY A 77 6.65 -13.19 14.73
C GLY A 77 6.70 -14.37 13.76
N GLY A 78 5.57 -14.86 13.35
CA GLY A 78 5.56 -16.02 12.39
C GLY A 78 5.01 -15.55 11.05
N ASP A 79 5.01 -14.26 10.80
CA ASP A 79 4.48 -13.75 9.51
C ASP A 79 5.61 -13.77 8.46
N ASN A 80 6.44 -14.76 8.48
CA ASN A 80 7.56 -14.83 7.49
C ASN A 80 6.99 -14.71 6.08
N SER A 81 5.69 -14.61 5.95
CA SER A 81 5.08 -14.47 4.60
C SER A 81 5.14 -13.00 4.24
N LEU A 82 4.78 -12.14 5.15
CA LEU A 82 4.84 -10.69 4.88
C LEU A 82 6.24 -10.36 4.39
N HIS A 83 7.22 -11.01 4.97
CA HIS A 83 8.62 -10.75 4.54
C HIS A 83 8.66 -10.74 3.02
N ASN A 84 7.76 -11.45 2.40
CA ASN A 84 7.74 -11.49 0.91
C ASN A 84 6.74 -10.45 0.39
N VAL A 85 5.70 -10.19 1.12
CA VAL A 85 4.70 -9.19 0.67
C VAL A 85 5.09 -7.81 1.21
N HIS A 86 5.37 -7.73 2.48
CA HIS A 86 5.76 -6.42 3.07
C HIS A 86 6.88 -5.81 2.23
N GLU A 87 7.62 -6.61 1.53
CA GLU A 87 8.72 -6.07 0.69
C GLU A 87 8.13 -5.40 -0.56
N ASN A 88 6.96 -5.82 -0.97
CA ASN A 88 6.33 -5.20 -2.17
C ASN A 88 6.00 -3.75 -1.87
N ILE A 89 5.27 -3.50 -0.81
CA ILE A 89 4.92 -2.09 -0.46
C ILE A 89 6.16 -1.22 -0.64
N LYS A 90 7.30 -1.68 -0.17
CA LYS A 90 8.55 -0.87 -0.32
C LYS A 90 8.63 -0.30 -1.74
N GLU A 91 8.69 -1.15 -2.73
CA GLU A 91 8.76 -0.65 -4.14
C GLU A 91 7.38 -0.22 -4.60
N ILE A 92 6.37 -0.99 -4.30
CA ILE A 92 4.99 -0.62 -4.73
C ILE A 92 4.67 0.79 -4.26
N PHE A 93 4.95 1.08 -3.01
CA PHE A 93 4.66 2.43 -2.47
C PHE A 93 5.53 3.47 -3.18
N HIS A 94 6.81 3.21 -3.29
CA HIS A 94 7.69 4.20 -3.97
C HIS A 94 7.48 4.07 -5.48
N HIS A 95 6.60 3.20 -5.90
CA HIS A 95 6.34 3.05 -7.36
C HIS A 95 5.28 4.07 -7.78
N LEU A 96 4.49 4.52 -6.84
CA LEU A 96 3.45 5.53 -7.17
C LEU A 96 4.12 6.90 -7.25
N GLU A 97 4.76 7.33 -6.20
CA GLU A 97 5.43 8.64 -6.23
C GLU A 97 6.29 8.71 -7.50
N GLU A 98 6.41 7.62 -8.20
CA GLU A 98 7.21 7.61 -9.45
C GLU A 98 6.31 7.96 -10.63
N LEU A 99 5.13 7.40 -10.66
CA LEU A 99 4.20 7.73 -11.78
C LEU A 99 3.86 9.21 -11.72
N VAL A 100 4.31 9.88 -10.70
CA VAL A 100 4.04 11.34 -10.57
C VAL A 100 5.34 12.12 -10.74
N HIS A 101 6.44 11.56 -10.30
CA HIS A 101 7.74 12.26 -10.43
C HIS A 101 7.97 12.64 -11.90
N ARG A 102 7.17 12.14 -12.79
CA ARG A 102 7.35 12.46 -14.23
C ARG A 102 6.27 13.44 -14.68
N MET A 1 -4.59 8.44 -21.46
CA MET A 1 -4.38 7.96 -20.06
C MET A 1 -3.44 6.76 -20.06
N TYR A 2 -2.49 6.74 -19.17
CA TYR A 2 -1.54 5.59 -19.13
C TYR A 2 -2.28 4.33 -18.67
N GLY A 3 -2.54 4.21 -17.40
CA GLY A 3 -3.25 3.00 -16.89
C GLY A 3 -2.36 2.25 -15.90
N LYS A 4 -1.12 2.64 -15.81
CA LYS A 4 -0.20 1.95 -14.84
C LYS A 4 -0.80 1.97 -13.45
N LEU A 5 -1.38 3.09 -13.06
CA LEU A 5 -1.99 3.13 -11.70
C LEU A 5 -2.67 1.80 -11.43
N ASN A 6 -3.58 1.40 -12.27
CA ASN A 6 -4.25 0.10 -12.07
C ASN A 6 -3.20 -0.90 -11.60
N ASP A 7 -2.01 -0.81 -12.15
CA ASP A 7 -0.94 -1.75 -11.72
C ASP A 7 -0.60 -1.45 -10.26
N LEU A 8 -0.55 -0.19 -9.91
CA LEU A 8 -0.26 0.19 -8.49
C LEU A 8 -1.47 -0.17 -7.65
N LEU A 9 -2.64 0.15 -8.15
CA LEU A 9 -3.90 -0.15 -7.41
C LEU A 9 -4.08 -1.66 -7.27
N GLU A 10 -4.27 -2.35 -8.37
CA GLU A 10 -4.47 -3.83 -8.30
C GLU A 10 -3.38 -4.46 -7.43
N ASP A 11 -2.15 -4.29 -7.78
CA ASP A 11 -1.05 -4.89 -6.97
C ASP A 11 -1.20 -4.44 -5.51
N LEU A 12 -1.25 -3.17 -5.28
CA LEU A 12 -1.40 -2.65 -3.89
C LEU A 12 -2.57 -3.33 -3.18
N GLN A 13 -3.76 -3.22 -3.71
CA GLN A 13 -4.94 -3.85 -3.06
C GLN A 13 -4.77 -5.37 -3.02
N GLU A 14 -3.89 -5.92 -3.80
CA GLU A 14 -3.70 -7.40 -3.77
C GLU A 14 -2.53 -7.71 -2.84
N VAL A 15 -1.56 -6.83 -2.82
CA VAL A 15 -0.39 -7.02 -1.93
C VAL A 15 -0.87 -6.98 -0.49
N LEU A 16 -1.98 -6.34 -0.26
CA LEU A 16 -2.53 -6.26 1.12
C LEU A 16 -3.48 -7.43 1.34
N LYS A 17 -3.95 -8.04 0.27
CA LYS A 17 -4.88 -9.20 0.44
C LYS A 17 -4.07 -10.43 0.85
N HIS A 18 -3.10 -10.81 0.07
CA HIS A 18 -2.28 -12.00 0.43
C HIS A 18 -1.68 -11.78 1.81
N VAL A 19 -1.77 -10.59 2.33
CA VAL A 19 -1.21 -10.30 3.68
C VAL A 19 -2.25 -10.64 4.75
N ASN A 20 -3.42 -10.07 4.67
CA ASN A 20 -4.47 -10.37 5.67
C ASN A 20 -4.61 -11.88 5.85
N GLN A 21 -4.07 -12.64 4.94
CA GLN A 21 -4.17 -14.13 5.05
C GLN A 21 -2.93 -14.67 5.77
N HIS A 22 -1.83 -13.97 5.67
CA HIS A 22 -0.59 -14.44 6.34
C HIS A 22 -0.24 -13.50 7.49
N TRP A 23 -1.20 -12.77 7.98
CA TRP A 23 -0.91 -11.83 9.11
C TRP A 23 -0.76 -12.61 10.40
N GLN A 24 0.05 -12.13 11.29
CA GLN A 24 0.23 -12.84 12.59
C GLN A 24 0.65 -11.85 13.68
N GLY A 25 1.23 -12.33 14.74
CA GLY A 25 1.65 -11.41 15.84
C GLY A 25 0.44 -10.65 16.36
N GLY A 26 0.14 -9.52 15.78
CA GLY A 26 -1.04 -8.73 16.24
C GLY A 26 -2.14 -8.78 15.18
N GLN A 27 -3.07 -9.69 15.31
CA GLN A 27 -4.17 -9.79 14.31
C GLN A 27 -5.13 -8.61 14.48
N LYS A 28 -4.86 -7.74 15.42
CA LYS A 28 -5.75 -6.57 15.63
C LYS A 28 -5.30 -5.42 14.73
N ASN A 29 -4.02 -5.29 14.53
CA ASN A 29 -3.52 -4.20 13.64
C ASN A 29 -3.82 -4.54 12.18
N MET A 30 -4.06 -5.80 11.90
CA MET A 30 -4.37 -6.21 10.51
C MET A 30 -5.64 -5.49 10.05
N ASN A 31 -6.55 -5.22 10.94
CA ASN A 31 -7.80 -4.52 10.55
C ASN A 31 -7.53 -3.01 10.47
N LYS A 32 -6.88 -2.47 11.47
CA LYS A 32 -6.58 -1.01 11.45
C LYS A 32 -5.82 -0.67 10.16
N VAL A 33 -4.79 -1.40 9.85
CA VAL A 33 -4.04 -1.13 8.60
C VAL A 33 -4.98 -1.27 7.41
N ASP A 34 -5.76 -2.31 7.39
CA ASP A 34 -6.72 -2.51 6.27
C ASP A 34 -7.49 -1.21 6.06
N HIS A 35 -7.67 -0.44 7.10
CA HIS A 35 -8.40 0.85 6.97
C HIS A 35 -7.43 1.93 6.47
N HIS A 36 -6.16 1.75 6.73
CA HIS A 36 -5.16 2.75 6.27
C HIS A 36 -5.03 2.66 4.75
N LEU A 37 -4.81 1.48 4.24
CA LEU A 37 -4.67 1.32 2.77
C LEU A 37 -6.02 1.59 2.09
N GLN A 38 -7.08 1.05 2.63
CA GLN A 38 -8.41 1.27 2.02
C GLN A 38 -8.52 2.74 1.57
N ASN A 39 -7.93 3.62 2.31
CA ASN A 39 -7.99 5.07 1.93
C ASN A 39 -6.95 5.36 0.84
N VAL A 40 -5.79 4.76 0.93
CA VAL A 40 -4.76 5.02 -0.11
C VAL A 40 -5.19 4.38 -1.43
N ILE A 41 -5.42 3.09 -1.43
CA ILE A 41 -5.85 2.42 -2.70
C ILE A 41 -6.89 3.31 -3.40
N GLU A 42 -7.71 3.98 -2.62
CA GLU A 42 -8.74 4.86 -3.24
C GLU A 42 -8.04 6.04 -3.91
N ASP A 43 -6.93 6.46 -3.36
CA ASP A 43 -6.19 7.60 -3.98
C ASP A 43 -5.71 7.19 -5.36
N ILE A 44 -4.92 6.15 -5.44
CA ILE A 44 -4.42 5.69 -6.77
C ILE A 44 -5.58 5.70 -7.76
N HIS A 45 -6.65 5.05 -7.43
CA HIS A 45 -7.82 5.03 -8.34
C HIS A 45 -8.14 6.47 -8.73
N ASP A 46 -7.95 7.38 -7.83
CA ASP A 46 -8.24 8.82 -8.13
C ASP A 46 -7.02 9.45 -8.80
N PHE A 47 -5.97 8.70 -9.00
CA PHE A 47 -4.75 9.26 -9.63
C PHE A 47 -4.87 9.09 -11.15
N MET A 48 -5.79 8.28 -11.60
CA MET A 48 -5.97 8.08 -13.07
C MET A 48 -7.02 9.07 -13.58
N GLN A 49 -7.77 9.66 -12.69
CA GLN A 49 -8.80 10.64 -13.12
C GLN A 49 -8.35 12.05 -12.77
N GLY A 50 -7.81 12.23 -11.59
CA GLY A 50 -7.35 13.59 -11.19
C GLY A 50 -6.52 14.19 -12.34
N GLY A 51 -6.25 13.42 -13.36
CA GLY A 51 -5.46 13.95 -14.49
C GLY A 51 -4.01 14.18 -14.05
N GLY A 52 -3.77 14.20 -12.77
CA GLY A 52 -2.37 14.42 -12.29
C GLY A 52 -2.41 15.27 -11.01
N SER A 53 -2.76 14.67 -9.91
CA SER A 53 -2.83 15.43 -8.64
C SER A 53 -1.63 15.08 -7.76
N GLY A 54 -0.44 15.22 -8.27
CA GLY A 54 0.76 14.89 -7.46
C GLY A 54 0.63 15.53 -6.07
N GLY A 55 -0.35 16.37 -5.89
CA GLY A 55 -0.55 17.02 -4.56
C GLY A 55 -1.45 16.14 -3.70
N LYS A 56 -2.38 15.45 -4.31
CA LYS A 56 -3.29 14.57 -3.52
C LYS A 56 -2.55 13.29 -3.14
N LEU A 57 -1.64 12.85 -3.98
CA LEU A 57 -0.88 11.61 -3.68
C LEU A 57 -0.04 11.83 -2.41
N GLN A 58 0.87 12.76 -2.45
CA GLN A 58 1.71 13.02 -1.25
C GLN A 58 0.82 13.06 -0.01
N GLU A 59 -0.47 13.06 -0.20
CA GLU A 59 -1.39 13.09 0.97
C GLU A 59 -1.60 11.67 1.49
N MET A 60 -1.97 10.76 0.63
CA MET A 60 -2.18 9.35 1.10
C MET A 60 -0.82 8.73 1.40
N MET A 61 0.24 9.28 0.86
CA MET A 61 1.59 8.72 1.12
C MET A 61 1.75 8.52 2.63
N LYS A 62 1.19 9.40 3.42
CA LYS A 62 1.29 9.24 4.89
C LYS A 62 0.67 7.90 5.28
N GLU A 63 -0.60 7.74 5.07
CA GLU A 63 -1.26 6.46 5.41
C GLU A 63 -0.54 5.33 4.68
N PHE A 64 0.03 5.62 3.54
CA PHE A 64 0.76 4.57 2.77
C PHE A 64 2.03 4.20 3.51
N GLN A 65 2.90 5.16 3.73
CA GLN A 65 4.17 4.88 4.45
C GLN A 65 3.88 4.56 5.92
N GLN A 66 2.64 4.60 6.31
CA GLN A 66 2.29 4.29 7.72
C GLN A 66 1.99 2.80 7.87
N VAL A 67 1.61 2.16 6.78
CA VAL A 67 1.30 0.71 6.85
C VAL A 67 2.60 -0.08 6.71
N LEU A 68 3.29 0.11 5.61
CA LEU A 68 4.56 -0.63 5.39
C LEU A 68 5.36 -0.65 6.70
N ASP A 69 5.24 0.37 7.51
CA ASP A 69 5.99 0.40 8.79
C ASP A 69 5.23 -0.38 9.85
N GLU A 70 3.92 -0.29 9.85
CA GLU A 70 3.12 -1.03 10.86
C GLU A 70 3.33 -2.53 10.66
N ILE A 71 3.31 -2.99 9.43
CA ILE A 71 3.52 -4.44 9.20
C ILE A 71 4.97 -4.79 9.49
N LYS A 72 5.89 -3.96 9.05
CA LYS A 72 7.33 -4.26 9.32
C LYS A 72 7.45 -4.82 10.73
N GLN A 73 6.70 -4.30 11.66
CA GLN A 73 6.78 -4.81 13.06
C GLN A 73 6.20 -6.22 13.09
N GLN A 74 5.06 -6.43 12.45
CA GLN A 74 4.46 -7.79 12.46
C GLN A 74 5.55 -8.83 12.20
N LEU A 75 6.51 -8.50 11.36
CA LEU A 75 7.61 -9.46 11.06
C LEU A 75 8.46 -9.66 12.31
N GLN A 76 7.85 -9.66 13.47
CA GLN A 76 8.62 -9.85 14.73
C GLN A 76 8.94 -11.33 14.89
N GLY A 77 8.23 -12.19 14.22
CA GLY A 77 8.50 -13.65 14.34
C GLY A 77 7.21 -14.43 14.09
N GLY A 78 6.92 -14.76 12.86
CA GLY A 78 5.69 -15.52 12.56
C GLY A 78 5.25 -15.25 11.11
N ASP A 79 4.70 -14.10 10.87
CA ASP A 79 4.25 -13.77 9.48
C ASP A 79 5.47 -13.62 8.56
N ASN A 80 6.06 -14.70 8.15
CA ASN A 80 7.25 -14.62 7.25
C ASN A 80 6.78 -14.35 5.81
N SER A 81 5.50 -14.51 5.56
CA SER A 81 4.99 -14.23 4.19
C SER A 81 5.00 -12.73 4.00
N LEU A 82 4.69 -12.01 5.04
CA LEU A 82 4.71 -10.53 4.95
C LEU A 82 6.11 -10.10 4.55
N HIS A 83 7.11 -10.71 5.14
CA HIS A 83 8.50 -10.36 4.78
C HIS A 83 8.61 -10.30 3.26
N ASN A 84 7.74 -11.02 2.58
CA ASN A 84 7.77 -11.00 1.10
C ASN A 84 6.74 -9.99 0.60
N VAL A 85 5.63 -9.86 1.28
CA VAL A 85 4.60 -8.88 0.84
C VAL A 85 4.91 -7.53 1.45
N HIS A 86 5.15 -7.48 2.74
CA HIS A 86 5.47 -6.19 3.40
C HIS A 86 6.61 -5.52 2.64
N GLU A 87 7.54 -6.30 2.14
CA GLU A 87 8.68 -5.71 1.38
C GLU A 87 8.19 -5.24 0.02
N ASN A 88 7.20 -5.89 -0.53
CA ASN A 88 6.67 -5.46 -1.85
C ASN A 88 6.01 -4.09 -1.72
N ILE A 89 5.40 -3.83 -0.59
CA ILE A 89 4.74 -2.51 -0.40
C ILE A 89 5.76 -1.40 -0.66
N LYS A 90 6.91 -1.48 -0.04
CA LYS A 90 7.94 -0.42 -0.25
C LYS A 90 8.08 -0.16 -1.75
N GLU A 91 8.54 -1.13 -2.49
CA GLU A 91 8.70 -0.93 -3.95
C GLU A 91 7.36 -0.46 -4.54
N ILE A 92 6.32 -1.22 -4.36
CA ILE A 92 4.99 -0.81 -4.90
C ILE A 92 4.70 0.63 -4.47
N PHE A 93 4.59 0.85 -3.20
CA PHE A 93 4.29 2.21 -2.68
C PHE A 93 5.24 3.22 -3.33
N HIS A 94 6.50 2.92 -3.38
CA HIS A 94 7.46 3.87 -4.01
C HIS A 94 7.29 3.82 -5.52
N HIS A 95 6.33 3.06 -6.00
CA HIS A 95 6.11 2.98 -7.47
C HIS A 95 5.13 4.08 -7.88
N LEU A 96 4.24 4.46 -6.99
CA LEU A 96 3.27 5.53 -7.33
C LEU A 96 4.02 6.86 -7.36
N GLU A 97 4.67 7.21 -6.28
CA GLU A 97 5.42 8.49 -6.24
C GLU A 97 6.32 8.58 -7.48
N GLU A 98 6.48 7.50 -8.19
CA GLU A 98 7.33 7.53 -9.41
C GLU A 98 6.47 7.93 -10.62
N LEU A 99 5.24 7.50 -10.65
CA LEU A 99 4.35 7.88 -11.79
C LEU A 99 4.06 9.37 -11.71
N VAL A 100 4.52 10.01 -10.68
CA VAL A 100 4.27 11.47 -10.52
C VAL A 100 5.60 12.21 -10.56
N HIS A 101 6.68 11.51 -10.41
CA HIS A 101 8.02 12.18 -10.42
C HIS A 101 8.30 12.72 -11.82
N ARG A 102 7.45 12.42 -12.78
CA ARG A 102 7.69 12.91 -14.16
C ARG A 102 6.91 14.21 -14.38
N MET A 1 -5.48 8.10 -21.00
CA MET A 1 -4.64 8.27 -19.77
C MET A 1 -3.70 7.08 -19.64
N TYR A 2 -2.53 7.30 -19.10
CA TYR A 2 -1.57 6.17 -18.93
C TYR A 2 -2.34 4.89 -18.60
N GLY A 3 -2.84 4.79 -17.39
CA GLY A 3 -3.60 3.58 -17.00
C GLY A 3 -2.71 2.64 -16.19
N LYS A 4 -1.47 3.00 -15.99
CA LYS A 4 -0.56 2.13 -15.19
C LYS A 4 -1.04 2.07 -13.75
N LEU A 5 -1.68 3.11 -13.27
CA LEU A 5 -2.16 3.08 -11.87
C LEU A 5 -2.75 1.70 -11.57
N ASN A 6 -3.68 1.27 -12.38
CA ASN A 6 -4.28 -0.07 -12.16
C ASN A 6 -3.18 -1.04 -11.75
N ASP A 7 -2.05 -0.98 -12.41
CA ASP A 7 -0.94 -1.89 -12.03
C ASP A 7 -0.53 -1.58 -10.59
N LEU A 8 -0.60 -0.33 -10.23
CA LEU A 8 -0.23 0.06 -8.84
C LEU A 8 -1.41 -0.28 -7.92
N LEU A 9 -2.59 0.06 -8.35
CA LEU A 9 -3.80 -0.22 -7.52
C LEU A 9 -3.92 -1.73 -7.29
N GLU A 10 -4.02 -2.50 -8.33
CA GLU A 10 -4.16 -3.97 -8.17
C GLU A 10 -2.94 -4.52 -7.44
N ASP A 11 -1.77 -4.27 -7.94
CA ASP A 11 -0.54 -4.79 -7.29
C ASP A 11 -0.52 -4.34 -5.83
N LEU A 12 -1.15 -3.25 -5.53
CA LEU A 12 -1.17 -2.75 -4.11
C LEU A 12 -2.22 -3.51 -3.32
N GLN A 13 -3.47 -3.30 -3.61
CA GLN A 13 -4.55 -4.01 -2.86
C GLN A 13 -4.20 -5.51 -2.80
N GLU A 14 -3.37 -5.96 -3.69
CA GLU A 14 -2.99 -7.41 -3.67
C GLU A 14 -2.08 -7.66 -2.47
N VAL A 15 -0.91 -7.07 -2.46
CA VAL A 15 0.00 -7.27 -1.31
C VAL A 15 -0.82 -7.19 -0.03
N LEU A 16 -1.92 -6.49 -0.08
CA LEU A 16 -2.79 -6.37 1.12
C LEU A 16 -3.62 -7.64 1.25
N LYS A 17 -3.98 -8.23 0.14
CA LYS A 17 -4.77 -9.49 0.19
C LYS A 17 -3.89 -10.62 0.70
N HIS A 18 -2.81 -10.89 0.02
CA HIS A 18 -1.89 -11.98 0.47
C HIS A 18 -1.34 -11.64 1.85
N VAL A 19 -1.68 -10.49 2.37
CA VAL A 19 -1.18 -10.09 3.71
C VAL A 19 -2.27 -10.31 4.75
N ASN A 20 -3.48 -10.51 4.33
CA ASN A 20 -4.60 -10.73 5.31
C ASN A 20 -4.59 -12.19 5.76
N GLN A 21 -4.21 -13.09 4.90
CA GLN A 21 -4.18 -14.53 5.29
C GLN A 21 -2.83 -14.87 5.94
N HIS A 22 -1.84 -14.07 5.70
CA HIS A 22 -0.50 -14.35 6.30
C HIS A 22 -0.17 -13.28 7.35
N TRP A 23 -1.16 -12.66 7.91
CA TRP A 23 -0.87 -11.62 8.94
C TRP A 23 -0.56 -12.28 10.27
N GLN A 24 0.35 -11.72 11.03
CA GLN A 24 0.69 -12.32 12.34
C GLN A 24 1.20 -11.23 13.28
N GLY A 25 1.66 -11.61 14.45
CA GLY A 25 2.17 -10.59 15.41
C GLY A 25 1.00 -9.75 15.94
N GLY A 26 -0.19 -10.29 15.91
CA GLY A 26 -1.37 -9.53 16.41
C GLY A 26 -2.36 -9.31 15.26
N GLN A 27 -3.42 -10.05 15.24
CA GLN A 27 -4.43 -9.89 14.16
C GLN A 27 -5.33 -8.68 14.46
N LYS A 28 -4.86 -7.78 15.28
CA LYS A 28 -5.68 -6.58 15.63
C LYS A 28 -5.30 -5.42 14.72
N ASN A 29 -4.04 -5.30 14.39
CA ASN A 29 -3.61 -4.18 13.50
C ASN A 29 -4.15 -4.43 12.09
N MET A 30 -4.35 -5.66 11.72
CA MET A 30 -4.87 -5.95 10.37
C MET A 30 -6.18 -5.18 10.13
N ASN A 31 -6.90 -4.90 11.19
CA ASN A 31 -8.18 -4.14 11.03
C ASN A 31 -7.87 -2.63 11.00
N LYS A 32 -7.02 -2.17 11.87
CA LYS A 32 -6.69 -0.72 11.89
C LYS A 32 -5.96 -0.35 10.60
N VAL A 33 -5.03 -1.15 10.17
CA VAL A 33 -4.28 -0.85 8.93
C VAL A 33 -5.21 -1.03 7.72
N ASP A 34 -6.03 -2.05 7.73
CA ASP A 34 -6.96 -2.27 6.59
C ASP A 34 -7.56 -0.94 6.16
N HIS A 35 -7.80 -0.05 7.09
CA HIS A 35 -8.38 1.27 6.74
C HIS A 35 -7.29 2.16 6.17
N HIS A 36 -6.14 2.18 6.78
CA HIS A 36 -5.03 3.04 6.27
C HIS A 36 -4.85 2.79 4.77
N LEU A 37 -4.79 1.56 4.37
CA LEU A 37 -4.61 1.26 2.92
C LEU A 37 -5.91 1.59 2.18
N GLN A 38 -7.01 1.05 2.62
CA GLN A 38 -8.30 1.34 1.93
C GLN A 38 -8.35 2.83 1.58
N ASN A 39 -7.92 3.68 2.47
CA ASN A 39 -7.93 5.14 2.17
C ASN A 39 -6.84 5.44 1.14
N VAL A 40 -5.84 4.61 1.04
CA VAL A 40 -4.76 4.85 0.06
C VAL A 40 -5.14 4.23 -1.29
N ILE A 41 -5.43 2.96 -1.32
CA ILE A 41 -5.81 2.32 -2.61
C ILE A 41 -6.77 3.24 -3.35
N GLU A 42 -7.72 3.82 -2.65
CA GLU A 42 -8.68 4.74 -3.31
C GLU A 42 -7.92 5.94 -3.87
N ASP A 43 -6.87 6.35 -3.19
CA ASP A 43 -6.09 7.51 -3.68
C ASP A 43 -5.56 7.18 -5.08
N ILE A 44 -4.96 6.03 -5.23
CA ILE A 44 -4.43 5.63 -6.57
C ILE A 44 -5.60 5.61 -7.56
N HIS A 45 -6.67 4.95 -7.20
CA HIS A 45 -7.85 4.89 -8.10
C HIS A 45 -8.20 6.32 -8.52
N ASP A 46 -7.99 7.27 -7.65
CA ASP A 46 -8.31 8.68 -7.96
C ASP A 46 -7.12 9.34 -8.67
N PHE A 47 -6.02 8.67 -8.78
CA PHE A 47 -4.83 9.30 -9.46
C PHE A 47 -5.05 9.29 -10.96
N MET A 48 -5.91 8.43 -11.45
CA MET A 48 -6.16 8.38 -12.91
C MET A 48 -7.19 9.46 -13.27
N GLN A 49 -8.07 9.76 -12.37
CA GLN A 49 -9.09 10.82 -12.65
C GLN A 49 -8.41 12.18 -12.72
N GLY A 50 -7.78 12.60 -11.66
CA GLY A 50 -7.09 13.93 -11.67
C GLY A 50 -6.12 13.97 -12.84
N GLY A 51 -5.80 12.84 -13.40
CA GLY A 51 -4.86 12.81 -14.56
C GLY A 51 -3.48 13.30 -14.11
N GLY A 52 -3.26 13.44 -12.83
CA GLY A 52 -1.94 13.91 -12.35
C GLY A 52 -2.13 14.79 -11.11
N SER A 53 -2.61 14.22 -10.04
CA SER A 53 -2.83 15.02 -8.80
C SER A 53 -1.65 14.85 -7.85
N GLY A 54 -0.46 15.09 -8.31
CA GLY A 54 0.72 14.95 -7.42
C GLY A 54 0.43 15.64 -6.08
N GLY A 55 -0.67 16.34 -6.00
CA GLY A 55 -1.02 17.03 -4.73
C GLY A 55 -1.88 16.10 -3.85
N LYS A 56 -2.68 15.27 -4.46
CA LYS A 56 -3.53 14.34 -3.66
C LYS A 56 -2.71 13.11 -3.28
N LEU A 57 -1.73 12.77 -4.07
CA LEU A 57 -0.90 11.58 -3.74
C LEU A 57 -0.09 11.86 -2.48
N GLN A 58 0.76 12.84 -2.52
CA GLN A 58 1.57 13.16 -1.31
C GLN A 58 0.64 13.16 -0.08
N GLU A 59 -0.64 13.09 -0.31
CA GLU A 59 -1.60 13.06 0.82
C GLU A 59 -1.63 11.67 1.44
N MET A 60 -1.95 10.66 0.67
CA MET A 60 -1.96 9.28 1.23
C MET A 60 -0.53 8.88 1.59
N MET A 61 0.43 9.51 0.98
CA MET A 61 1.85 9.19 1.29
C MET A 61 1.98 8.93 2.79
N LYS A 62 1.37 9.75 3.59
CA LYS A 62 1.46 9.55 5.06
C LYS A 62 0.74 8.26 5.42
N GLU A 63 -0.39 8.02 4.81
CA GLU A 63 -1.16 6.78 5.11
C GLU A 63 -0.38 5.58 4.58
N PHE A 64 0.27 5.73 3.46
CA PHE A 64 1.06 4.60 2.89
C PHE A 64 2.29 4.36 3.78
N GLN A 65 3.09 5.37 3.97
CA GLN A 65 4.31 5.21 4.83
C GLN A 65 3.89 4.83 6.25
N GLN A 66 2.63 4.85 6.55
CA GLN A 66 2.18 4.49 7.93
C GLN A 66 2.00 2.98 7.99
N VAL A 67 1.60 2.39 6.89
CA VAL A 67 1.41 0.92 6.87
C VAL A 67 2.76 0.24 6.60
N LEU A 68 3.49 0.74 5.64
CA LEU A 68 4.82 0.15 5.31
C LEU A 68 5.55 -0.22 6.60
N ASP A 69 5.55 0.64 7.59
CA ASP A 69 6.26 0.34 8.85
C ASP A 69 5.37 -0.50 9.78
N GLU A 70 4.08 -0.29 9.73
CA GLU A 70 3.17 -1.07 10.64
C GLU A 70 3.33 -2.57 10.39
N ILE A 71 3.06 -3.01 9.18
CA ILE A 71 3.19 -4.47 8.90
C ILE A 71 4.60 -4.93 9.24
N LYS A 72 5.60 -4.22 8.81
CA LYS A 72 6.99 -4.64 9.13
C LYS A 72 7.07 -5.09 10.58
N GLN A 73 6.52 -4.32 11.49
CA GLN A 73 6.56 -4.71 12.92
C GLN A 73 5.97 -6.12 13.08
N GLN A 74 4.96 -6.43 12.30
CA GLN A 74 4.33 -7.78 12.39
C GLN A 74 5.38 -8.87 12.13
N LEU A 75 6.30 -8.62 11.24
CA LEU A 75 7.34 -9.65 10.95
C LEU A 75 7.86 -10.24 12.27
N GLN A 76 7.58 -9.59 13.36
CA GLN A 76 8.06 -10.11 14.68
C GLN A 76 7.25 -11.35 15.07
N GLY A 77 7.35 -12.40 14.30
CA GLY A 77 6.60 -13.65 14.63
C GLY A 77 6.80 -14.68 13.52
N GLY A 78 5.75 -15.31 13.08
CA GLY A 78 5.89 -16.33 12.00
C GLY A 78 5.45 -15.72 10.67
N ASP A 79 5.16 -14.45 10.66
CA ASP A 79 4.72 -13.79 9.39
C ASP A 79 5.86 -13.81 8.38
N ASN A 80 6.70 -14.80 8.43
CA ASN A 80 7.84 -14.86 7.46
C ASN A 80 7.30 -14.70 6.05
N SER A 81 6.01 -14.69 5.89
CA SER A 81 5.42 -14.51 4.54
C SER A 81 5.41 -13.02 4.24
N LEU A 82 4.97 -12.23 5.18
CA LEU A 82 4.97 -10.76 4.98
C LEU A 82 6.37 -10.36 4.53
N HIS A 83 7.36 -10.96 5.11
CA HIS A 83 8.77 -10.64 4.72
C HIS A 83 8.84 -10.59 3.20
N ASN A 84 7.97 -11.30 2.54
CA ASN A 84 7.97 -11.30 1.05
C ASN A 84 6.90 -10.34 0.54
N VAL A 85 5.81 -10.19 1.26
CA VAL A 85 4.75 -9.26 0.79
C VAL A 85 5.04 -7.86 1.33
N HIS A 86 5.37 -7.75 2.58
CA HIS A 86 5.67 -6.41 3.15
C HIS A 86 6.66 -5.69 2.23
N GLU A 87 7.64 -6.41 1.72
CA GLU A 87 8.63 -5.78 0.82
C GLU A 87 7.91 -5.18 -0.40
N ASN A 88 6.73 -5.66 -0.68
CA ASN A 88 5.96 -5.11 -1.84
C ASN A 88 5.71 -3.62 -1.61
N ILE A 89 4.90 -3.29 -0.63
CA ILE A 89 4.62 -1.87 -0.36
C ILE A 89 5.88 -1.04 -0.59
N LYS A 90 6.96 -1.40 0.04
CA LYS A 90 8.23 -0.63 -0.13
C LYS A 90 8.42 -0.27 -1.61
N GLU A 91 8.32 -1.22 -2.49
CA GLU A 91 8.51 -0.92 -3.94
C GLU A 91 7.18 -0.44 -4.54
N ILE A 92 6.09 -1.04 -4.13
CA ILE A 92 4.77 -0.62 -4.66
C ILE A 92 4.48 0.83 -4.24
N PHE A 93 4.46 1.08 -2.97
CA PHE A 93 4.19 2.45 -2.47
C PHE A 93 5.16 3.45 -3.11
N HIS A 94 6.41 3.08 -3.22
CA HIS A 94 7.39 4.01 -3.84
C HIS A 94 7.22 3.99 -5.36
N HIS A 95 6.39 3.12 -5.86
CA HIS A 95 6.17 3.06 -7.33
C HIS A 95 5.20 4.15 -7.76
N LEU A 96 4.27 4.49 -6.91
CA LEU A 96 3.30 5.56 -7.27
C LEU A 96 4.03 6.90 -7.31
N GLU A 97 4.68 7.28 -6.24
CA GLU A 97 5.43 8.56 -6.25
C GLU A 97 6.31 8.60 -7.49
N GLU A 98 6.37 7.52 -8.21
CA GLU A 98 7.20 7.47 -9.44
C GLU A 98 6.34 7.85 -10.65
N LEU A 99 5.13 7.37 -10.71
CA LEU A 99 4.25 7.70 -11.86
C LEU A 99 3.98 9.21 -11.83
N VAL A 100 4.50 9.90 -10.87
CA VAL A 100 4.27 11.36 -10.77
C VAL A 100 5.59 12.11 -10.88
N HIS A 101 6.63 11.61 -10.28
CA HIS A 101 7.94 12.30 -10.34
C HIS A 101 8.20 12.78 -11.76
N ARG A 102 7.69 12.08 -12.75
CA ARG A 102 7.91 12.50 -14.15
C ARG A 102 6.65 13.17 -14.69
N MET A 1 -4.80 8.94 -21.02
CA MET A 1 -4.75 8.42 -19.62
C MET A 1 -3.85 7.18 -19.57
N TYR A 2 -2.61 7.34 -19.20
CA TYR A 2 -1.70 6.18 -19.13
C TYR A 2 -2.48 4.95 -18.66
N GLY A 3 -2.77 4.87 -17.38
CA GLY A 3 -3.53 3.71 -16.86
C GLY A 3 -2.62 2.83 -16.01
N LYS A 4 -1.33 3.02 -16.10
CA LYS A 4 -0.40 2.19 -15.28
C LYS A 4 -0.88 2.16 -13.83
N LEU A 5 -1.50 3.21 -13.36
CA LEU A 5 -1.97 3.20 -11.96
C LEU A 5 -2.61 1.85 -11.68
N ASN A 6 -3.57 1.45 -12.48
CA ASN A 6 -4.20 0.13 -12.27
C ASN A 6 -3.12 -0.88 -11.93
N ASP A 7 -1.95 -0.72 -12.49
CA ASP A 7 -0.84 -1.66 -12.18
C ASP A 7 -0.40 -1.41 -10.74
N LEU A 8 -0.44 -0.17 -10.32
CA LEU A 8 -0.06 0.17 -8.93
C LEU A 8 -1.23 -0.16 -8.01
N LEU A 9 -2.41 0.19 -8.45
CA LEU A 9 -3.63 -0.08 -7.63
C LEU A 9 -3.80 -1.58 -7.45
N GLU A 10 -3.93 -2.31 -8.52
CA GLU A 10 -4.13 -3.79 -8.40
C GLU A 10 -2.97 -4.41 -7.62
N ASP A 11 -1.76 -4.20 -8.07
CA ASP A 11 -0.59 -4.78 -7.36
C ASP A 11 -0.63 -4.40 -5.88
N LEU A 12 -1.04 -3.20 -5.58
CA LEU A 12 -1.09 -2.76 -4.15
C LEU A 12 -2.18 -3.55 -3.42
N GLN A 13 -3.41 -3.40 -3.83
CA GLN A 13 -4.51 -4.14 -3.14
C GLN A 13 -4.16 -5.63 -3.09
N GLU A 14 -3.30 -6.08 -3.96
CA GLU A 14 -2.92 -7.53 -3.96
C GLU A 14 -2.09 -7.82 -2.71
N VAL A 15 -0.95 -7.19 -2.58
CA VAL A 15 -0.10 -7.42 -1.39
C VAL A 15 -0.98 -7.41 -0.15
N LEU A 16 -2.09 -6.73 -0.22
CA LEU A 16 -3.02 -6.67 0.94
C LEU A 16 -3.87 -7.94 0.97
N LYS A 17 -4.07 -8.55 -0.18
CA LYS A 17 -4.88 -9.79 -0.23
C LYS A 17 -4.06 -10.97 0.28
N HIS A 18 -2.88 -11.16 -0.25
CA HIS A 18 -2.04 -12.30 0.20
C HIS A 18 -1.46 -11.98 1.59
N VAL A 19 -1.97 -10.97 2.23
CA VAL A 19 -1.45 -10.60 3.58
C VAL A 19 -2.61 -10.58 4.58
N ASN A 20 -3.76 -10.15 4.16
CA ASN A 20 -4.93 -10.12 5.09
C ASN A 20 -5.03 -11.45 5.83
N GLN A 21 -4.62 -12.52 5.20
CA GLN A 21 -4.68 -13.85 5.87
C GLN A 21 -3.35 -14.17 6.55
N HIS A 22 -2.26 -13.97 5.86
CA HIS A 22 -0.93 -14.26 6.46
C HIS A 22 -0.52 -13.12 7.39
N TRP A 23 -1.44 -12.60 8.15
CA TRP A 23 -1.09 -11.49 9.09
C TRP A 23 -0.80 -12.07 10.47
N GLN A 24 0.07 -11.43 11.21
CA GLN A 24 0.39 -11.94 12.58
C GLN A 24 0.81 -10.77 13.47
N GLY A 25 1.77 -10.98 14.33
CA GLY A 25 2.24 -9.89 15.23
C GLY A 25 1.02 -9.07 15.70
N GLY A 26 0.00 -9.71 16.16
CA GLY A 26 -1.21 -8.98 16.62
C GLY A 26 -2.25 -8.95 15.50
N GLN A 27 -3.24 -9.79 15.58
CA GLN A 27 -4.28 -9.82 14.52
C GLN A 27 -5.25 -8.65 14.71
N LYS A 28 -4.89 -7.71 15.54
CA LYS A 28 -5.79 -6.53 15.77
C LYS A 28 -5.36 -5.38 14.86
N ASN A 29 -4.14 -5.41 14.39
CA ASN A 29 -3.67 -4.31 13.50
C ASN A 29 -4.19 -4.56 12.08
N MET A 30 -4.21 -5.79 11.64
CA MET A 30 -4.70 -6.09 10.27
C MET A 30 -5.94 -5.24 9.99
N ASN A 31 -6.77 -5.02 10.97
CA ASN A 31 -7.98 -4.20 10.76
C ASN A 31 -7.60 -2.72 10.77
N LYS A 32 -6.73 -2.34 11.67
CA LYS A 32 -6.31 -0.91 11.74
C LYS A 32 -5.55 -0.53 10.47
N VAL A 33 -4.72 -1.41 9.99
CA VAL A 33 -3.94 -1.10 8.76
C VAL A 33 -4.84 -1.23 7.54
N ASP A 34 -5.51 -2.35 7.39
CA ASP A 34 -6.41 -2.52 6.22
C ASP A 34 -7.14 -1.20 5.95
N HIS A 35 -7.43 -0.47 6.98
CA HIS A 35 -8.13 0.84 6.79
C HIS A 35 -7.14 1.85 6.21
N HIS A 36 -6.03 2.05 6.86
CA HIS A 36 -5.02 3.01 6.34
C HIS A 36 -4.72 2.65 4.88
N LEU A 37 -4.61 1.38 4.59
CA LEU A 37 -4.31 0.95 3.21
C LEU A 37 -5.59 1.05 2.36
N GLN A 38 -6.58 0.24 2.67
CA GLN A 38 -7.83 0.30 1.88
C GLN A 38 -8.15 1.75 1.52
N ASN A 39 -7.72 2.68 2.32
CA ASN A 39 -7.99 4.11 2.03
C ASN A 39 -6.98 4.61 0.99
N VAL A 40 -5.76 4.14 1.04
CA VAL A 40 -4.76 4.60 0.05
C VAL A 40 -5.13 4.06 -1.34
N ILE A 41 -5.50 2.81 -1.43
CA ILE A 41 -5.87 2.25 -2.75
C ILE A 41 -6.91 3.15 -3.40
N GLU A 42 -7.76 3.76 -2.61
CA GLU A 42 -8.79 4.67 -3.17
C GLU A 42 -8.09 5.91 -3.72
N ASP A 43 -6.94 6.23 -3.19
CA ASP A 43 -6.19 7.42 -3.68
C ASP A 43 -5.64 7.12 -5.08
N ILE A 44 -5.01 6.00 -5.24
CA ILE A 44 -4.44 5.64 -6.57
C ILE A 44 -5.58 5.66 -7.61
N HIS A 45 -6.65 4.99 -7.33
CA HIS A 45 -7.78 4.98 -8.29
C HIS A 45 -8.13 6.43 -8.66
N ASP A 46 -7.91 7.34 -7.74
CA ASP A 46 -8.21 8.76 -8.01
C ASP A 46 -7.01 9.41 -8.71
N PHE A 47 -5.93 8.70 -8.86
CA PHE A 47 -4.74 9.28 -9.53
C PHE A 47 -4.89 9.15 -11.05
N MET A 48 -5.78 8.30 -11.49
CA MET A 48 -5.98 8.13 -12.96
C MET A 48 -6.93 9.21 -13.46
N GLN A 49 -8.01 9.44 -12.77
CA GLN A 49 -8.97 10.49 -13.20
C GLN A 49 -8.43 11.85 -12.81
N GLY A 50 -7.81 11.93 -11.65
CA GLY A 50 -7.24 13.24 -11.21
C GLY A 50 -6.46 13.86 -12.37
N GLY A 51 -6.27 13.12 -13.43
CA GLY A 51 -5.53 13.66 -14.60
C GLY A 51 -4.12 14.06 -14.18
N GLY A 52 -3.85 14.09 -12.90
CA GLY A 52 -2.49 14.48 -12.44
C GLY A 52 -2.61 15.29 -11.14
N SER A 53 -2.89 14.63 -10.05
CA SER A 53 -3.04 15.35 -8.76
C SER A 53 -1.88 14.99 -7.84
N GLY A 54 -0.67 15.33 -8.20
CA GLY A 54 0.49 15.00 -7.33
C GLY A 54 0.25 15.55 -5.93
N GLY A 55 -0.69 16.44 -5.77
CA GLY A 55 -0.97 17.00 -4.42
C GLY A 55 -1.92 16.06 -3.68
N LYS A 56 -2.62 15.23 -4.39
CA LYS A 56 -3.57 14.29 -3.73
C LYS A 56 -2.84 13.01 -3.34
N LEU A 57 -1.72 12.74 -3.97
CA LEU A 57 -0.96 11.50 -3.62
C LEU A 57 -0.11 11.77 -2.38
N GLN A 58 0.74 12.75 -2.42
CA GLN A 58 1.58 13.05 -1.23
C GLN A 58 0.68 13.07 0.01
N GLU A 59 -0.60 13.04 -0.19
CA GLU A 59 -1.54 13.04 0.97
C GLU A 59 -1.60 11.63 1.56
N MET A 60 -2.01 10.67 0.77
CA MET A 60 -2.07 9.27 1.28
C MET A 60 -0.65 8.78 1.52
N MET A 61 0.30 9.34 0.81
CA MET A 61 1.71 8.91 0.99
C MET A 61 1.96 8.70 2.48
N LYS A 62 1.52 9.63 3.30
CA LYS A 62 1.71 9.47 4.76
C LYS A 62 0.98 8.21 5.21
N GLU A 63 -0.26 8.06 4.80
CA GLU A 63 -1.03 6.85 5.19
C GLU A 63 -0.33 5.62 4.60
N PHE A 64 0.25 5.77 3.43
CA PHE A 64 0.95 4.61 2.80
C PHE A 64 2.22 4.32 3.59
N GLN A 65 2.99 5.34 3.85
CA GLN A 65 4.27 5.16 4.61
C GLN A 65 3.94 4.87 6.08
N GLN A 66 2.69 4.92 6.44
CA GLN A 66 2.32 4.62 7.85
C GLN A 66 2.15 3.12 8.00
N VAL A 67 1.78 2.47 6.94
CA VAL A 67 1.61 0.99 6.98
C VAL A 67 2.95 0.33 6.66
N LEU A 68 3.59 0.75 5.61
CA LEU A 68 4.91 0.16 5.23
C LEU A 68 5.71 -0.17 6.49
N ASP A 69 5.84 0.76 7.39
CA ASP A 69 6.60 0.48 8.63
C ASP A 69 5.73 -0.32 9.60
N GLU A 70 4.47 -0.02 9.66
CA GLU A 70 3.57 -0.79 10.59
C GLU A 70 3.70 -2.28 10.33
N ILE A 71 3.25 -2.74 9.19
CA ILE A 71 3.37 -4.19 8.88
C ILE A 71 4.81 -4.64 9.10
N LYS A 72 5.76 -3.82 8.73
CA LYS A 72 7.19 -4.21 8.92
C LYS A 72 7.38 -4.70 10.36
N GLN A 73 6.64 -4.15 11.28
CA GLN A 73 6.78 -4.61 12.69
C GLN A 73 6.16 -6.00 12.82
N GLN A 74 5.05 -6.23 12.19
CA GLN A 74 4.40 -7.58 12.28
C GLN A 74 5.46 -8.65 12.02
N LEU A 75 6.51 -8.29 11.33
CA LEU A 75 7.59 -9.29 11.03
C LEU A 75 8.35 -9.60 12.32
N GLN A 76 7.68 -9.56 13.45
CA GLN A 76 8.37 -9.87 14.73
C GLN A 76 8.53 -11.37 14.87
N GLY A 77 7.85 -12.14 14.05
CA GLY A 77 7.96 -13.62 14.14
C GLY A 77 6.57 -14.24 13.99
N GLY A 78 6.35 -14.99 12.95
CA GLY A 78 5.01 -15.63 12.76
C GLY A 78 4.49 -15.30 11.35
N ASP A 79 4.64 -14.08 10.92
CA ASP A 79 4.15 -13.70 9.57
C ASP A 79 5.29 -13.79 8.55
N ASN A 80 6.01 -14.87 8.56
CA ASN A 80 7.14 -15.01 7.59
C ASN A 80 6.60 -14.84 6.17
N SER A 81 5.31 -14.68 6.03
CA SER A 81 4.72 -14.49 4.68
C SER A 81 4.85 -13.01 4.32
N LEU A 82 4.54 -12.15 5.26
CA LEU A 82 4.67 -10.70 4.99
C LEU A 82 6.12 -10.43 4.58
N HIS A 83 7.04 -11.08 5.23
CA HIS A 83 8.47 -10.90 4.89
C HIS A 83 8.61 -10.92 3.37
N ASN A 84 7.68 -11.55 2.70
CA ASN A 84 7.74 -11.63 1.22
C ASN A 84 6.77 -10.60 0.62
N VAL A 85 5.66 -10.36 1.28
CA VAL A 85 4.68 -9.38 0.76
C VAL A 85 5.03 -7.99 1.28
N HIS A 86 5.31 -7.87 2.55
CA HIS A 86 5.67 -6.53 3.10
C HIS A 86 6.74 -5.90 2.21
N GLU A 87 7.55 -6.73 1.59
CA GLU A 87 8.62 -6.18 0.70
C GLU A 87 7.96 -5.49 -0.50
N ASN A 88 6.76 -5.87 -0.83
CA ASN A 88 6.06 -5.24 -1.99
C ASN A 88 5.84 -3.75 -1.69
N ILE A 89 5.01 -3.44 -0.73
CA ILE A 89 4.74 -2.01 -0.39
C ILE A 89 6.01 -1.18 -0.64
N LYS A 90 7.07 -1.48 0.06
CA LYS A 90 8.33 -0.71 -0.13
C LYS A 90 8.57 -0.46 -1.62
N GLU A 91 8.23 -1.40 -2.46
CA GLU A 91 8.44 -1.19 -3.92
C GLU A 91 7.15 -0.64 -4.54
N ILE A 92 6.04 -1.18 -4.13
CA ILE A 92 4.73 -0.70 -4.67
C ILE A 92 4.48 0.73 -4.18
N PHE A 93 4.45 0.91 -2.90
CA PHE A 93 4.20 2.26 -2.33
C PHE A 93 5.16 3.28 -2.94
N HIS A 94 6.39 2.93 -3.15
CA HIS A 94 7.35 3.90 -3.75
C HIS A 94 7.22 3.87 -5.27
N HIS A 95 6.38 3.01 -5.79
CA HIS A 95 6.21 2.96 -7.28
C HIS A 95 5.19 4.02 -7.70
N LEU A 96 4.34 4.41 -6.81
CA LEU A 96 3.33 5.46 -7.15
C LEU A 96 4.03 6.81 -7.15
N GLU A 97 4.60 7.19 -6.04
CA GLU A 97 5.31 8.51 -6.00
C GLU A 97 6.25 8.60 -7.19
N GLU A 98 6.40 7.52 -7.91
CA GLU A 98 7.30 7.53 -9.10
C GLU A 98 6.49 7.91 -10.33
N LEU A 99 5.27 7.44 -10.42
CA LEU A 99 4.42 7.80 -11.60
C LEU A 99 4.07 9.28 -11.54
N VAL A 100 4.49 9.95 -10.49
CA VAL A 100 4.20 11.40 -10.35
C VAL A 100 5.50 12.18 -10.35
N HIS A 101 6.57 11.55 -9.96
CA HIS A 101 7.88 12.25 -9.93
C HIS A 101 8.19 12.82 -11.32
N ARG A 102 7.51 12.34 -12.33
CA ARG A 102 7.75 12.85 -13.71
C ARG A 102 7.07 14.21 -13.89
N MET A 1 -5.60 8.72 -20.10
CA MET A 1 -4.63 8.73 -18.98
C MET A 1 -3.69 7.52 -19.12
N TYR A 2 -2.53 7.59 -18.51
CA TYR A 2 -1.58 6.46 -18.61
C TYR A 2 -2.32 5.13 -18.40
N GLY A 3 -2.87 4.92 -17.24
CA GLY A 3 -3.61 3.65 -16.98
C GLY A 3 -2.73 2.73 -16.15
N LYS A 4 -1.48 3.06 -16.01
CA LYS A 4 -0.56 2.21 -15.20
C LYS A 4 -1.02 2.19 -13.75
N LEU A 5 -1.60 3.26 -13.28
CA LEU A 5 -2.07 3.27 -11.86
C LEU A 5 -2.69 1.90 -11.56
N ASN A 6 -3.69 1.53 -12.31
CA ASN A 6 -4.32 0.21 -12.08
C ASN A 6 -3.23 -0.80 -11.73
N ASP A 7 -2.12 -0.75 -12.44
CA ASP A 7 -1.01 -1.70 -12.12
C ASP A 7 -0.54 -1.42 -10.69
N LEU A 8 -0.48 -0.16 -10.32
CA LEU A 8 -0.06 0.18 -8.94
C LEU A 8 -1.21 -0.15 -7.98
N LEU A 9 -2.39 0.23 -8.34
CA LEU A 9 -3.58 -0.04 -7.48
C LEU A 9 -3.85 -1.54 -7.44
N GLU A 10 -4.15 -2.14 -8.56
CA GLU A 10 -4.44 -3.60 -8.58
C GLU A 10 -3.30 -4.37 -7.90
N ASP A 11 -2.10 -3.89 -8.01
CA ASP A 11 -0.96 -4.61 -7.37
C ASP A 11 -0.88 -4.22 -5.90
N LEU A 12 -1.28 -3.03 -5.56
CA LEU A 12 -1.21 -2.60 -4.14
C LEU A 12 -2.31 -3.31 -3.33
N GLN A 13 -3.53 -3.28 -3.81
CA GLN A 13 -4.63 -3.96 -3.07
C GLN A 13 -4.32 -5.45 -2.95
N GLU A 14 -3.55 -5.99 -3.87
CA GLU A 14 -3.22 -7.44 -3.79
C GLU A 14 -2.33 -7.69 -2.57
N VAL A 15 -1.17 -7.10 -2.54
CA VAL A 15 -0.27 -7.31 -1.37
C VAL A 15 -1.10 -7.17 -0.09
N LEU A 16 -2.14 -6.41 -0.13
CA LEU A 16 -3.01 -6.24 1.07
C LEU A 16 -3.89 -7.48 1.22
N LYS A 17 -4.18 -8.14 0.13
CA LYS A 17 -5.04 -9.37 0.21
C LYS A 17 -4.21 -10.54 0.74
N HIS A 18 -3.04 -10.76 0.20
CA HIS A 18 -2.20 -11.89 0.68
C HIS A 18 -1.57 -11.52 2.01
N VAL A 19 -1.80 -10.32 2.48
CA VAL A 19 -1.20 -9.91 3.79
C VAL A 19 -2.21 -10.17 4.91
N ASN A 20 -3.47 -9.96 4.66
CA ASN A 20 -4.50 -10.20 5.70
C ASN A 20 -4.55 -11.69 6.04
N GLN A 21 -4.12 -12.53 5.14
CA GLN A 21 -4.15 -14.00 5.42
C GLN A 21 -2.87 -14.41 6.15
N HIS A 22 -1.77 -13.76 5.88
CA HIS A 22 -0.50 -14.13 6.57
C HIS A 22 -0.13 -13.07 7.60
N TRP A 23 -1.11 -12.50 8.26
CA TRP A 23 -0.81 -11.46 9.28
C TRP A 23 -0.37 -12.14 10.58
N GLN A 24 0.62 -11.60 11.23
CA GLN A 24 1.09 -12.20 12.51
C GLN A 24 1.70 -11.11 13.39
N GLY A 25 1.25 -11.02 14.62
CA GLY A 25 1.80 -9.98 15.53
C GLY A 25 0.65 -9.12 16.05
N GLY A 26 -0.44 -9.74 16.45
CA GLY A 26 -1.59 -8.95 16.97
C GLY A 26 -2.66 -8.83 15.89
N GLN A 27 -3.51 -9.82 15.77
CA GLN A 27 -4.57 -9.77 14.73
C GLN A 27 -5.46 -8.55 14.97
N LYS A 28 -5.11 -7.71 15.91
CA LYS A 28 -5.93 -6.50 16.17
C LYS A 28 -5.44 -5.34 15.30
N ASN A 29 -4.27 -5.46 14.76
CA ASN A 29 -3.73 -4.37 13.90
C ASN A 29 -4.09 -4.66 12.43
N MET A 30 -4.37 -5.88 12.11
CA MET A 30 -4.72 -6.23 10.71
C MET A 30 -5.90 -5.36 10.26
N ASN A 31 -6.82 -5.10 11.15
CA ASN A 31 -8.00 -4.28 10.78
C ASN A 31 -7.62 -2.80 10.82
N LYS A 32 -6.99 -2.37 11.88
CA LYS A 32 -6.58 -0.93 11.98
C LYS A 32 -5.78 -0.53 10.73
N VAL A 33 -4.93 -1.39 10.25
CA VAL A 33 -4.13 -1.04 9.05
C VAL A 33 -4.98 -1.29 7.79
N ASP A 34 -5.72 -2.36 7.77
CA ASP A 34 -6.57 -2.64 6.57
C ASP A 34 -7.18 -1.34 6.06
N HIS A 35 -7.70 -0.54 6.94
CA HIS A 35 -8.30 0.76 6.49
C HIS A 35 -7.20 1.68 5.98
N HIS A 36 -6.10 1.74 6.68
CA HIS A 36 -4.99 2.63 6.21
C HIS A 36 -4.75 2.38 4.72
N LEU A 37 -4.63 1.15 4.33
CA LEU A 37 -4.39 0.85 2.89
C LEU A 37 -5.68 1.12 2.10
N GLN A 38 -6.75 0.46 2.44
CA GLN A 38 -8.02 0.69 1.70
C GLN A 38 -8.13 2.18 1.36
N ASN A 39 -7.72 3.04 2.26
CA ASN A 39 -7.79 4.49 1.98
C ASN A 39 -6.78 4.84 0.88
N VAL A 40 -5.67 4.17 0.85
CA VAL A 40 -4.64 4.45 -0.19
C VAL A 40 -5.10 3.81 -1.51
N ILE A 41 -5.38 2.53 -1.49
CA ILE A 41 -5.82 1.85 -2.74
C ILE A 41 -6.75 2.78 -3.51
N GLU A 42 -7.66 3.43 -2.83
CA GLU A 42 -8.60 4.34 -3.54
C GLU A 42 -7.86 5.59 -4.01
N ASP A 43 -6.84 6.00 -3.30
CA ASP A 43 -6.08 7.21 -3.72
C ASP A 43 -5.52 6.99 -5.12
N ILE A 44 -4.86 5.89 -5.33
CA ILE A 44 -4.29 5.61 -6.67
C ILE A 44 -5.41 5.64 -7.72
N HIS A 45 -6.48 4.95 -7.47
CA HIS A 45 -7.62 4.94 -8.44
C HIS A 45 -8.01 6.39 -8.75
N ASP A 46 -7.80 7.28 -7.82
CA ASP A 46 -8.15 8.71 -8.06
C ASP A 46 -6.99 9.40 -8.78
N PHE A 47 -5.88 8.74 -8.89
CA PHE A 47 -4.70 9.36 -9.58
C PHE A 47 -4.87 9.21 -11.09
N MET A 48 -5.67 8.27 -11.51
CA MET A 48 -5.89 8.09 -12.98
C MET A 48 -6.84 9.16 -13.49
N GLN A 49 -7.83 9.51 -12.71
CA GLN A 49 -8.79 10.57 -13.14
C GLN A 49 -8.35 11.92 -12.57
N GLY A 50 -7.68 11.91 -11.46
CA GLY A 50 -7.21 13.20 -10.88
C GLY A 50 -6.40 13.97 -11.92
N GLY A 51 -6.25 13.39 -13.09
CA GLY A 51 -5.48 14.09 -14.16
C GLY A 51 -3.98 14.08 -13.82
N GLY A 52 -3.63 14.37 -12.60
CA GLY A 52 -2.19 14.38 -12.21
C GLY A 52 -2.03 15.21 -10.94
N SER A 53 -3.00 15.11 -10.06
CA SER A 53 -2.93 15.89 -8.80
C SER A 53 -1.85 15.32 -7.89
N GLY A 54 -0.62 15.73 -8.09
CA GLY A 54 0.48 15.21 -7.22
C GLY A 54 0.15 15.49 -5.76
N GLY A 55 -0.84 16.30 -5.50
CA GLY A 55 -1.21 16.59 -4.10
C GLY A 55 -2.14 15.49 -3.59
N LYS A 56 -2.90 14.90 -4.47
CA LYS A 56 -3.81 13.80 -4.04
C LYS A 56 -2.99 12.55 -3.72
N LEU A 57 -1.80 12.48 -4.25
CA LEU A 57 -0.94 11.30 -3.97
C LEU A 57 -0.19 11.52 -2.66
N GLN A 58 0.54 12.59 -2.56
CA GLN A 58 1.29 12.85 -1.31
C GLN A 58 0.32 12.78 -0.14
N GLU A 59 -0.95 12.64 -0.43
CA GLU A 59 -1.96 12.54 0.66
C GLU A 59 -1.93 11.11 1.21
N MET A 60 -2.16 10.14 0.37
CA MET A 60 -2.12 8.73 0.84
C MET A 60 -0.68 8.38 1.23
N MET A 61 0.26 9.19 0.77
CA MET A 61 1.68 8.92 1.11
C MET A 61 1.82 8.73 2.62
N LYS A 62 1.38 9.70 3.39
CA LYS A 62 1.48 9.55 4.87
C LYS A 62 0.75 8.29 5.31
N GLU A 63 -0.38 8.01 4.71
CA GLU A 63 -1.14 6.77 5.09
C GLU A 63 -0.46 5.56 4.47
N PHE A 64 0.26 5.75 3.40
CA PHE A 64 0.95 4.61 2.75
C PHE A 64 2.17 4.22 3.59
N GLN A 65 2.95 5.20 3.98
CA GLN A 65 4.17 4.92 4.80
C GLN A 65 3.79 4.58 6.24
N GLN A 66 2.54 4.71 6.59
CA GLN A 66 2.13 4.40 7.98
C GLN A 66 1.83 2.91 8.09
N VAL A 67 1.66 2.26 6.97
CA VAL A 67 1.36 0.80 7.00
C VAL A 67 2.67 0.02 7.01
N LEU A 68 3.49 0.21 6.01
CA LEU A 68 4.78 -0.53 5.99
C LEU A 68 5.43 -0.44 7.36
N ASP A 69 5.33 0.70 7.99
CA ASP A 69 5.93 0.85 9.35
C ASP A 69 5.14 0.00 10.33
N GLU A 70 3.91 -0.30 10.02
CA GLU A 70 3.08 -1.13 10.94
C GLU A 70 3.35 -2.61 10.65
N ILE A 71 3.22 -3.01 9.41
CA ILE A 71 3.47 -4.44 9.07
C ILE A 71 4.96 -4.75 9.27
N LYS A 72 5.82 -3.91 8.77
CA LYS A 72 7.28 -4.15 8.94
C LYS A 72 7.53 -4.61 10.38
N GLN A 73 6.68 -4.22 11.28
CA GLN A 73 6.86 -4.64 12.70
C GLN A 73 6.24 -6.03 12.89
N GLN A 74 5.19 -6.32 12.17
CA GLN A 74 4.55 -7.66 12.30
C GLN A 74 5.59 -8.73 11.99
N LEU A 75 6.51 -8.43 11.11
CA LEU A 75 7.57 -9.41 10.76
C LEU A 75 8.25 -9.88 12.03
N GLN A 76 7.89 -9.34 13.16
CA GLN A 76 8.53 -9.75 14.45
C GLN A 76 7.85 -11.03 14.95
N GLY A 77 7.02 -11.63 14.15
CA GLY A 77 6.33 -12.88 14.60
C GLY A 77 6.40 -13.92 13.49
N GLY A 78 5.53 -14.88 13.51
CA GLY A 78 5.55 -15.94 12.45
C GLY A 78 4.85 -15.41 11.20
N ASP A 79 5.43 -14.43 10.55
CA ASP A 79 4.80 -13.88 9.31
C ASP A 79 5.82 -13.92 8.17
N ASN A 80 6.62 -14.94 8.11
CA ASN A 80 7.64 -15.04 7.02
C ASN A 80 6.96 -14.84 5.67
N SER A 81 5.67 -14.74 5.64
CA SER A 81 4.97 -14.53 4.35
C SER A 81 5.01 -13.04 4.04
N LEU A 82 4.70 -12.23 5.02
CA LEU A 82 4.74 -10.76 4.80
C LEU A 82 6.15 -10.39 4.34
N HIS A 83 7.14 -11.01 4.92
CA HIS A 83 8.54 -10.72 4.51
C HIS A 83 8.61 -10.68 2.98
N ASN A 84 7.70 -11.36 2.34
CA ASN A 84 7.68 -11.38 0.85
C ASN A 84 6.63 -10.37 0.36
N VAL A 85 5.56 -10.18 1.10
CA VAL A 85 4.52 -9.23 0.67
C VAL A 85 4.83 -7.85 1.23
N HIS A 86 5.15 -7.76 2.48
CA HIS A 86 5.46 -6.43 3.09
C HIS A 86 6.56 -5.76 2.27
N GLU A 87 7.44 -6.52 1.69
CA GLU A 87 8.52 -5.92 0.87
C GLU A 87 7.91 -5.33 -0.40
N ASN A 88 6.74 -5.76 -0.76
CA ASN A 88 6.09 -5.21 -1.99
C ASN A 88 5.79 -3.73 -1.79
N ILE A 89 4.99 -3.40 -0.81
CA ILE A 89 4.67 -1.98 -0.56
C ILE A 89 5.94 -1.14 -0.80
N LYS A 90 7.04 -1.57 -0.22
CA LYS A 90 8.31 -0.82 -0.40
C LYS A 90 8.50 -0.40 -1.86
N GLU A 91 8.56 -1.35 -2.75
CA GLU A 91 8.76 -1.00 -4.19
C GLU A 91 7.44 -0.53 -4.80
N ILE A 92 6.34 -1.11 -4.38
CA ILE A 92 5.02 -0.70 -4.95
C ILE A 92 4.71 0.74 -4.53
N PHE A 93 4.68 0.99 -3.25
CA PHE A 93 4.36 2.36 -2.76
C PHE A 93 5.32 3.37 -3.41
N HIS A 94 6.60 3.16 -3.28
CA HIS A 94 7.57 4.10 -3.89
C HIS A 94 7.40 4.11 -5.41
N HIS A 95 6.59 3.24 -5.92
CA HIS A 95 6.38 3.20 -7.40
C HIS A 95 5.42 4.32 -7.81
N LEU A 96 4.34 4.46 -7.11
CA LEU A 96 3.37 5.53 -7.46
C LEU A 96 4.11 6.87 -7.49
N GLU A 97 4.75 7.24 -6.42
CA GLU A 97 5.50 8.52 -6.42
C GLU A 97 6.38 8.55 -7.66
N GLU A 98 6.48 7.44 -8.35
CA GLU A 98 7.32 7.39 -9.57
C GLU A 98 6.47 7.78 -10.78
N LEU A 99 5.23 7.35 -10.81
CA LEU A 99 4.36 7.72 -11.96
C LEU A 99 4.17 9.24 -11.93
N VAL A 100 4.76 9.90 -10.97
CA VAL A 100 4.62 11.36 -10.86
C VAL A 100 6.00 12.01 -10.83
N HIS A 101 6.99 11.29 -10.38
CA HIS A 101 8.36 11.88 -10.32
C HIS A 101 8.87 12.16 -11.73
N ARG A 102 7.98 12.43 -12.65
CA ARG A 102 8.42 12.71 -14.05
C ARG A 102 8.54 14.23 -14.25
N MET A 1 -4.60 9.97 -18.48
CA MET A 1 -5.04 8.68 -17.90
C MET A 1 -4.21 7.54 -18.50
N TYR A 2 -3.00 7.38 -18.06
CA TYR A 2 -2.15 6.28 -18.60
C TYR A 2 -2.80 4.93 -18.29
N GLY A 3 -3.10 4.69 -17.04
CA GLY A 3 -3.74 3.40 -16.66
C GLY A 3 -2.78 2.60 -15.77
N LYS A 4 -1.51 2.87 -15.88
CA LYS A 4 -0.53 2.12 -15.04
C LYS A 4 -1.02 2.10 -13.59
N LEU A 5 -1.59 3.17 -13.11
CA LEU A 5 -2.08 3.17 -11.71
C LEU A 5 -2.67 1.79 -11.41
N ASN A 6 -3.67 1.39 -12.12
CA ASN A 6 -4.26 0.05 -11.88
C ASN A 6 -3.12 -0.92 -11.57
N ASP A 7 -2.01 -0.78 -12.25
CA ASP A 7 -0.86 -1.68 -11.97
C ASP A 7 -0.36 -1.38 -10.57
N LEU A 8 -0.32 -0.13 -10.19
CA LEU A 8 0.14 0.24 -8.83
C LEU A 8 -1.00 -0.07 -7.85
N LEU A 9 -2.19 0.39 -8.15
CA LEU A 9 -3.35 0.14 -7.27
C LEU A 9 -3.56 -1.37 -7.13
N GLU A 10 -3.84 -2.04 -8.20
CA GLU A 10 -4.05 -3.52 -8.13
C GLU A 10 -2.88 -4.16 -7.39
N ASP A 11 -1.69 -3.96 -7.87
CA ASP A 11 -0.51 -4.56 -7.18
C ASP A 11 -0.52 -4.16 -5.71
N LEU A 12 -0.89 -2.95 -5.41
CA LEU A 12 -0.92 -2.52 -3.98
C LEU A 12 -2.06 -3.24 -3.26
N GLN A 13 -3.20 -3.31 -3.88
CA GLN A 13 -4.36 -3.99 -3.25
C GLN A 13 -4.06 -5.49 -3.11
N GLU A 14 -3.19 -6.00 -3.94
CA GLU A 14 -2.87 -7.46 -3.85
C GLU A 14 -2.04 -7.72 -2.59
N VAL A 15 -0.91 -7.07 -2.46
CA VAL A 15 -0.07 -7.28 -1.26
C VAL A 15 -0.99 -7.25 -0.03
N LEU A 16 -1.91 -6.34 0.00
CA LEU A 16 -2.86 -6.27 1.15
C LEU A 16 -3.63 -7.57 1.22
N LYS A 17 -3.79 -8.24 0.11
CA LYS A 17 -4.53 -9.52 0.11
C LYS A 17 -3.65 -10.62 0.69
N HIS A 18 -2.48 -10.82 0.12
CA HIS A 18 -1.58 -11.88 0.65
C HIS A 18 -1.06 -11.46 2.03
N VAL A 19 -1.64 -10.44 2.60
CA VAL A 19 -1.20 -9.98 3.95
C VAL A 19 -2.36 -10.09 4.93
N ASN A 20 -3.54 -10.34 4.44
CA ASN A 20 -4.72 -10.45 5.35
C ASN A 20 -4.77 -11.88 5.91
N GLN A 21 -4.34 -12.85 5.15
CA GLN A 21 -4.38 -14.25 5.64
C GLN A 21 -3.02 -14.63 6.24
N HIS A 22 -2.03 -13.80 6.08
CA HIS A 22 -0.69 -14.13 6.65
C HIS A 22 -0.27 -13.07 7.67
N TRP A 23 -1.21 -12.37 8.23
CA TRP A 23 -0.86 -11.33 9.24
C TRP A 23 -0.42 -12.00 10.54
N GLN A 24 0.47 -11.39 11.26
CA GLN A 24 0.93 -11.99 12.54
C GLN A 24 1.34 -10.88 13.52
N GLY A 25 1.81 -11.23 14.68
CA GLY A 25 2.23 -10.21 15.66
C GLY A 25 1.02 -9.36 16.08
N GLY A 26 -0.11 -9.98 16.29
CA GLY A 26 -1.31 -9.22 16.70
C GLY A 26 -2.29 -9.15 15.54
N GLN A 27 -3.31 -9.98 15.55
CA GLN A 27 -4.30 -9.96 14.44
C GLN A 27 -5.29 -8.82 14.66
N LYS A 28 -4.99 -7.92 15.58
CA LYS A 28 -5.91 -6.78 15.83
C LYS A 28 -5.50 -5.60 14.95
N ASN A 29 -4.30 -5.61 14.46
CA ASN A 29 -3.85 -4.49 13.59
C ASN A 29 -4.35 -4.72 12.16
N MET A 30 -4.40 -5.96 11.74
CA MET A 30 -4.88 -6.26 10.37
C MET A 30 -6.18 -5.49 10.11
N ASN A 31 -6.95 -5.25 11.12
CA ASN A 31 -8.22 -4.50 10.94
C ASN A 31 -7.94 -3.00 10.92
N LYS A 32 -7.15 -2.53 11.86
CA LYS A 32 -6.84 -1.07 11.90
C LYS A 32 -6.06 -0.68 10.64
N VAL A 33 -5.16 -1.52 10.21
CA VAL A 33 -4.37 -1.19 8.99
C VAL A 33 -5.24 -1.42 7.75
N ASP A 34 -6.12 -2.37 7.80
CA ASP A 34 -7.00 -2.64 6.63
C ASP A 34 -7.70 -1.35 6.20
N HIS A 35 -8.06 -0.52 7.15
CA HIS A 35 -8.74 0.76 6.79
C HIS A 35 -7.69 1.78 6.31
N HIS A 36 -6.48 1.65 6.78
CA HIS A 36 -5.41 2.60 6.35
C HIS A 36 -5.15 2.41 4.85
N LEU A 37 -4.90 1.20 4.44
CA LEU A 37 -4.64 0.96 2.99
C LEU A 37 -5.91 1.22 2.19
N GLN A 38 -7.00 0.58 2.54
CA GLN A 38 -8.26 0.81 1.79
C GLN A 38 -8.35 2.28 1.40
N ASN A 39 -7.81 3.14 2.22
CA ASN A 39 -7.85 4.60 1.92
C ASN A 39 -6.82 4.90 0.83
N VAL A 40 -5.68 4.26 0.88
CA VAL A 40 -4.63 4.51 -0.16
C VAL A 40 -5.06 3.83 -1.45
N ILE A 41 -5.44 2.57 -1.39
CA ILE A 41 -5.87 1.88 -2.63
C ILE A 41 -6.76 2.82 -3.44
N GLU A 42 -7.58 3.59 -2.77
CA GLU A 42 -8.48 4.53 -3.48
C GLU A 42 -7.67 5.76 -3.93
N ASP A 43 -6.71 6.15 -3.15
CA ASP A 43 -5.89 7.34 -3.54
C ASP A 43 -5.30 7.13 -4.93
N ILE A 44 -4.77 5.97 -5.18
CA ILE A 44 -4.19 5.69 -6.53
C ILE A 44 -5.30 5.73 -7.57
N HIS A 45 -6.41 5.09 -7.29
CA HIS A 45 -7.54 5.11 -8.26
C HIS A 45 -7.93 6.56 -8.53
N ASP A 46 -7.71 7.43 -7.59
CA ASP A 46 -8.06 8.86 -7.79
C ASP A 46 -6.91 9.57 -8.50
N PHE A 47 -5.82 8.89 -8.72
CA PHE A 47 -4.67 9.52 -9.43
C PHE A 47 -4.92 9.44 -10.93
N MET A 48 -5.70 8.49 -11.36
CA MET A 48 -5.99 8.37 -12.82
C MET A 48 -7.05 9.39 -13.20
N GLN A 49 -7.96 9.67 -12.30
CA GLN A 49 -9.02 10.67 -12.60
C GLN A 49 -8.37 12.02 -12.93
N GLY A 50 -7.70 12.60 -11.97
CA GLY A 50 -7.04 13.92 -12.22
C GLY A 50 -5.90 13.72 -13.23
N GLY A 51 -5.71 12.53 -13.71
CA GLY A 51 -4.62 12.27 -14.69
C GLY A 51 -3.35 13.02 -14.26
N GLY A 52 -3.29 13.44 -13.02
CA GLY A 52 -2.09 14.17 -12.55
C GLY A 52 -2.45 14.98 -11.30
N SER A 53 -2.57 14.32 -10.18
CA SER A 53 -2.92 15.05 -8.93
C SER A 53 -1.78 14.88 -7.91
N GLY A 54 -0.58 15.19 -8.30
CA GLY A 54 0.56 15.05 -7.35
C GLY A 54 0.17 15.63 -5.99
N GLY A 55 -0.94 16.33 -5.92
CA GLY A 55 -1.37 16.91 -4.62
C GLY A 55 -2.20 15.86 -3.87
N LYS A 56 -2.87 15.00 -4.58
CA LYS A 56 -3.69 13.95 -3.91
C LYS A 56 -2.79 12.77 -3.55
N LEU A 57 -1.80 12.49 -4.35
CA LEU A 57 -0.91 11.35 -4.04
C LEU A 57 -0.13 11.66 -2.77
N GLN A 58 0.64 12.71 -2.77
CA GLN A 58 1.42 13.06 -1.54
C GLN A 58 0.47 12.97 -0.34
N GLU A 59 -0.80 12.81 -0.58
CA GLU A 59 -1.75 12.71 0.55
C GLU A 59 -1.64 11.30 1.14
N MET A 60 -1.90 10.29 0.37
CA MET A 60 -1.77 8.90 0.90
C MET A 60 -0.30 8.63 1.19
N MET A 61 0.58 9.39 0.59
CA MET A 61 2.03 9.20 0.84
C MET A 61 2.28 9.07 2.33
N LYS A 62 1.64 9.89 3.13
CA LYS A 62 1.82 9.80 4.60
C LYS A 62 1.16 8.53 5.11
N GLU A 63 -0.01 8.21 4.59
CA GLU A 63 -0.70 6.96 5.04
C GLU A 63 0.10 5.76 4.56
N PHE A 64 0.32 5.66 3.28
CA PHE A 64 1.11 4.50 2.76
C PHE A 64 2.25 4.19 3.74
N GLN A 65 3.03 5.19 4.09
CA GLN A 65 4.17 4.97 5.03
C GLN A 65 3.66 4.65 6.44
N GLN A 66 2.43 4.92 6.74
CA GLN A 66 1.92 4.62 8.10
C GLN A 66 1.70 3.12 8.21
N VAL A 67 1.46 2.48 7.11
CA VAL A 67 1.27 1.01 7.11
C VAL A 67 2.64 0.34 6.96
N LEU A 68 3.41 0.83 6.02
CA LEU A 68 4.76 0.26 5.78
C LEU A 68 5.47 0.06 7.12
N ASP A 69 5.36 0.99 8.02
CA ASP A 69 6.03 0.86 9.34
C ASP A 69 5.20 -0.04 10.27
N GLU A 70 3.92 -0.15 10.02
CA GLU A 70 3.08 -1.00 10.90
C GLU A 70 3.34 -2.48 10.59
N ILE A 71 3.07 -2.91 9.39
CA ILE A 71 3.31 -4.34 9.04
C ILE A 71 4.78 -4.68 9.26
N LYS A 72 5.67 -3.88 8.73
CA LYS A 72 7.12 -4.15 8.91
C LYS A 72 7.38 -4.65 10.33
N GLN A 73 6.55 -4.26 11.26
CA GLN A 73 6.74 -4.71 12.67
C GLN A 73 6.19 -6.13 12.83
N GLN A 74 5.02 -6.38 12.31
CA GLN A 74 4.43 -7.74 12.45
C GLN A 74 5.46 -8.78 12.00
N LEU A 75 6.20 -8.51 10.97
CA LEU A 75 7.22 -9.49 10.50
C LEU A 75 7.84 -10.18 11.72
N GLN A 76 8.00 -9.46 12.80
CA GLN A 76 8.60 -10.08 14.02
C GLN A 76 7.63 -11.13 14.58
N GLY A 77 7.51 -12.25 13.94
CA GLY A 77 6.60 -13.31 14.44
C GLY A 77 6.46 -14.40 13.37
N GLY A 78 5.28 -14.93 13.21
CA GLY A 78 5.08 -16.00 12.18
C GLY A 78 4.62 -15.38 10.87
N ASP A 79 5.02 -14.16 10.60
CA ASP A 79 4.60 -13.49 9.34
C ASP A 79 5.70 -13.67 8.28
N ASN A 80 6.46 -14.73 8.37
CA ASN A 80 7.55 -14.94 7.36
C ASN A 80 6.95 -14.83 5.96
N SER A 81 5.65 -14.70 5.87
CA SER A 81 5.02 -14.56 4.53
C SER A 81 5.09 -13.09 4.15
N LEU A 82 4.64 -12.23 5.03
CA LEU A 82 4.70 -10.79 4.74
C LEU A 82 6.12 -10.45 4.29
N HIS A 83 7.09 -11.08 4.89
CA HIS A 83 8.50 -10.82 4.49
C HIS A 83 8.56 -10.81 2.97
N ASN A 84 7.69 -11.54 2.33
CA ASN A 84 7.69 -11.58 0.84
C ASN A 84 6.62 -10.62 0.33
N VAL A 85 5.54 -10.46 1.04
CA VAL A 85 4.48 -9.54 0.59
C VAL A 85 4.78 -8.14 1.10
N HIS A 86 5.06 -8.00 2.36
CA HIS A 86 5.37 -6.64 2.91
C HIS A 86 6.43 -5.99 2.04
N GLU A 87 7.24 -6.78 1.38
CA GLU A 87 8.30 -6.21 0.51
C GLU A 87 7.63 -5.42 -0.62
N ASN A 88 6.41 -5.76 -0.95
CA ASN A 88 5.70 -5.03 -2.04
C ASN A 88 5.58 -3.56 -1.66
N ILE A 89 4.87 -3.24 -0.61
CA ILE A 89 4.72 -1.82 -0.21
C ILE A 89 6.07 -1.12 -0.36
N LYS A 90 7.15 -1.80 -0.13
CA LYS A 90 8.48 -1.16 -0.26
C LYS A 90 8.62 -0.54 -1.66
N GLU A 91 8.56 -1.33 -2.69
CA GLU A 91 8.69 -0.79 -4.07
C GLU A 91 7.33 -0.29 -4.57
N ILE A 92 6.28 -1.00 -4.29
CA ILE A 92 4.94 -0.57 -4.75
C ILE A 92 4.67 0.87 -4.31
N PHE A 93 4.82 1.14 -3.04
CA PHE A 93 4.57 2.52 -2.53
C PHE A 93 5.44 3.51 -3.28
N HIS A 94 6.72 3.30 -3.30
CA HIS A 94 7.62 4.25 -4.02
C HIS A 94 7.42 4.12 -5.53
N HIS A 95 6.62 3.19 -5.97
CA HIS A 95 6.40 3.05 -7.43
C HIS A 95 5.35 4.06 -7.88
N LEU A 96 4.48 4.48 -6.98
CA LEU A 96 3.46 5.49 -7.37
C LEU A 96 4.12 6.86 -7.42
N GLU A 97 4.71 7.31 -6.34
CA GLU A 97 5.38 8.64 -6.37
C GLU A 97 6.31 8.70 -7.59
N GLU A 98 6.45 7.59 -8.28
CA GLU A 98 7.32 7.57 -9.48
C GLU A 98 6.51 7.92 -10.72
N LEU A 99 5.26 7.53 -10.76
CA LEU A 99 4.42 7.85 -11.95
C LEU A 99 4.16 9.36 -11.96
N VAL A 100 4.49 10.02 -10.90
CA VAL A 100 4.27 11.50 -10.84
C VAL A 100 5.61 12.21 -10.94
N HIS A 101 6.67 11.56 -10.52
CA HIS A 101 8.00 12.21 -10.58
C HIS A 101 8.25 12.73 -11.99
N ARG A 102 7.42 12.38 -12.93
CA ARG A 102 7.60 12.87 -14.33
C ARG A 102 6.30 13.48 -14.83
N MET A 1 -4.73 10.35 -19.67
CA MET A 1 -4.90 9.32 -18.61
C MET A 1 -4.15 8.05 -19.02
N TYR A 2 -3.00 7.82 -18.45
CA TYR A 2 -2.22 6.60 -18.81
C TYR A 2 -3.05 5.36 -18.48
N GLY A 3 -2.97 4.88 -17.27
CA GLY A 3 -3.76 3.67 -16.88
C GLY A 3 -2.88 2.74 -16.04
N LYS A 4 -1.59 2.93 -16.08
CA LYS A 4 -0.68 2.06 -15.30
C LYS A 4 -1.16 2.01 -13.84
N LEU A 5 -1.65 3.11 -13.33
CA LEU A 5 -2.13 3.10 -11.92
C LEU A 5 -2.78 1.76 -11.63
N ASN A 6 -3.81 1.41 -12.37
CA ASN A 6 -4.48 0.11 -12.13
C ASN A 6 -3.42 -0.93 -11.74
N ASP A 7 -2.30 -0.92 -12.41
CA ASP A 7 -1.23 -1.89 -12.06
C ASP A 7 -0.75 -1.58 -10.64
N LEU A 8 -0.61 -0.33 -10.31
CA LEU A 8 -0.18 0.04 -8.94
C LEU A 8 -1.32 -0.29 -7.98
N LEU A 9 -2.51 0.07 -8.36
CA LEU A 9 -3.70 -0.20 -7.50
C LEU A 9 -3.92 -1.71 -7.38
N GLU A 10 -4.23 -2.37 -8.47
CA GLU A 10 -4.47 -3.83 -8.41
C GLU A 10 -3.27 -4.53 -7.76
N ASP A 11 -2.08 -4.02 -7.99
CA ASP A 11 -0.88 -4.66 -7.39
C ASP A 11 -0.76 -4.25 -5.92
N LEU A 12 -1.28 -3.10 -5.55
CA LEU A 12 -1.19 -2.68 -4.13
C LEU A 12 -2.25 -3.42 -3.31
N GLN A 13 -3.48 -3.36 -3.71
CA GLN A 13 -4.55 -4.07 -2.94
C GLN A 13 -4.20 -5.56 -2.88
N GLU A 14 -3.43 -6.03 -3.81
CA GLU A 14 -3.04 -7.47 -3.80
C GLU A 14 -2.13 -7.74 -2.60
N VAL A 15 -0.99 -7.13 -2.56
CA VAL A 15 -0.07 -7.34 -1.41
C VAL A 15 -0.90 -7.28 -0.13
N LEU A 16 -1.89 -6.43 -0.11
CA LEU A 16 -2.77 -6.33 1.10
C LEU A 16 -3.58 -7.62 1.19
N LYS A 17 -3.88 -8.22 0.06
CA LYS A 17 -4.67 -9.48 0.08
C LYS A 17 -3.77 -10.64 0.53
N HIS A 18 -2.61 -10.74 -0.05
CA HIS A 18 -1.68 -11.84 0.34
C HIS A 18 -1.02 -11.49 1.67
N VAL A 19 -1.62 -10.63 2.43
CA VAL A 19 -1.04 -10.23 3.75
C VAL A 19 -2.07 -10.50 4.86
N ASN A 20 -3.29 -10.09 4.66
CA ASN A 20 -4.33 -10.31 5.70
C ASN A 20 -4.37 -11.80 6.08
N GLN A 21 -4.11 -12.67 5.14
CA GLN A 21 -4.14 -14.13 5.44
C GLN A 21 -2.88 -14.53 6.19
N HIS A 22 -1.79 -13.86 5.95
CA HIS A 22 -0.52 -14.22 6.66
C HIS A 22 -0.17 -13.13 7.67
N TRP A 23 -1.15 -12.54 8.30
CA TRP A 23 -0.86 -11.47 9.29
C TRP A 23 -0.54 -12.10 10.64
N GLN A 24 0.49 -11.63 11.29
CA GLN A 24 0.85 -12.19 12.63
C GLN A 24 1.56 -11.11 13.45
N GLY A 25 1.27 -11.04 14.73
CA GLY A 25 1.92 -10.02 15.58
C GLY A 25 0.94 -8.90 15.91
N GLY A 26 -0.32 -9.23 16.05
CA GLY A 26 -1.34 -8.18 16.35
C GLY A 26 -2.54 -8.35 15.44
N GLN A 27 -3.16 -9.50 15.46
CA GLN A 27 -4.34 -9.73 14.58
C GLN A 27 -5.32 -8.56 14.74
N LYS A 28 -5.05 -7.65 15.64
CA LYS A 28 -5.96 -6.49 15.83
C LYS A 28 -5.58 -5.38 14.85
N ASN A 29 -4.36 -5.38 14.39
CA ASN A 29 -3.92 -4.34 13.43
C ASN A 29 -4.55 -4.61 12.06
N MET A 30 -4.58 -5.84 11.65
CA MET A 30 -5.17 -6.18 10.33
C MET A 30 -6.36 -5.26 10.05
N ASN A 31 -7.18 -5.03 11.04
CA ASN A 31 -8.36 -4.14 10.83
C ASN A 31 -7.91 -2.69 10.84
N LYS A 32 -7.11 -2.31 11.80
CA LYS A 32 -6.64 -0.90 11.86
C LYS A 32 -5.82 -0.57 10.62
N VAL A 33 -5.06 -1.52 10.12
CA VAL A 33 -4.24 -1.25 8.91
C VAL A 33 -5.11 -1.40 7.65
N ASP A 34 -6.10 -2.24 7.70
CA ASP A 34 -6.98 -2.43 6.51
C ASP A 34 -7.55 -1.08 6.08
N HIS A 35 -8.10 -0.33 7.00
CA HIS A 35 -8.68 0.99 6.64
C HIS A 35 -7.56 1.91 6.15
N HIS A 36 -6.37 1.75 6.68
CA HIS A 36 -5.24 2.62 6.24
C HIS A 36 -5.00 2.44 4.75
N LEU A 37 -4.92 1.23 4.30
CA LEU A 37 -4.68 0.98 2.84
C LEU A 37 -5.99 1.19 2.06
N GLN A 38 -7.02 0.46 2.41
CA GLN A 38 -8.31 0.61 1.67
C GLN A 38 -8.50 2.08 1.30
N ASN A 39 -8.02 2.98 2.10
CA ASN A 39 -8.16 4.42 1.78
C ASN A 39 -7.15 4.79 0.69
N VAL A 40 -5.98 4.21 0.75
CA VAL A 40 -4.94 4.51 -0.28
C VAL A 40 -5.36 3.84 -1.60
N ILE A 41 -5.56 2.55 -1.58
CA ILE A 41 -5.96 1.84 -2.82
C ILE A 41 -6.88 2.74 -3.66
N GLU A 42 -7.73 3.50 -3.01
CA GLU A 42 -8.66 4.39 -3.76
C GLU A 42 -7.91 5.62 -4.26
N ASP A 43 -6.90 6.06 -3.54
CA ASP A 43 -6.13 7.26 -3.98
C ASP A 43 -5.50 7.00 -5.34
N ILE A 44 -4.89 5.85 -5.51
CA ILE A 44 -4.24 5.54 -6.81
C ILE A 44 -5.28 5.58 -7.93
N HIS A 45 -6.34 4.81 -7.81
CA HIS A 45 -7.38 4.82 -8.86
C HIS A 45 -7.82 6.27 -9.12
N ASP A 46 -7.69 7.11 -8.12
CA ASP A 46 -8.09 8.54 -8.30
C ASP A 46 -6.92 9.32 -8.90
N PHE A 47 -5.79 8.67 -9.08
CA PHE A 47 -4.62 9.38 -9.67
C PHE A 47 -4.81 9.46 -11.18
N MET A 48 -5.51 8.50 -11.74
CA MET A 48 -5.75 8.51 -13.21
C MET A 48 -6.79 9.57 -13.56
N GLN A 49 -7.71 9.83 -12.67
CA GLN A 49 -8.76 10.85 -12.95
C GLN A 49 -8.44 12.12 -12.16
N GLY A 50 -7.94 11.98 -10.96
CA GLY A 50 -7.60 13.18 -10.15
C GLY A 50 -6.65 14.07 -10.96
N GLY A 51 -6.32 13.66 -12.15
CA GLY A 51 -5.40 14.47 -12.99
C GLY A 51 -3.96 14.03 -12.75
N GLY A 52 -3.58 13.86 -11.51
CA GLY A 52 -2.19 13.44 -11.20
C GLY A 52 -1.61 14.39 -10.16
N SER A 53 -2.40 15.32 -9.73
CA SER A 53 -1.93 16.30 -8.70
C SER A 53 -0.97 15.61 -7.75
N GLY A 54 0.32 15.75 -7.98
CA GLY A 54 1.30 15.10 -7.07
C GLY A 54 0.93 15.42 -5.62
N GLY A 55 0.02 16.33 -5.43
CA GLY A 55 -0.40 16.69 -4.04
C GLY A 55 -1.45 15.68 -3.57
N LYS A 56 -2.23 15.17 -4.48
CA LYS A 56 -3.27 14.18 -4.10
C LYS A 56 -2.58 12.86 -3.76
N LEU A 57 -1.42 12.64 -4.32
CA LEU A 57 -0.68 11.38 -4.03
C LEU A 57 0.05 11.53 -2.71
N GLN A 58 0.85 12.56 -2.56
CA GLN A 58 1.58 12.75 -1.28
C GLN A 58 0.57 12.70 -0.14
N GLU A 59 -0.69 12.66 -0.46
CA GLU A 59 -1.73 12.60 0.61
C GLU A 59 -1.81 11.16 1.13
N MET A 60 -2.12 10.23 0.27
CA MET A 60 -2.19 8.81 0.71
C MET A 60 -0.79 8.36 1.12
N MET A 61 0.21 9.11 0.77
CA MET A 61 1.61 8.74 1.15
C MET A 61 1.68 8.56 2.66
N LYS A 62 1.26 9.55 3.40
CA LYS A 62 1.29 9.43 4.89
C LYS A 62 0.67 8.09 5.28
N GLU A 63 -0.45 7.76 4.68
CA GLU A 63 -1.11 6.46 5.01
C GLU A 63 -0.27 5.31 4.44
N PHE A 64 -0.04 5.33 3.15
CA PHE A 64 0.76 4.25 2.50
C PHE A 64 2.01 3.97 3.36
N GLN A 65 2.71 4.99 3.76
CA GLN A 65 3.95 4.79 4.56
C GLN A 65 3.59 4.46 6.02
N GLN A 66 2.37 4.69 6.41
CA GLN A 66 1.97 4.39 7.81
C GLN A 66 1.83 2.88 7.94
N VAL A 67 1.49 2.23 6.86
CA VAL A 67 1.33 0.75 6.88
C VAL A 67 2.70 0.12 6.58
N LEU A 68 3.47 0.78 5.76
CA LEU A 68 4.80 0.24 5.41
C LEU A 68 5.60 -0.05 6.69
N ASP A 69 5.59 0.87 7.63
CA ASP A 69 6.35 0.66 8.89
C ASP A 69 5.48 -0.09 9.90
N GLU A 70 4.23 -0.31 9.58
CA GLU A 70 3.34 -1.04 10.53
C GLU A 70 3.53 -2.54 10.38
N ILE A 71 3.36 -3.04 9.18
CA ILE A 71 3.53 -4.51 8.97
C ILE A 71 4.98 -4.89 9.30
N LYS A 72 5.92 -4.10 8.87
CA LYS A 72 7.34 -4.41 9.16
C LYS A 72 7.46 -4.91 10.60
N GLN A 73 6.73 -4.32 11.51
CA GLN A 73 6.79 -4.77 12.93
C GLN A 73 6.18 -6.17 13.03
N GLN A 74 5.08 -6.40 12.38
CA GLN A 74 4.43 -7.74 12.44
C GLN A 74 5.49 -8.83 12.17
N LEU A 75 6.52 -8.50 11.45
CA LEU A 75 7.58 -9.51 11.15
C LEU A 75 8.23 -9.97 12.45
N GLN A 76 7.88 -9.37 13.56
CA GLN A 76 8.50 -9.77 14.85
C GLN A 76 7.79 -11.01 15.39
N GLY A 77 6.86 -11.55 14.63
CA GLY A 77 6.13 -12.76 15.09
C GLY A 77 6.54 -13.96 14.23
N GLY A 78 5.67 -14.41 13.38
CA GLY A 78 6.01 -15.58 12.52
C GLY A 78 5.44 -15.36 11.11
N ASP A 79 5.16 -14.13 10.75
CA ASP A 79 4.60 -13.85 9.40
C ASP A 79 5.74 -13.85 8.38
N ASN A 80 6.39 -14.96 8.18
CA ASN A 80 7.50 -15.02 7.19
C ASN A 80 6.94 -14.76 5.79
N SER A 81 5.64 -14.69 5.66
CA SER A 81 5.03 -14.42 4.34
C SER A 81 5.12 -12.93 4.08
N LEU A 82 4.89 -12.14 5.09
CA LEU A 82 4.99 -10.67 4.94
C LEU A 82 6.41 -10.34 4.52
N HIS A 83 7.37 -11.01 5.11
CA HIS A 83 8.78 -10.75 4.74
C HIS A 83 8.87 -10.66 3.22
N ASN A 84 7.95 -11.29 2.54
CA ASN A 84 7.95 -11.23 1.06
C ASN A 84 6.96 -10.17 0.60
N VAL A 85 5.85 -10.03 1.29
CA VAL A 85 4.85 -9.00 0.91
C VAL A 85 5.21 -7.67 1.56
N HIS A 86 5.48 -7.67 2.84
CA HIS A 86 5.86 -6.40 3.51
C HIS A 86 6.88 -5.67 2.64
N GLU A 87 7.50 -6.38 1.74
CA GLU A 87 8.50 -5.74 0.85
C GLU A 87 7.78 -5.16 -0.36
N ASN A 88 6.68 -5.75 -0.75
CA ASN A 88 5.92 -5.22 -1.92
C ASN A 88 5.66 -3.73 -1.71
N ILE A 89 4.90 -3.38 -0.71
CA ILE A 89 4.63 -1.94 -0.46
C ILE A 89 5.91 -1.16 -0.73
N LYS A 90 6.99 -1.56 -0.10
CA LYS A 90 8.27 -0.82 -0.32
C LYS A 90 8.43 -0.48 -1.80
N GLU A 91 8.48 -1.47 -2.65
CA GLU A 91 8.63 -1.19 -4.11
C GLU A 91 7.31 -0.65 -4.68
N ILE A 92 6.22 -1.28 -4.35
CA ILE A 92 4.90 -0.81 -4.86
C ILE A 92 4.68 0.65 -4.45
N PHE A 93 4.68 0.91 -3.18
CA PHE A 93 4.46 2.31 -2.71
C PHE A 93 5.39 3.26 -3.44
N HIS A 94 6.68 3.03 -3.39
CA HIS A 94 7.63 3.93 -4.08
C HIS A 94 7.44 3.83 -5.60
N HIS A 95 6.56 2.97 -6.04
CA HIS A 95 6.34 2.85 -7.52
C HIS A 95 5.33 3.90 -7.96
N LEU A 96 4.47 4.32 -7.07
CA LEU A 96 3.47 5.37 -7.44
C LEU A 96 4.16 6.73 -7.49
N GLU A 97 4.79 7.12 -6.42
CA GLU A 97 5.50 8.44 -6.41
C GLU A 97 6.36 8.53 -7.67
N GLU A 98 6.46 7.46 -8.41
CA GLU A 98 7.28 7.48 -9.65
C GLU A 98 6.37 7.84 -10.82
N LEU A 99 5.18 7.30 -10.87
CA LEU A 99 4.26 7.62 -11.98
C LEU A 99 3.96 9.12 -11.94
N VAL A 100 4.49 9.81 -10.97
CA VAL A 100 4.25 11.27 -10.86
C VAL A 100 5.60 12.01 -10.89
N HIS A 101 6.66 11.33 -10.54
CA HIS A 101 7.99 12.00 -10.54
C HIS A 101 8.24 12.63 -11.91
N ARG A 102 7.33 12.49 -12.82
CA ARG A 102 7.52 13.08 -14.18
C ARG A 102 6.28 13.88 -14.58
N MET A 1 -5.83 7.52 -21.30
CA MET A 1 -5.52 7.22 -19.88
C MET A 1 -4.37 6.21 -19.81
N TYR A 2 -3.30 6.55 -19.14
CA TYR A 2 -2.15 5.62 -19.03
C TYR A 2 -2.66 4.22 -18.68
N GLY A 3 -3.00 4.00 -17.44
CA GLY A 3 -3.50 2.65 -17.04
C GLY A 3 -2.46 1.97 -16.16
N LYS A 4 -1.35 2.61 -15.91
CA LYS A 4 -0.30 1.98 -15.05
C LYS A 4 -0.78 1.96 -13.61
N LEU A 5 -1.43 3.00 -13.17
CA LEU A 5 -1.91 3.03 -11.76
C LEU A 5 -2.49 1.65 -11.42
N ASN A 6 -3.45 1.20 -12.18
CA ASN A 6 -4.04 -0.15 -11.88
C ASN A 6 -2.90 -1.08 -11.49
N ASP A 7 -1.76 -0.93 -12.10
CA ASP A 7 -0.61 -1.81 -11.73
C ASP A 7 -0.22 -1.46 -10.30
N LEU A 8 -0.23 -0.19 -9.97
CA LEU A 8 0.11 0.23 -8.58
C LEU A 8 -1.08 -0.10 -7.69
N LEU A 9 -2.26 0.23 -8.13
CA LEU A 9 -3.48 -0.03 -7.34
C LEU A 9 -3.64 -1.54 -7.12
N GLU A 10 -3.81 -2.27 -8.19
CA GLU A 10 -3.99 -3.75 -8.06
C GLU A 10 -2.83 -4.34 -7.26
N ASP A 11 -1.62 -4.15 -7.69
CA ASP A 11 -0.46 -4.71 -6.94
C ASP A 11 -0.47 -4.21 -5.50
N LEU A 12 -1.06 -3.08 -5.24
CA LEU A 12 -1.09 -2.55 -3.84
C LEU A 12 -2.19 -3.27 -3.05
N GLN A 13 -3.36 -3.36 -3.59
CA GLN A 13 -4.46 -4.05 -2.85
C GLN A 13 -4.17 -5.55 -2.78
N GLU A 14 -3.40 -6.06 -3.71
CA GLU A 14 -3.07 -7.51 -3.68
C GLU A 14 -2.24 -7.79 -2.42
N VAL A 15 -1.11 -7.15 -2.29
CA VAL A 15 -0.27 -7.37 -1.09
C VAL A 15 -1.20 -7.35 0.14
N LEU A 16 -2.13 -6.45 0.16
CA LEU A 16 -3.08 -6.39 1.30
C LEU A 16 -3.87 -7.69 1.33
N LYS A 17 -4.10 -8.29 0.18
CA LYS A 17 -4.85 -9.57 0.14
C LYS A 17 -3.92 -10.71 0.57
N HIS A 18 -2.72 -10.73 0.03
CA HIS A 18 -1.76 -11.79 0.41
C HIS A 18 -1.22 -11.50 1.82
N VAL A 19 -1.75 -10.50 2.45
CA VAL A 19 -1.28 -10.14 3.82
C VAL A 19 -2.43 -10.28 4.81
N ASN A 20 -3.65 -10.29 4.32
CA ASN A 20 -4.82 -10.42 5.24
C ASN A 20 -4.87 -11.84 5.81
N GLN A 21 -4.50 -12.82 5.04
CA GLN A 21 -4.55 -14.22 5.54
C GLN A 21 -3.18 -14.62 6.11
N HIS A 22 -2.15 -13.91 5.77
CA HIS A 22 -0.80 -14.26 6.30
C HIS A 22 -0.38 -13.26 7.36
N TRP A 23 -1.31 -12.75 8.12
CA TRP A 23 -0.95 -11.77 9.18
C TRP A 23 -0.54 -12.51 10.45
N GLN A 24 0.43 -12.01 11.15
CA GLN A 24 0.88 -12.69 12.40
C GLN A 24 1.48 -11.66 13.35
N GLY A 25 0.98 -11.60 14.56
CA GLY A 25 1.52 -10.62 15.55
C GLY A 25 0.41 -9.67 15.98
N GLY A 26 -0.77 -10.20 16.24
CA GLY A 26 -1.89 -9.32 16.67
C GLY A 26 -2.90 -9.18 15.52
N GLN A 27 -3.83 -10.08 15.42
CA GLN A 27 -4.83 -10.00 14.32
C GLN A 27 -5.75 -8.79 14.55
N LYS A 28 -5.31 -7.83 15.32
CA LYS A 28 -6.17 -6.64 15.57
C LYS A 28 -5.71 -5.49 14.67
N ASN A 29 -4.50 -5.55 14.19
CA ASN A 29 -4.01 -4.47 13.30
C ASN A 29 -4.64 -4.62 11.91
N MET A 30 -4.81 -5.84 11.47
CA MET A 30 -5.43 -6.06 10.13
C MET A 30 -6.62 -5.11 9.95
N ASN A 31 -7.33 -4.84 11.01
CA ASN A 31 -8.50 -3.94 10.91
C ASN A 31 -8.02 -2.48 10.91
N LYS A 32 -7.12 -2.15 11.79
CA LYS A 32 -6.62 -0.75 11.86
C LYS A 32 -5.81 -0.44 10.59
N VAL A 33 -5.01 -1.37 10.13
CA VAL A 33 -4.20 -1.12 8.92
C VAL A 33 -5.09 -1.20 7.67
N ASP A 34 -6.10 -2.04 7.70
CA ASP A 34 -7.01 -2.16 6.53
C ASP A 34 -7.59 -0.79 6.19
N HIS A 35 -7.94 -0.02 7.17
CA HIS A 35 -8.52 1.34 6.89
C HIS A 35 -7.42 2.26 6.35
N HIS A 36 -6.19 2.03 6.73
CA HIS A 36 -5.09 2.90 6.23
C HIS A 36 -4.96 2.74 4.71
N LEU A 37 -4.85 1.52 4.24
CA LEU A 37 -4.73 1.29 2.78
C LEU A 37 -6.06 1.64 2.10
N GLN A 38 -7.13 1.01 2.50
CA GLN A 38 -8.44 1.31 1.87
C GLN A 38 -8.52 2.81 1.55
N ASN A 39 -7.95 3.63 2.38
CA ASN A 39 -7.99 5.10 2.12
C ASN A 39 -6.91 5.44 1.09
N VAL A 40 -5.84 4.70 1.06
CA VAL A 40 -4.76 5.00 0.06
C VAL A 40 -5.15 4.38 -1.29
N ILE A 41 -5.31 3.08 -1.35
CA ILE A 41 -5.71 2.46 -2.64
C ILE A 41 -6.73 3.36 -3.32
N GLU A 42 -7.57 4.00 -2.56
CA GLU A 42 -8.59 4.91 -3.16
C GLU A 42 -7.87 6.11 -3.77
N ASP A 43 -6.82 6.56 -3.14
CA ASP A 43 -6.07 7.73 -3.70
C ASP A 43 -5.56 7.36 -5.09
N ILE A 44 -4.98 6.20 -5.23
CA ILE A 44 -4.46 5.77 -6.56
C ILE A 44 -5.62 5.72 -7.55
N HIS A 45 -6.68 5.05 -7.20
CA HIS A 45 -7.84 4.96 -8.12
C HIS A 45 -8.24 6.37 -8.55
N ASP A 46 -8.01 7.34 -7.70
CA ASP A 46 -8.36 8.74 -8.04
C ASP A 46 -7.20 9.37 -8.82
N PHE A 47 -6.10 8.68 -8.93
CA PHE A 47 -4.95 9.23 -9.69
C PHE A 47 -5.16 8.96 -11.17
N MET A 48 -6.11 8.13 -11.49
CA MET A 48 -6.40 7.83 -12.92
C MET A 48 -7.33 8.90 -13.48
N GLN A 49 -8.17 9.45 -12.64
CA GLN A 49 -9.10 10.52 -13.11
C GLN A 49 -8.60 11.88 -12.61
N GLY A 50 -7.88 11.90 -11.53
CA GLY A 50 -7.37 13.19 -11.00
C GLY A 50 -6.57 13.91 -12.08
N GLY A 51 -6.50 13.34 -13.25
CA GLY A 51 -5.74 13.99 -14.36
C GLY A 51 -4.25 13.94 -14.04
N GLY A 52 -3.87 14.25 -12.83
CA GLY A 52 -2.43 14.23 -12.45
C GLY A 52 -2.22 15.10 -11.23
N SER A 53 -3.02 14.92 -10.21
CA SER A 53 -2.87 15.75 -8.98
C SER A 53 -1.72 15.22 -8.13
N GLY A 54 -0.50 15.40 -8.57
CA GLY A 54 0.66 14.90 -7.78
C GLY A 54 0.56 15.43 -6.35
N GLY A 55 -0.43 16.26 -6.09
CA GLY A 55 -0.59 16.81 -4.72
C GLY A 55 -1.53 15.90 -3.92
N LYS A 56 -2.47 15.28 -4.56
CA LYS A 56 -3.41 14.37 -3.83
C LYS A 56 -2.67 13.09 -3.45
N LEU A 57 -1.54 12.85 -4.05
CA LEU A 57 -0.78 11.62 -3.71
C LEU A 57 0.07 11.88 -2.47
N GLN A 58 0.93 12.86 -2.53
CA GLN A 58 1.79 13.18 -1.34
C GLN A 58 0.89 13.25 -0.10
N GLU A 59 -0.41 13.18 -0.29
CA GLU A 59 -1.34 13.24 0.87
C GLU A 59 -1.46 11.85 1.48
N MET A 60 -1.74 10.86 0.67
CA MET A 60 -1.86 9.48 1.23
C MET A 60 -0.46 8.93 1.50
N MET A 61 0.54 9.45 0.82
CA MET A 61 1.92 8.95 1.06
C MET A 61 2.12 8.82 2.57
N LYS A 62 1.47 9.64 3.34
CA LYS A 62 1.61 9.57 4.82
C LYS A 62 0.91 8.28 5.29
N GLU A 63 -0.28 8.04 4.81
CA GLU A 63 -1.01 6.81 5.21
C GLU A 63 -0.30 5.60 4.60
N PHE A 64 0.41 5.82 3.53
CA PHE A 64 1.15 4.70 2.88
C PHE A 64 2.31 4.28 3.78
N GLN A 65 3.22 5.18 4.01
CA GLN A 65 4.39 4.85 4.89
C GLN A 65 3.88 4.51 6.29
N GLN A 66 2.61 4.64 6.52
CA GLN A 66 2.06 4.31 7.87
C GLN A 66 1.82 2.81 7.93
N VAL A 67 1.54 2.21 6.80
CA VAL A 67 1.31 0.74 6.77
C VAL A 67 2.66 0.05 6.55
N LEU A 68 3.42 0.54 5.63
CA LEU A 68 4.75 -0.06 5.34
C LEU A 68 5.51 -0.28 6.66
N ASP A 69 5.47 0.67 7.55
CA ASP A 69 6.19 0.51 8.85
C ASP A 69 5.33 -0.29 9.83
N GLU A 70 4.05 -0.32 9.63
CA GLU A 70 3.17 -1.08 10.57
C GLU A 70 3.35 -2.59 10.34
N ILE A 71 3.24 -3.03 9.12
CA ILE A 71 3.39 -4.49 8.85
C ILE A 71 4.85 -4.89 9.13
N LYS A 72 5.80 -4.07 8.75
CA LYS A 72 7.22 -4.42 9.00
C LYS A 72 7.35 -4.96 10.43
N GLN A 73 6.68 -4.33 11.36
CA GLN A 73 6.74 -4.81 12.77
C GLN A 73 6.13 -6.21 12.86
N GLN A 74 5.06 -6.43 12.14
CA GLN A 74 4.42 -7.78 12.18
C GLN A 74 5.48 -8.86 11.91
N LEU A 75 6.50 -8.53 11.17
CA LEU A 75 7.55 -9.55 10.87
C LEU A 75 8.30 -9.90 12.16
N GLN A 76 7.73 -9.57 13.30
CA GLN A 76 8.41 -9.89 14.58
C GLN A 76 9.01 -11.30 14.50
N GLY A 77 8.24 -12.26 14.04
CA GLY A 77 8.75 -13.65 13.94
C GLY A 77 7.59 -14.61 13.77
N GLY A 78 6.74 -14.37 12.80
CA GLY A 78 5.58 -15.27 12.59
C GLY A 78 5.16 -15.24 11.12
N ASP A 79 4.65 -14.14 10.66
CA ASP A 79 4.22 -14.04 9.23
C ASP A 79 5.44 -13.98 8.33
N ASN A 80 6.01 -15.10 7.97
CA ASN A 80 7.19 -15.09 7.08
C ASN A 80 6.75 -14.81 5.65
N SER A 81 5.46 -14.80 5.41
CA SER A 81 4.96 -14.51 4.05
C SER A 81 5.03 -13.01 3.87
N LEU A 82 4.71 -12.26 4.89
CA LEU A 82 4.79 -10.80 4.80
C LEU A 82 6.21 -10.42 4.40
N HIS A 83 7.17 -11.14 4.93
CA HIS A 83 8.58 -10.86 4.59
C HIS A 83 8.67 -10.71 3.07
N ASN A 84 7.85 -11.43 2.35
CA ASN A 84 7.88 -11.33 0.87
C ASN A 84 6.86 -10.29 0.41
N VAL A 85 5.80 -10.10 1.14
CA VAL A 85 4.79 -9.10 0.74
C VAL A 85 5.15 -7.75 1.34
N HIS A 86 5.41 -7.71 2.61
CA HIS A 86 5.77 -6.42 3.26
C HIS A 86 6.94 -5.79 2.49
N GLU A 87 7.69 -6.59 1.78
CA GLU A 87 8.84 -6.05 1.00
C GLU A 87 8.32 -5.43 -0.29
N ASN A 88 7.15 -5.83 -0.73
CA ASN A 88 6.59 -5.26 -1.99
C ASN A 88 6.23 -3.78 -1.75
N ILE A 89 5.42 -3.53 -0.76
CA ILE A 89 5.03 -2.12 -0.47
C ILE A 89 6.23 -1.21 -0.65
N LYS A 90 7.33 -1.54 -0.04
CA LYS A 90 8.55 -0.69 -0.17
C LYS A 90 8.72 -0.23 -1.63
N GLU A 91 8.94 -1.16 -2.52
CA GLU A 91 9.13 -0.78 -3.94
C GLU A 91 7.81 -0.31 -4.55
N ILE A 92 6.75 -1.04 -4.34
CA ILE A 92 5.43 -0.64 -4.90
C ILE A 92 5.09 0.78 -4.46
N PHE A 93 4.93 0.99 -3.19
CA PHE A 93 4.59 2.34 -2.68
C PHE A 93 5.47 3.39 -3.35
N HIS A 94 6.76 3.28 -3.22
CA HIS A 94 7.65 4.28 -3.86
C HIS A 94 7.47 4.24 -5.37
N HIS A 95 6.70 3.32 -5.86
CA HIS A 95 6.49 3.25 -7.34
C HIS A 95 5.46 4.30 -7.74
N LEU A 96 4.41 4.44 -6.97
CA LEU A 96 3.38 5.46 -7.31
C LEU A 96 4.07 6.82 -7.43
N GLU A 97 4.74 7.25 -6.39
CA GLU A 97 5.43 8.56 -6.46
C GLU A 97 6.27 8.61 -7.73
N GLU A 98 6.40 7.51 -8.41
CA GLU A 98 7.21 7.50 -9.66
C GLU A 98 6.31 7.91 -10.83
N LEU A 99 5.05 7.56 -10.78
CA LEU A 99 4.12 7.95 -11.88
C LEU A 99 3.80 9.43 -11.74
N VAL A 100 4.23 10.05 -10.67
CA VAL A 100 3.94 11.50 -10.47
C VAL A 100 5.26 12.25 -10.29
N HIS A 101 6.23 11.63 -9.69
CA HIS A 101 7.55 12.31 -9.48
C HIS A 101 8.06 12.85 -10.82
N ARG A 102 7.61 12.29 -11.91
CA ARG A 102 8.07 12.77 -13.25
C ARG A 102 7.60 14.21 -13.46
N MET A 1 -7.04 7.21 -20.27
CA MET A 1 -5.92 7.56 -19.34
C MET A 1 -4.85 6.48 -19.40
N TYR A 2 -3.63 6.82 -19.12
CA TYR A 2 -2.54 5.81 -19.15
C TYR A 2 -3.07 4.48 -18.62
N GLY A 3 -3.33 4.39 -17.35
CA GLY A 3 -3.86 3.13 -16.77
C GLY A 3 -2.77 2.45 -15.93
N LYS A 4 -1.62 3.06 -15.82
CA LYS A 4 -0.53 2.44 -15.01
C LYS A 4 -1.00 2.30 -13.56
N LEU A 5 -1.60 3.33 -13.02
CA LEU A 5 -2.07 3.23 -11.61
C LEU A 5 -2.64 1.84 -11.37
N ASN A 6 -3.64 1.45 -12.10
CA ASN A 6 -4.21 0.09 -11.90
C ASN A 6 -3.05 -0.87 -11.65
N ASP A 7 -1.93 -0.65 -12.31
CA ASP A 7 -0.76 -1.53 -12.08
C ASP A 7 -0.25 -1.30 -10.66
N LEU A 8 -0.27 -0.07 -10.22
CA LEU A 8 0.18 0.24 -8.84
C LEU A 8 -0.95 -0.10 -7.88
N LEU A 9 -2.13 0.41 -8.15
CA LEU A 9 -3.30 0.15 -7.28
C LEU A 9 -3.58 -1.35 -7.19
N GLU A 10 -3.79 -2.00 -8.31
CA GLU A 10 -4.08 -3.46 -8.29
C GLU A 10 -2.90 -4.20 -7.63
N ASP A 11 -1.72 -4.03 -8.15
CA ASP A 11 -0.55 -4.74 -7.57
C ASP A 11 -0.43 -4.36 -6.09
N LEU A 12 -1.02 -3.26 -5.70
CA LEU A 12 -0.94 -2.83 -4.28
C LEU A 12 -1.99 -3.59 -3.45
N GLN A 13 -3.24 -3.37 -3.73
CA GLN A 13 -4.31 -4.07 -2.96
C GLN A 13 -4.00 -5.57 -2.91
N GLU A 14 -3.38 -6.10 -3.92
CA GLU A 14 -3.05 -7.55 -3.91
C GLU A 14 -2.13 -7.85 -2.74
N VAL A 15 -0.96 -7.25 -2.72
CA VAL A 15 -0.02 -7.50 -1.60
C VAL A 15 -0.82 -7.43 -0.29
N LEU A 16 -1.81 -6.58 -0.24
CA LEU A 16 -2.64 -6.47 0.99
C LEU A 16 -3.46 -7.74 1.14
N LYS A 17 -3.80 -8.38 0.06
CA LYS A 17 -4.61 -9.63 0.15
C LYS A 17 -3.73 -10.73 0.75
N HIS A 18 -2.64 -11.06 0.11
CA HIS A 18 -1.75 -12.12 0.63
C HIS A 18 -1.20 -11.69 2.00
N VAL A 19 -1.60 -10.54 2.47
CA VAL A 19 -1.09 -10.07 3.79
C VAL A 19 -2.13 -10.41 4.87
N ASN A 20 -3.37 -10.04 4.65
CA ASN A 20 -4.42 -10.33 5.66
C ASN A 20 -4.51 -11.84 5.87
N GLN A 21 -3.88 -12.61 5.02
CA GLN A 21 -3.93 -14.10 5.17
C GLN A 21 -2.71 -14.57 5.96
N HIS A 22 -1.66 -13.81 5.97
CA HIS A 22 -0.44 -14.22 6.72
C HIS A 22 -0.08 -13.14 7.74
N TRP A 23 -1.06 -12.50 8.32
CA TRP A 23 -0.76 -11.44 9.31
C TRP A 23 -0.31 -12.09 10.63
N GLN A 24 0.63 -11.48 11.30
CA GLN A 24 1.11 -12.07 12.58
C GLN A 24 1.61 -10.95 13.50
N GLY A 25 1.04 -10.81 14.66
CA GLY A 25 1.49 -9.74 15.59
C GLY A 25 0.29 -8.89 16.01
N GLY A 26 -0.73 -9.50 16.54
CA GLY A 26 -1.93 -8.72 16.96
C GLY A 26 -2.96 -8.71 15.83
N GLN A 27 -3.84 -9.68 15.81
CA GLN A 27 -4.87 -9.73 14.73
C GLN A 27 -5.70 -8.45 14.76
N LYS A 28 -5.36 -7.52 15.60
CA LYS A 28 -6.15 -6.26 15.67
C LYS A 28 -5.63 -5.29 14.61
N ASN A 29 -4.37 -5.39 14.26
CA ASN A 29 -3.81 -4.48 13.24
C ASN A 29 -4.48 -4.74 11.89
N MET A 30 -4.83 -5.97 11.63
CA MET A 30 -5.50 -6.29 10.34
C MET A 30 -6.75 -5.43 10.19
N ASN A 31 -7.20 -4.83 11.25
CA ASN A 31 -8.41 -3.97 11.18
C ASN A 31 -8.00 -2.51 11.07
N LYS A 32 -6.89 -2.15 11.67
CA LYS A 32 -6.43 -0.73 11.62
C LYS A 32 -5.60 -0.52 10.35
N VAL A 33 -4.94 -1.54 9.89
CA VAL A 33 -4.11 -1.40 8.66
C VAL A 33 -5.02 -1.46 7.42
N ASP A 34 -6.03 -2.28 7.46
CA ASP A 34 -6.95 -2.38 6.29
C ASP A 34 -7.53 -1.00 5.98
N HIS A 35 -7.77 -0.20 6.98
CA HIS A 35 -8.34 1.15 6.74
C HIS A 35 -7.23 2.08 6.23
N HIS A 36 -6.01 1.85 6.64
CA HIS A 36 -4.90 2.72 6.19
C HIS A 36 -4.74 2.58 4.67
N LEU A 37 -4.65 1.38 4.17
CA LEU A 37 -4.49 1.20 2.71
C LEU A 37 -5.80 1.59 2.00
N GLN A 38 -6.91 1.07 2.45
CA GLN A 38 -8.20 1.43 1.80
C GLN A 38 -8.17 2.91 1.40
N ASN A 39 -8.01 3.79 2.35
CA ASN A 39 -7.95 5.24 2.02
C ASN A 39 -6.90 5.45 0.95
N VAL A 40 -5.85 4.65 0.96
CA VAL A 40 -4.79 4.80 -0.06
C VAL A 40 -5.25 4.15 -1.36
N ILE A 41 -5.36 2.84 -1.37
CA ILE A 41 -5.82 2.15 -2.61
C ILE A 41 -6.90 3.00 -3.29
N GLU A 42 -7.61 3.78 -2.53
CA GLU A 42 -8.67 4.64 -3.12
C GLU A 42 -8.04 5.93 -3.65
N ASP A 43 -7.06 6.45 -2.96
CA ASP A 43 -6.40 7.69 -3.43
C ASP A 43 -5.69 7.42 -4.75
N ILE A 44 -5.38 6.18 -5.02
CA ILE A 44 -4.70 5.82 -6.29
C ILE A 44 -5.73 5.78 -7.41
N HIS A 45 -6.82 5.08 -7.20
CA HIS A 45 -7.86 5.02 -8.25
C HIS A 45 -8.26 6.44 -8.62
N ASP A 46 -8.09 7.36 -7.71
CA ASP A 46 -8.45 8.78 -8.00
C ASP A 46 -7.26 9.47 -8.67
N PHE A 47 -6.15 8.79 -8.80
CA PHE A 47 -4.96 9.40 -9.43
C PHE A 47 -5.11 9.32 -10.95
N MET A 48 -5.88 8.38 -11.43
CA MET A 48 -6.07 8.27 -12.91
C MET A 48 -7.01 9.38 -13.39
N GLN A 49 -8.03 9.69 -12.63
CA GLN A 49 -8.96 10.76 -13.05
C GLN A 49 -8.32 12.12 -12.77
N GLY A 50 -7.64 12.23 -11.65
CA GLY A 50 -6.99 13.54 -11.33
C GLY A 50 -6.11 13.96 -12.50
N GLY A 51 -6.03 13.13 -13.51
CA GLY A 51 -5.19 13.48 -14.69
C GLY A 51 -3.72 13.52 -14.28
N GLY A 52 -3.44 13.79 -13.04
CA GLY A 52 -2.02 13.85 -12.59
C GLY A 52 -1.94 14.71 -11.34
N SER A 53 -2.84 14.50 -10.41
CA SER A 53 -2.84 15.30 -9.17
C SER A 53 -1.78 14.77 -8.20
N GLY A 54 -0.52 14.91 -8.54
CA GLY A 54 0.54 14.42 -7.63
C GLY A 54 0.29 14.96 -6.22
N GLY A 55 -0.62 15.88 -6.09
CA GLY A 55 -0.93 16.45 -4.74
C GLY A 55 -1.85 15.48 -4.00
N LYS A 56 -2.63 14.72 -4.72
CA LYS A 56 -3.54 13.76 -4.06
C LYS A 56 -2.74 12.54 -3.62
N LEU A 57 -1.55 12.38 -4.12
CA LEU A 57 -0.73 11.21 -3.73
C LEU A 57 0.04 11.54 -2.45
N GLN A 58 0.83 12.57 -2.48
CA GLN A 58 1.60 12.94 -1.26
C GLN A 58 0.66 12.88 -0.06
N GLU A 59 -0.62 12.83 -0.31
CA GLU A 59 -1.60 12.75 0.80
C GLU A 59 -1.59 11.32 1.36
N MET A 60 -1.83 10.35 0.53
CA MET A 60 -1.80 8.95 1.01
C MET A 60 -0.37 8.59 1.38
N MET A 61 0.59 9.29 0.82
CA MET A 61 2.00 8.98 1.13
C MET A 61 2.14 8.78 2.64
N LYS A 62 1.50 9.60 3.43
CA LYS A 62 1.59 9.44 4.90
C LYS A 62 1.02 8.07 5.30
N GLU A 63 -0.18 7.78 4.88
CA GLU A 63 -0.78 6.46 5.22
C GLU A 63 0.03 5.35 4.55
N PHE A 64 0.43 5.56 3.33
CA PHE A 64 1.24 4.53 2.61
C PHE A 64 2.48 4.20 3.45
N GLN A 65 3.19 5.20 3.88
CA GLN A 65 4.43 4.96 4.69
C GLN A 65 4.06 4.55 6.12
N GLN A 66 2.81 4.66 6.48
CA GLN A 66 2.41 4.28 7.86
C GLN A 66 2.11 2.78 7.90
N VAL A 67 1.74 2.22 6.79
CA VAL A 67 1.43 0.76 6.76
C VAL A 67 2.74 -0.03 6.74
N LEU A 68 3.51 0.13 5.71
CA LEU A 68 4.79 -0.63 5.63
C LEU A 68 5.50 -0.57 6.99
N ASP A 69 5.30 0.49 7.72
CA ASP A 69 5.95 0.60 9.06
C ASP A 69 5.12 -0.17 10.09
N GLU A 70 3.86 -0.35 9.83
CA GLU A 70 2.99 -1.10 10.80
C GLU A 70 3.17 -2.59 10.57
N ILE A 71 3.23 -3.01 9.34
CA ILE A 71 3.41 -4.46 9.04
C ILE A 71 4.85 -4.86 9.34
N LYS A 72 5.80 -4.07 8.90
CA LYS A 72 7.22 -4.42 9.18
C LYS A 72 7.34 -4.96 10.60
N GLN A 73 6.73 -4.31 11.55
CA GLN A 73 6.79 -4.80 12.95
C GLN A 73 6.21 -6.22 13.01
N GLN A 74 5.12 -6.44 12.32
CA GLN A 74 4.51 -7.79 12.32
C GLN A 74 5.58 -8.85 12.05
N LEU A 75 6.38 -8.64 11.03
CA LEU A 75 7.45 -9.64 10.72
C LEU A 75 8.04 -10.16 12.03
N GLN A 76 7.90 -9.44 13.11
CA GLN A 76 8.45 -9.90 14.41
C GLN A 76 7.68 -11.13 14.88
N GLY A 77 7.22 -11.94 13.96
CA GLY A 77 6.46 -13.16 14.37
C GLY A 77 6.49 -14.18 13.23
N GLY A 78 5.57 -15.10 13.22
CA GLY A 78 5.55 -16.13 12.14
C GLY A 78 4.96 -15.51 10.88
N ASP A 79 5.40 -14.34 10.50
CA ASP A 79 4.86 -13.70 9.28
C ASP A 79 5.89 -13.79 8.15
N ASN A 80 6.69 -14.82 8.14
CA ASN A 80 7.71 -14.97 7.08
C ASN A 80 7.04 -14.83 5.71
N SER A 81 5.74 -14.76 5.68
CA SER A 81 5.04 -14.59 4.38
C SER A 81 5.03 -13.11 4.04
N LEU A 82 4.72 -12.29 5.00
CA LEU A 82 4.71 -10.82 4.74
C LEU A 82 6.11 -10.41 4.27
N HIS A 83 7.12 -11.01 4.85
CA HIS A 83 8.51 -10.69 4.43
C HIS A 83 8.54 -10.65 2.90
N ASN A 84 7.66 -11.39 2.27
CA ASN A 84 7.63 -11.39 0.79
C ASN A 84 6.59 -10.38 0.30
N VAL A 85 5.52 -10.21 1.05
CA VAL A 85 4.47 -9.24 0.62
C VAL A 85 4.82 -7.85 1.17
N HIS A 86 5.13 -7.76 2.44
CA HIS A 86 5.48 -6.44 3.02
C HIS A 86 6.62 -5.82 2.20
N GLU A 87 7.50 -6.64 1.68
CA GLU A 87 8.62 -6.10 0.87
C GLU A 87 8.08 -5.49 -0.42
N ASN A 88 6.84 -5.75 -0.74
CA ASN A 88 6.25 -5.19 -1.98
C ASN A 88 5.96 -3.70 -1.77
N ILE A 89 5.04 -3.38 -0.89
CA ILE A 89 4.70 -1.95 -0.65
C ILE A 89 5.97 -1.10 -0.76
N LYS A 90 7.00 -1.44 -0.03
CA LYS A 90 8.26 -0.64 -0.09
C LYS A 90 8.56 -0.29 -1.55
N GLU A 91 8.56 -1.26 -2.42
CA GLU A 91 8.84 -0.97 -3.85
C GLU A 91 7.56 -0.52 -4.55
N ILE A 92 6.45 -1.14 -4.22
CA ILE A 92 5.15 -0.76 -4.85
C ILE A 92 4.79 0.67 -4.44
N PHE A 93 4.71 0.93 -3.17
CA PHE A 93 4.34 2.30 -2.71
C PHE A 93 5.28 3.33 -3.32
N HIS A 94 6.56 3.09 -3.27
CA HIS A 94 7.53 4.07 -3.85
C HIS A 94 7.38 4.10 -5.37
N HIS A 95 6.63 3.18 -5.92
CA HIS A 95 6.46 3.16 -7.40
C HIS A 95 5.40 4.21 -7.79
N LEU A 96 4.52 4.55 -6.88
CA LEU A 96 3.48 5.56 -7.21
C LEU A 96 4.13 6.95 -7.20
N GLU A 97 4.74 7.33 -6.11
CA GLU A 97 5.40 8.66 -6.07
C GLU A 97 6.29 8.80 -7.30
N GLU A 98 6.41 7.74 -8.07
CA GLU A 98 7.25 7.80 -9.30
C GLU A 98 6.38 8.31 -10.44
N LEU A 99 5.14 7.89 -10.51
CA LEU A 99 4.24 8.37 -11.59
C LEU A 99 4.07 9.89 -11.44
N VAL A 100 4.45 10.42 -10.31
CA VAL A 100 4.31 11.89 -10.08
C VAL A 100 5.68 12.55 -10.15
N HIS A 101 6.70 11.88 -9.65
CA HIS A 101 8.05 12.48 -9.68
C HIS A 101 8.37 12.98 -11.09
N ARG A 102 7.82 12.33 -12.09
CA ARG A 102 8.08 12.76 -13.49
C ARG A 102 7.60 14.19 -13.69
N MET A 1 -6.81 9.48 -18.45
CA MET A 1 -6.80 8.21 -17.66
C MET A 1 -5.90 7.18 -18.36
N TYR A 2 -4.64 7.17 -18.04
CA TYR A 2 -3.72 6.19 -18.69
C TYR A 2 -4.08 4.78 -18.23
N GLY A 3 -3.69 4.42 -17.05
CA GLY A 3 -4.02 3.04 -16.55
C GLY A 3 -2.88 2.53 -15.68
N LYS A 4 -1.67 2.95 -15.93
CA LYS A 4 -0.52 2.48 -15.11
C LYS A 4 -0.96 2.30 -13.67
N LEU A 5 -1.55 3.30 -13.07
CA LEU A 5 -2.00 3.18 -11.66
C LEU A 5 -2.53 1.76 -11.44
N ASN A 6 -3.50 1.35 -12.23
CA ASN A 6 -4.03 -0.03 -12.08
C ASN A 6 -2.85 -0.97 -11.79
N ASP A 7 -1.74 -0.76 -12.45
CA ASP A 7 -0.56 -1.62 -12.20
C ASP A 7 -0.11 -1.40 -10.76
N LEU A 8 -0.19 -0.18 -10.30
CA LEU A 8 0.21 0.12 -8.89
C LEU A 8 -0.95 -0.23 -7.97
N LEU A 9 -2.11 0.32 -8.24
CA LEU A 9 -3.29 0.03 -7.40
C LEU A 9 -3.53 -1.48 -7.33
N GLU A 10 -3.64 -2.12 -8.46
CA GLU A 10 -3.87 -3.59 -8.46
C GLU A 10 -2.71 -4.31 -7.77
N ASP A 11 -1.51 -4.11 -8.23
CA ASP A 11 -0.35 -4.78 -7.59
C ASP A 11 -0.32 -4.44 -6.10
N LEU A 12 -0.89 -3.33 -5.73
CA LEU A 12 -0.90 -2.94 -4.30
C LEU A 12 -2.01 -3.69 -3.57
N GLN A 13 -3.25 -3.39 -3.86
CA GLN A 13 -4.36 -4.10 -3.19
C GLN A 13 -4.08 -5.59 -3.19
N GLU A 14 -3.11 -6.02 -3.95
CA GLU A 14 -2.78 -7.47 -3.98
C GLU A 14 -1.91 -7.79 -2.76
N VAL A 15 -0.75 -7.20 -2.68
CA VAL A 15 0.12 -7.46 -1.49
C VAL A 15 -0.73 -7.31 -0.23
N LEU A 16 -1.74 -6.47 -0.30
CA LEU A 16 -2.62 -6.26 0.88
C LEU A 16 -3.54 -7.47 1.02
N LYS A 17 -3.89 -8.10 -0.07
CA LYS A 17 -4.79 -9.29 0.01
C LYS A 17 -3.99 -10.49 0.52
N HIS A 18 -2.89 -10.80 -0.11
CA HIS A 18 -2.07 -11.96 0.34
C HIS A 18 -1.49 -11.66 1.73
N VAL A 19 -1.73 -10.48 2.24
CA VAL A 19 -1.19 -10.11 3.58
C VAL A 19 -2.27 -10.32 4.64
N ASN A 20 -3.52 -10.32 4.24
CA ASN A 20 -4.61 -10.52 5.23
C ASN A 20 -4.62 -11.97 5.71
N GLN A 21 -4.36 -12.89 4.83
CA GLN A 21 -4.36 -14.33 5.25
C GLN A 21 -2.99 -14.71 5.81
N HIS A 22 -2.03 -13.82 5.71
CA HIS A 22 -0.68 -14.14 6.23
C HIS A 22 -0.32 -13.14 7.34
N TRP A 23 -1.29 -12.45 7.87
CA TRP A 23 -1.00 -11.48 8.94
C TRP A 23 -0.77 -12.22 10.26
N GLN A 24 0.07 -11.70 11.09
CA GLN A 24 0.34 -12.37 12.40
C GLN A 24 0.76 -11.32 13.43
N GLY A 25 1.32 -11.75 14.53
CA GLY A 25 1.75 -10.78 15.57
C GLY A 25 0.52 -10.15 16.23
N GLY A 26 -0.45 -9.74 15.45
CA GLY A 26 -1.67 -9.12 16.03
C GLY A 26 -2.75 -9.00 14.95
N GLN A 27 -3.65 -9.94 14.89
CA GLN A 27 -4.73 -9.87 13.86
C GLN A 27 -5.61 -8.64 14.11
N LYS A 28 -5.37 -7.93 15.19
CA LYS A 28 -6.19 -6.72 15.49
C LYS A 28 -5.68 -5.56 14.64
N ASN A 29 -4.53 -5.73 14.02
CA ASN A 29 -3.98 -4.64 13.17
C ASN A 29 -4.56 -4.74 11.77
N MET A 30 -4.89 -5.93 11.35
CA MET A 30 -5.47 -6.11 9.98
C MET A 30 -6.65 -5.17 9.80
N ASN A 31 -7.50 -5.06 10.78
CA ASN A 31 -8.67 -4.14 10.67
C ASN A 31 -8.20 -2.70 10.73
N LYS A 32 -7.25 -2.41 11.58
CA LYS A 32 -6.74 -1.01 11.68
C LYS A 32 -5.97 -0.64 10.42
N VAL A 33 -4.99 -1.43 10.05
CA VAL A 33 -4.20 -1.12 8.82
C VAL A 33 -5.12 -1.20 7.60
N ASP A 34 -6.07 -2.10 7.61
CA ASP A 34 -6.98 -2.24 6.45
C ASP A 34 -7.62 -0.88 6.15
N HIS A 35 -7.99 -0.15 7.17
CA HIS A 35 -8.61 1.18 6.95
C HIS A 35 -7.54 2.17 6.46
N HIS A 36 -6.30 1.91 6.77
CA HIS A 36 -5.21 2.81 6.33
C HIS A 36 -4.98 2.62 4.83
N LEU A 37 -4.81 1.41 4.38
CA LEU A 37 -4.58 1.18 2.93
C LEU A 37 -5.87 1.50 2.17
N GLN A 38 -6.98 0.96 2.61
CA GLN A 38 -8.26 1.24 1.90
C GLN A 38 -8.32 2.72 1.54
N ASN A 39 -7.70 3.56 2.32
CA ASN A 39 -7.72 5.02 2.03
C ASN A 39 -6.69 5.31 0.93
N VAL A 40 -5.63 4.55 0.87
CA VAL A 40 -4.60 4.78 -0.17
C VAL A 40 -5.06 4.16 -1.49
N ILE A 41 -5.18 2.86 -1.54
CA ILE A 41 -5.64 2.21 -2.79
C ILE A 41 -6.72 3.08 -3.45
N GLU A 42 -7.49 3.77 -2.66
CA GLU A 42 -8.55 4.65 -3.22
C GLU A 42 -7.90 5.92 -3.78
N ASP A 43 -6.90 6.42 -3.12
CA ASP A 43 -6.22 7.64 -3.61
C ASP A 43 -5.45 7.31 -4.89
N ILE A 44 -5.15 6.07 -5.11
CA ILE A 44 -4.41 5.68 -6.34
C ILE A 44 -5.41 5.62 -7.51
N HIS A 45 -6.48 4.89 -7.35
CA HIS A 45 -7.47 4.81 -8.45
C HIS A 45 -7.89 6.23 -8.85
N ASP A 46 -7.84 7.13 -7.91
CA ASP A 46 -8.23 8.54 -8.22
C ASP A 46 -7.02 9.30 -8.78
N PHE A 47 -5.90 8.63 -8.91
CA PHE A 47 -4.70 9.33 -9.45
C PHE A 47 -4.74 9.29 -10.98
N MET A 48 -5.25 8.23 -11.55
CA MET A 48 -5.33 8.16 -13.04
C MET A 48 -6.37 9.16 -13.54
N GLN A 49 -7.54 9.14 -12.97
CA GLN A 49 -8.61 10.08 -13.41
C GLN A 49 -8.44 11.42 -12.69
N GLY A 50 -7.88 11.39 -11.50
CA GLY A 50 -7.70 12.66 -10.75
C GLY A 50 -7.12 13.73 -11.68
N GLY A 51 -6.75 13.34 -12.87
CA GLY A 51 -6.18 14.33 -13.84
C GLY A 51 -4.66 14.37 -13.69
N GLY A 52 -4.17 14.49 -12.48
CA GLY A 52 -2.70 14.54 -12.28
C GLY A 52 -2.38 15.41 -11.07
N SER A 53 -3.12 15.24 -10.00
CA SER A 53 -2.87 16.06 -8.79
C SER A 53 -1.69 15.47 -8.01
N GLY A 54 -0.51 15.53 -8.56
CA GLY A 54 0.67 14.98 -7.84
C GLY A 54 0.65 15.45 -6.39
N GLY A 55 -0.22 16.37 -6.07
CA GLY A 55 -0.30 16.87 -4.66
C GLY A 55 -1.23 15.98 -3.85
N LYS A 56 -2.19 15.38 -4.48
CA LYS A 56 -3.14 14.49 -3.75
C LYS A 56 -2.42 13.20 -3.37
N LEU A 57 -1.49 12.76 -4.18
CA LEU A 57 -0.74 11.51 -3.86
C LEU A 57 0.03 11.70 -2.56
N GLN A 58 0.93 12.66 -2.52
CA GLN A 58 1.71 12.88 -1.29
C GLN A 58 0.76 12.89 -0.08
N GLU A 59 -0.52 12.88 -0.34
CA GLU A 59 -1.51 12.87 0.78
C GLU A 59 -1.63 11.44 1.31
N MET A 60 -2.02 10.51 0.48
CA MET A 60 -2.15 9.11 0.95
C MET A 60 -0.76 8.61 1.31
N MET A 61 0.26 9.23 0.77
CA MET A 61 1.66 8.81 1.08
C MET A 61 1.78 8.65 2.60
N LYS A 62 1.48 9.68 3.34
CA LYS A 62 1.57 9.58 4.82
C LYS A 62 0.86 8.31 5.27
N GLU A 63 -0.31 8.06 4.75
CA GLU A 63 -1.05 6.82 5.13
C GLU A 63 -0.32 5.61 4.53
N PHE A 64 0.32 5.79 3.41
CA PHE A 64 1.06 4.65 2.79
C PHE A 64 2.27 4.33 3.67
N GLN A 65 3.16 5.27 3.84
CA GLN A 65 4.36 5.04 4.70
C GLN A 65 3.91 4.72 6.13
N GLN A 66 2.64 4.81 6.40
CA GLN A 66 2.16 4.51 7.78
C GLN A 66 1.96 3.00 7.89
N VAL A 67 1.61 2.38 6.81
CA VAL A 67 1.40 0.91 6.82
C VAL A 67 2.74 0.23 6.58
N LEU A 68 3.48 0.69 5.61
CA LEU A 68 4.81 0.08 5.31
C LEU A 68 5.55 -0.18 6.62
N ASP A 69 5.57 0.76 7.52
CA ASP A 69 6.29 0.58 8.80
C ASP A 69 5.41 -0.21 9.78
N GLU A 70 4.13 -0.17 9.60
CA GLU A 70 3.23 -0.90 10.54
C GLU A 70 3.42 -2.41 10.35
N ILE A 71 3.31 -2.89 9.13
CA ILE A 71 3.49 -4.35 8.90
C ILE A 71 4.93 -4.74 9.21
N LYS A 72 5.88 -3.98 8.72
CA LYS A 72 7.31 -4.31 9.01
C LYS A 72 7.43 -4.69 10.48
N GLN A 73 6.66 -4.07 11.33
CA GLN A 73 6.73 -4.39 12.77
C GLN A 73 6.12 -5.78 13.00
N GLN A 74 5.11 -6.12 12.25
CA GLN A 74 4.48 -7.46 12.41
C GLN A 74 5.54 -8.54 12.20
N LEU A 75 6.56 -8.25 11.43
CA LEU A 75 7.63 -9.26 11.19
C LEU A 75 8.36 -9.55 12.50
N GLN A 76 7.74 -9.28 13.61
CA GLN A 76 8.41 -9.55 14.92
C GLN A 76 8.66 -11.06 15.06
N GLY A 77 8.12 -11.84 14.17
CA GLY A 77 8.34 -13.32 14.26
C GLY A 77 7.00 -14.03 14.06
N GLY A 78 6.83 -14.70 12.96
CA GLY A 78 5.54 -15.43 12.71
C GLY A 78 5.06 -15.13 11.29
N ASP A 79 4.74 -13.90 11.01
CA ASP A 79 4.24 -13.56 9.64
C ASP A 79 5.41 -13.65 8.65
N ASN A 80 6.22 -14.67 8.74
CA ASN A 80 7.36 -14.81 7.80
C ASN A 80 6.84 -14.70 6.37
N SER A 81 5.55 -14.64 6.19
CA SER A 81 4.99 -14.51 4.83
C SER A 81 5.06 -13.04 4.43
N LEU A 82 4.81 -12.17 5.37
CA LEU A 82 4.89 -10.72 5.07
C LEU A 82 6.32 -10.39 4.67
N HIS A 83 7.27 -10.98 5.35
CA HIS A 83 8.69 -10.75 5.00
C HIS A 83 8.82 -10.81 3.48
N ASN A 84 7.91 -11.49 2.84
CA ASN A 84 7.95 -11.59 1.35
C ASN A 84 6.97 -10.61 0.74
N VAL A 85 5.84 -10.41 1.39
CA VAL A 85 4.83 -9.46 0.85
C VAL A 85 5.13 -8.05 1.37
N HIS A 86 5.40 -7.92 2.64
CA HIS A 86 5.71 -6.59 3.21
C HIS A 86 6.80 -5.92 2.37
N GLU A 87 7.60 -6.70 1.69
CA GLU A 87 8.67 -6.12 0.85
C GLU A 87 8.05 -5.51 -0.41
N ASN A 88 6.83 -5.88 -0.70
CA ASN A 88 6.16 -5.32 -1.91
C ASN A 88 5.85 -3.84 -1.68
N ILE A 89 5.05 -3.53 -0.70
CA ILE A 89 4.72 -2.11 -0.43
C ILE A 89 5.95 -1.25 -0.69
N LYS A 90 7.03 -1.53 -0.02
CA LYS A 90 8.26 -0.70 -0.22
C LYS A 90 8.43 -0.40 -1.71
N GLU A 91 8.48 -1.41 -2.53
CA GLU A 91 8.65 -1.16 -4.00
C GLU A 91 7.33 -0.64 -4.58
N ILE A 92 6.24 -1.24 -4.20
CA ILE A 92 4.92 -0.80 -4.72
C ILE A 92 4.65 0.64 -4.26
N PHE A 93 4.61 0.85 -2.97
CA PHE A 93 4.34 2.21 -2.45
C PHE A 93 5.32 3.22 -3.05
N HIS A 94 6.53 2.82 -3.28
CA HIS A 94 7.52 3.76 -3.87
C HIS A 94 7.39 3.73 -5.39
N HIS A 95 6.52 2.91 -5.90
CA HIS A 95 6.34 2.85 -7.38
C HIS A 95 5.32 3.90 -7.80
N LEU A 96 4.47 4.31 -6.90
CA LEU A 96 3.47 5.35 -7.25
C LEU A 96 4.19 6.69 -7.30
N GLU A 97 4.82 7.09 -6.23
CA GLU A 97 5.55 8.38 -6.23
C GLU A 97 6.46 8.42 -7.45
N GLU A 98 6.53 7.35 -8.19
CA GLU A 98 7.38 7.32 -9.40
C GLU A 98 6.58 7.81 -10.60
N LEU A 99 5.32 7.46 -10.68
CA LEU A 99 4.50 7.93 -11.83
C LEU A 99 4.43 9.45 -11.78
N VAL A 100 4.66 10.01 -10.62
CA VAL A 100 4.62 11.48 -10.46
C VAL A 100 6.05 12.02 -10.50
N HIS A 101 6.99 11.22 -10.09
CA HIS A 101 8.40 11.67 -10.09
C HIS A 101 8.77 12.19 -11.48
N ARG A 102 7.93 11.98 -12.44
CA ARG A 102 8.23 12.44 -13.82
C ARG A 102 6.99 13.11 -14.42
#